data_6FES
#
_entry.id   6FES
#
_cell.length_a   52.990
_cell.length_b   63.000
_cell.length_c   133.540
_cell.angle_alpha   97.99
_cell.angle_beta   91.92
_cell.angle_gamma   110.81
#
_symmetry.space_group_name_H-M   'P 1'
#
loop_
_entity.id
_entity.type
_entity.pdbx_description
1 polymer 'D12_BRIC2, a synthetic protein,D12_BRIC2, a synthetic protein'
2 non-polymer 'SULFATE ION'
3 non-polymer 1,2-ETHANEDIOL
4 water water
#
_entity_poly.entity_id   1
_entity_poly.type   'polypeptide(L)'
_entity_poly.pdbx_seq_one_letter_code
;GPGSDLGKKLLEAARAGQDDEVRILLANGADVNTADETGFTPLHLAAWEGHLGIVEVLLKNGADVNANDERGHTPLHLAA
YTGHLEIVEVLLKNGAGVNATDVIGTAPLHLAAMWGHEEIVEVLLKNGADARAQDKFGKTPEDLARDNGYESVARLARKE
IIRAVVDELKELIQNVNDDIKEVEKNPEDMEYWNKIYRLVHTMKEITETMGFSPVALVLEAIMMLVKLMLNSEIKITSDL
IDAVKKMLDMVTRLLDLMVDPNLNEEQYIKMVVDALKILIEAVNVLIKMVEKNPEDMEFWNLIYRLVHVMKEVTETMGFS
SVAKVLHTIMNLVDKMLNSEIKITSDLIDKVKKKLDMVTRELDKMVS
;
_entity_poly.pdbx_strand_id   A,B,C,D
#
# COMPACT_ATOMS: atom_id res chain seq x y z
N GLY A 3 10.31 9.95 -17.19
CA GLY A 3 9.38 9.94 -18.31
C GLY A 3 9.43 8.64 -19.08
N SER A 4 9.71 8.73 -20.38
CA SER A 4 9.77 7.53 -21.21
C SER A 4 10.89 6.60 -20.80
N ASP A 5 11.90 7.09 -20.07
CA ASP A 5 13.03 6.26 -19.68
C ASP A 5 12.58 5.10 -18.79
N LEU A 6 12.03 5.43 -17.62
CA LEU A 6 11.58 4.39 -16.70
C LEU A 6 10.41 3.61 -17.26
N GLY A 7 9.55 4.26 -18.05
CA GLY A 7 8.44 3.54 -18.64
C GLY A 7 8.89 2.45 -19.60
N LYS A 8 9.87 2.79 -20.46
CA LYS A 8 10.39 1.80 -21.41
C LYS A 8 11.14 0.69 -20.68
N LYS A 9 12.00 1.05 -19.72
CA LYS A 9 12.69 -0.01 -19.00
C LYS A 9 11.71 -0.90 -18.22
N LEU A 10 10.63 -0.33 -17.68
CA LEU A 10 9.64 -1.15 -16.97
C LEU A 10 8.91 -2.07 -17.94
N LEU A 11 8.51 -1.56 -19.10
CA LEU A 11 7.90 -2.41 -20.11
C LEU A 11 8.82 -3.58 -20.45
N GLU A 12 10.10 -3.28 -20.72
CA GLU A 12 11.02 -4.34 -21.12
C GLU A 12 11.29 -5.32 -20.00
N ALA A 13 11.31 -4.86 -18.75
CA ALA A 13 11.54 -5.77 -17.63
C ALA A 13 10.32 -6.67 -17.41
N ALA A 14 9.13 -6.11 -17.47
CA ALA A 14 7.92 -6.93 -17.37
C ALA A 14 7.86 -7.95 -18.50
N ARG A 15 8.27 -7.56 -19.71
CA ARG A 15 8.25 -8.48 -20.82
C ARG A 15 9.28 -9.59 -20.65
N ALA A 16 10.49 -9.25 -20.21
CA ALA A 16 11.57 -10.22 -20.11
C ALA A 16 11.48 -11.08 -18.86
N GLY A 17 10.67 -10.70 -17.87
CA GLY A 17 10.57 -11.46 -16.65
C GLY A 17 11.57 -11.06 -15.58
N GLN A 18 12.01 -9.81 -15.57
CA GLN A 18 13.02 -9.34 -14.61
C GLN A 18 12.30 -8.88 -13.35
N ASP A 19 12.08 -9.84 -12.43
CA ASP A 19 11.37 -9.53 -11.19
C ASP A 19 12.04 -8.40 -10.43
N ASP A 20 13.34 -8.54 -10.15
CA ASP A 20 14.06 -7.53 -9.38
C ASP A 20 14.08 -6.19 -10.11
N GLU A 21 14.25 -6.22 -11.44
CA GLU A 21 14.28 -4.96 -12.19
C GLU A 21 12.92 -4.27 -12.14
N VAL A 22 11.83 -5.04 -12.22
CA VAL A 22 10.50 -4.45 -12.08
C VAL A 22 10.36 -3.81 -10.71
N ARG A 23 10.78 -4.52 -9.66
CA ARG A 23 10.69 -3.98 -8.31
C ARG A 23 11.48 -2.68 -8.17
N ILE A 24 12.69 -2.65 -8.72
CA ILE A 24 13.53 -1.46 -8.63
C ILE A 24 12.90 -0.30 -9.39
N LEU A 25 12.48 -0.54 -10.62
CA LEU A 25 11.90 0.52 -11.45
C LEU A 25 10.64 1.08 -10.80
N LEU A 26 9.78 0.21 -10.26
CA LEU A 26 8.62 0.69 -9.53
C LEU A 26 9.04 1.50 -8.31
N ALA A 27 10.14 1.10 -7.66
CA ALA A 27 10.62 1.86 -6.50
C ALA A 27 11.06 3.25 -6.88
N ASN A 28 11.63 3.43 -8.08
CA ASN A 28 12.13 4.73 -8.54
C ASN A 28 11.06 5.56 -9.21
N GLY A 29 9.79 5.33 -8.92
CA GLY A 29 8.73 6.19 -9.43
C GLY A 29 8.36 5.93 -10.88
N ALA A 30 8.55 4.72 -11.36
CA ALA A 30 8.16 4.37 -12.71
C ALA A 30 6.64 4.32 -12.82
N ASP A 31 6.12 4.84 -13.94
CA ASP A 31 4.68 4.85 -14.17
C ASP A 31 4.20 3.43 -14.42
N VAL A 32 3.41 2.88 -13.49
CA VAL A 32 2.99 1.49 -13.60
C VAL A 32 2.08 1.30 -14.81
N ASN A 33 1.38 2.35 -15.23
CA ASN A 33 0.42 2.26 -16.31
C ASN A 33 0.96 2.83 -17.62
N THR A 34 2.29 2.91 -17.76
CA THR A 34 2.88 3.33 -19.01
C THR A 34 2.40 2.42 -20.14
N ALA A 35 2.49 2.92 -21.36
CA ALA A 35 1.99 2.21 -22.52
C ALA A 35 3.00 2.27 -23.67
N ASP A 36 2.96 1.26 -24.51
CA ASP A 36 3.80 1.21 -25.71
C ASP A 36 3.05 1.88 -26.87
N GLU A 37 3.49 1.61 -28.10
CA GLU A 37 2.82 2.20 -29.27
C GLU A 37 1.38 1.70 -29.37
N THR A 38 1.17 0.39 -29.22
CA THR A 38 -0.15 -0.20 -29.36
C THR A 38 -0.99 -0.08 -28.09
N GLY A 39 -0.44 0.47 -27.02
CA GLY A 39 -1.21 0.71 -25.81
C GLY A 39 -1.10 -0.38 -24.76
N PHE A 40 -0.11 -1.27 -24.87
CA PHE A 40 0.07 -2.34 -23.89
C PHE A 40 0.75 -1.79 -22.64
N THR A 41 0.08 -1.94 -21.50
CA THR A 41 0.68 -1.62 -20.22
C THR A 41 1.52 -2.81 -19.76
N PRO A 42 2.45 -2.62 -18.81
CA PRO A 42 3.26 -3.76 -18.37
C PRO A 42 2.44 -4.97 -17.95
N LEU A 43 1.20 -4.78 -17.51
CA LEU A 43 0.37 -5.92 -17.12
C LEU A 43 -0.01 -6.76 -18.34
N HIS A 44 -0.37 -6.12 -19.46
CA HIS A 44 -0.58 -6.88 -20.69
C HIS A 44 0.61 -7.78 -21.00
N LEU A 45 1.82 -7.21 -21.00
CA LEU A 45 2.99 -7.98 -21.42
C LEU A 45 3.31 -9.07 -20.41
N ALA A 46 3.15 -8.77 -19.12
CA ALA A 46 3.40 -9.78 -18.09
C ALA A 46 2.44 -10.96 -18.23
N ALA A 47 1.16 -10.68 -18.47
CA ALA A 47 0.19 -11.75 -18.67
C ALA A 47 0.52 -12.53 -19.94
N TRP A 48 0.90 -11.82 -21.01
CA TRP A 48 1.24 -12.47 -22.27
C TRP A 48 2.38 -13.46 -22.09
N GLU A 49 3.51 -13.00 -21.53
CA GLU A 49 4.65 -13.88 -21.36
C GLU A 49 4.47 -14.86 -20.22
N GLY A 50 3.47 -14.67 -19.37
CA GLY A 50 3.17 -15.64 -18.33
C GLY A 50 4.01 -15.50 -17.09
N HIS A 51 4.33 -14.27 -16.69
CA HIS A 51 5.15 -14.02 -15.51
C HIS A 51 4.21 -13.70 -14.35
N LEU A 52 3.85 -14.73 -13.59
CA LEU A 52 2.89 -14.56 -12.49
C LEU A 52 3.42 -13.58 -11.45
N GLY A 53 4.70 -13.71 -11.08
CA GLY A 53 5.26 -12.83 -10.06
C GLY A 53 5.14 -11.36 -10.43
N ILE A 54 5.50 -11.03 -11.67
CA ILE A 54 5.43 -9.65 -12.13
C ILE A 54 3.98 -9.19 -12.22
N VAL A 55 3.07 -10.06 -12.66
CA VAL A 55 1.65 -9.70 -12.67
C VAL A 55 1.21 -9.30 -11.27
N GLU A 56 1.54 -10.13 -10.27
CA GLU A 56 1.14 -9.85 -8.91
C GLU A 56 1.75 -8.53 -8.42
N VAL A 57 3.05 -8.34 -8.65
CA VAL A 57 3.71 -7.10 -8.21
C VAL A 57 3.04 -5.89 -8.85
N LEU A 58 2.87 -5.91 -10.17
CA LEU A 58 2.26 -4.78 -10.86
C LEU A 58 0.87 -4.48 -10.31
N LEU A 59 0.06 -5.53 -10.09
CA LEU A 59 -1.27 -5.31 -9.54
C LEU A 59 -1.21 -4.71 -8.14
N LYS A 60 -0.19 -5.08 -7.35
CA LYS A 60 -0.06 -4.51 -6.01
C LYS A 60 0.25 -3.03 -6.08
N ASN A 61 1.03 -2.60 -7.09
CA ASN A 61 1.45 -1.22 -7.24
C ASN A 61 0.51 -0.40 -8.12
N GLY A 62 -0.76 -0.77 -8.20
CA GLY A 62 -1.75 0.05 -8.86
C GLY A 62 -1.92 -0.17 -10.34
N ALA A 63 -1.59 -1.36 -10.84
CA ALA A 63 -1.75 -1.64 -12.26
C ALA A 63 -3.23 -1.67 -12.64
N ASP A 64 -3.54 -1.13 -13.82
CA ASP A 64 -4.92 -1.03 -14.29
C ASP A 64 -5.33 -2.39 -14.86
N VAL A 65 -6.18 -3.10 -14.12
CA VAL A 65 -6.56 -4.46 -14.49
C VAL A 65 -7.30 -4.48 -15.82
N ASN A 66 -8.06 -3.42 -16.11
CA ASN A 66 -8.92 -3.38 -17.28
C ASN A 66 -8.37 -2.47 -18.39
N ALA A 67 -7.07 -2.23 -18.39
CA ALA A 67 -6.47 -1.39 -19.43
C ALA A 67 -6.75 -1.97 -20.81
N ASN A 68 -7.11 -1.10 -21.74
CA ASN A 68 -7.38 -1.48 -23.12
C ASN A 68 -6.23 -1.00 -24.00
N ASP A 69 -5.89 -1.80 -24.99
CA ASP A 69 -4.90 -1.42 -25.98
C ASP A 69 -5.60 -0.90 -27.23
N GLU A 70 -4.85 -0.75 -28.31
CA GLU A 70 -5.44 -0.26 -29.55
C GLU A 70 -6.58 -1.17 -30.00
N ARG A 71 -6.39 -2.49 -29.91
CA ARG A 71 -7.37 -3.45 -30.37
C ARG A 71 -8.48 -3.72 -29.36
N GLY A 72 -8.52 -3.00 -28.25
CA GLY A 72 -9.57 -3.20 -27.27
C GLY A 72 -9.39 -4.42 -26.39
N HIS A 73 -8.16 -4.89 -26.22
CA HIS A 73 -7.86 -6.09 -25.46
C HIS A 73 -7.41 -5.73 -24.05
N THR A 74 -8.06 -6.32 -23.06
CA THR A 74 -7.61 -6.20 -21.68
C THR A 74 -6.57 -7.27 -21.37
N PRO A 75 -5.85 -7.13 -20.27
CA PRO A 75 -4.90 -8.20 -19.89
C PRO A 75 -5.58 -9.55 -19.74
N LEU A 76 -6.88 -9.59 -19.41
CA LEU A 76 -7.57 -10.86 -19.29
C LEU A 76 -7.74 -11.53 -20.64
N HIS A 77 -8.01 -10.75 -21.70
CA HIS A 77 -8.01 -11.33 -23.05
C HIS A 77 -6.71 -12.07 -23.33
N LEU A 78 -5.57 -11.43 -23.04
CA LEU A 78 -4.29 -12.05 -23.37
C LEU A 78 -4.01 -13.24 -22.47
N ALA A 79 -4.36 -13.14 -21.18
CA ALA A 79 -4.17 -14.27 -20.28
C ALA A 79 -5.00 -15.47 -20.70
N ALA A 80 -6.23 -15.23 -21.17
CA ALA A 80 -7.08 -16.32 -21.64
C ALA A 80 -6.57 -16.90 -22.96
N TYR A 81 -6.13 -16.03 -23.87
CA TYR A 81 -5.54 -16.51 -25.12
C TYR A 81 -4.36 -17.43 -24.84
N THR A 82 -3.36 -16.92 -24.12
CA THR A 82 -2.16 -17.72 -23.85
C THR A 82 -2.44 -18.90 -22.93
N GLY A 83 -3.47 -18.84 -22.11
CA GLY A 83 -3.86 -19.99 -21.32
C GLY A 83 -3.14 -20.15 -20.00
N HIS A 84 -2.75 -19.05 -19.37
CA HIS A 84 -2.07 -19.09 -18.08
C HIS A 84 -3.14 -19.02 -17.00
N LEU A 85 -3.44 -20.18 -16.39
CA LEU A 85 -4.59 -20.30 -15.50
C LEU A 85 -4.44 -19.41 -14.28
N GLU A 86 -3.28 -19.46 -13.61
CA GLU A 86 -3.11 -18.70 -12.37
C GLU A 86 -3.17 -17.20 -12.62
N ILE A 87 -2.64 -16.74 -13.76
CA ILE A 87 -2.73 -15.32 -14.07
C ILE A 87 -4.18 -14.92 -14.30
N VAL A 88 -4.95 -15.75 -15.02
CA VAL A 88 -6.37 -15.50 -15.17
C VAL A 88 -7.05 -15.40 -13.80
N GLU A 89 -6.71 -16.32 -12.90
CA GLU A 89 -7.34 -16.33 -11.58
C GLU A 89 -7.02 -15.06 -10.79
N VAL A 90 -5.75 -14.64 -10.79
CA VAL A 90 -5.38 -13.44 -10.05
C VAL A 90 -6.06 -12.21 -10.65
N LEU A 91 -6.07 -12.10 -11.99
CA LEU A 91 -6.74 -10.96 -12.62
C LEU A 91 -8.20 -10.91 -12.22
N LEU A 92 -8.90 -12.04 -12.30
CA LEU A 92 -10.30 -12.09 -11.87
C LEU A 92 -10.43 -11.74 -10.40
N LYS A 93 -9.45 -12.15 -9.59
CA LYS A 93 -9.46 -11.83 -8.17
C LYS A 93 -9.38 -10.32 -7.94
N ASN A 94 -8.63 -9.62 -8.79
CA ASN A 94 -8.48 -8.16 -8.69
C ASN A 94 -9.51 -7.41 -9.54
N GLY A 95 -10.70 -7.96 -9.71
CA GLY A 95 -11.78 -7.24 -10.37
C GLY A 95 -11.65 -7.13 -11.88
N ALA A 96 -11.16 -8.17 -12.53
CA ALA A 96 -11.05 -8.16 -13.99
C ALA A 96 -12.43 -8.33 -14.64
N GLY A 97 -12.59 -7.73 -15.81
CA GLY A 97 -13.84 -7.82 -16.55
C GLY A 97 -14.03 -9.15 -17.24
N VAL A 98 -14.84 -10.02 -16.65
CA VAL A 98 -15.02 -11.37 -17.20
C VAL A 98 -15.67 -11.32 -18.56
N ASN A 99 -16.57 -10.36 -18.79
CA ASN A 99 -17.30 -10.22 -20.05
C ASN A 99 -16.78 -9.03 -20.87
N ALA A 100 -15.56 -8.58 -20.61
CA ALA A 100 -15.00 -7.49 -21.38
C ALA A 100 -15.00 -7.82 -22.87
N THR A 101 -15.39 -6.85 -23.69
CA THR A 101 -15.50 -7.04 -25.12
C THR A 101 -14.51 -6.12 -25.83
N ASP A 102 -13.82 -6.69 -26.83
CA ASP A 102 -12.87 -5.93 -27.62
C ASP A 102 -13.60 -5.28 -28.81
N VAL A 103 -12.83 -4.77 -29.77
CA VAL A 103 -13.41 -4.05 -30.90
C VAL A 103 -14.19 -4.99 -31.82
N ILE A 104 -13.78 -6.24 -31.91
CA ILE A 104 -14.41 -7.21 -32.81
C ILE A 104 -15.51 -7.96 -32.09
N GLY A 105 -15.79 -7.59 -30.85
CA GLY A 105 -16.82 -8.26 -30.10
C GLY A 105 -16.41 -9.55 -29.44
N THR A 106 -15.11 -9.81 -29.33
CA THR A 106 -14.60 -11.07 -28.78
C THR A 106 -14.36 -10.92 -27.28
N ALA A 107 -15.01 -11.78 -26.49
CA ALA A 107 -14.83 -11.82 -25.05
C ALA A 107 -13.70 -12.78 -24.69
N PRO A 108 -13.22 -12.74 -23.44
CA PRO A 108 -12.18 -13.69 -23.03
C PRO A 108 -12.61 -15.14 -23.17
N LEU A 109 -13.89 -15.43 -22.97
CA LEU A 109 -14.37 -16.80 -23.11
C LEU A 109 -14.19 -17.29 -24.55
N HIS A 110 -14.37 -16.40 -25.52
CA HIS A 110 -14.07 -16.75 -26.90
C HIS A 110 -12.63 -17.18 -27.05
N LEU A 111 -11.69 -16.40 -26.48
CA LEU A 111 -10.28 -16.72 -26.63
C LEU A 111 -9.94 -18.04 -25.96
N ALA A 112 -10.54 -18.31 -24.80
CA ALA A 112 -10.27 -19.54 -24.08
C ALA A 112 -10.83 -20.75 -24.81
N ALA A 113 -12.08 -20.66 -25.26
CA ALA A 113 -12.72 -21.80 -25.89
C ALA A 113 -12.17 -22.08 -27.28
N MET A 114 -11.77 -21.04 -28.02
CA MET A 114 -11.32 -21.25 -29.39
C MET A 114 -10.02 -22.04 -29.44
N TRP A 115 -9.23 -22.03 -28.37
CA TRP A 115 -8.00 -22.82 -28.34
C TRP A 115 -8.10 -24.00 -27.39
N GLY A 116 -9.27 -24.23 -26.81
CA GLY A 116 -9.49 -25.37 -25.93
C GLY A 116 -8.73 -25.35 -24.62
N HIS A 117 -8.59 -24.18 -24.01
CA HIS A 117 -7.98 -24.08 -22.69
C HIS A 117 -9.07 -24.33 -21.65
N GLU A 118 -9.34 -25.62 -21.41
CA GLU A 118 -10.52 -26.02 -20.64
C GLU A 118 -10.53 -25.40 -19.25
N GLU A 119 -9.38 -25.43 -18.55
CA GLU A 119 -9.37 -24.98 -17.16
C GLU A 119 -9.78 -23.52 -17.04
N ILE A 120 -9.22 -22.66 -17.90
CA ILE A 120 -9.59 -21.25 -17.84
C ILE A 120 -11.03 -21.05 -18.29
N VAL A 121 -11.52 -21.87 -19.23
CA VAL A 121 -12.93 -21.79 -19.60
C VAL A 121 -13.81 -22.04 -18.38
N GLU A 122 -13.49 -23.09 -17.63
CA GLU A 122 -14.26 -23.40 -16.42
C GLU A 122 -14.19 -22.25 -15.42
N VAL A 123 -13.01 -21.67 -15.24
CA VAL A 123 -12.86 -20.57 -14.29
C VAL A 123 -13.70 -19.38 -14.74
N LEU A 124 -13.60 -19.02 -16.02
CA LEU A 124 -14.35 -17.88 -16.55
C LEU A 124 -15.84 -18.08 -16.37
N LEU A 125 -16.34 -19.28 -16.68
CA LEU A 125 -17.76 -19.56 -16.49
C LEU A 125 -18.14 -19.45 -15.02
N LYS A 126 -17.26 -19.93 -14.13
CA LYS A 126 -17.52 -19.80 -12.70
C LYS A 126 -17.74 -18.35 -12.30
N ASN A 127 -17.00 -17.42 -12.91
CA ASN A 127 -17.11 -16.00 -12.62
C ASN A 127 -18.11 -15.29 -13.53
N GLY A 128 -19.19 -15.97 -13.92
CA GLY A 128 -20.27 -15.32 -14.64
C GLY A 128 -19.98 -14.97 -16.09
N ALA A 129 -19.16 -15.74 -16.78
CA ALA A 129 -18.92 -15.49 -18.19
C ALA A 129 -20.14 -15.87 -19.02
N ASP A 130 -20.44 -15.05 -20.02
CA ASP A 130 -21.63 -15.24 -20.84
C ASP A 130 -21.36 -16.30 -21.90
N ALA A 131 -21.97 -17.46 -21.76
CA ALA A 131 -21.75 -18.56 -22.70
C ALA A 131 -22.33 -18.24 -24.07
N ARG A 132 -23.35 -17.38 -24.14
CA ARG A 132 -24.03 -17.09 -25.39
C ARG A 132 -23.45 -15.87 -26.07
N ALA A 133 -22.35 -15.32 -25.55
CA ALA A 133 -21.76 -14.14 -26.15
C ALA A 133 -21.41 -14.43 -27.61
N GLN A 134 -21.70 -13.46 -28.48
CA GLN A 134 -21.43 -13.59 -29.90
C GLN A 134 -20.47 -12.49 -30.32
N ASP A 135 -19.49 -12.86 -31.13
CA ASP A 135 -18.53 -11.89 -31.64
C ASP A 135 -19.14 -11.19 -32.85
N LYS A 136 -18.32 -10.38 -33.53
CA LYS A 136 -18.82 -9.60 -34.66
C LYS A 136 -19.31 -10.51 -35.79
N PHE A 137 -18.95 -11.78 -35.77
CA PHE A 137 -19.35 -12.74 -36.79
C PHE A 137 -20.43 -13.70 -36.31
N GLY A 138 -21.13 -13.36 -35.22
CA GLY A 138 -22.18 -14.22 -34.71
C GLY A 138 -21.69 -15.58 -34.25
N LYS A 139 -20.49 -15.65 -33.69
CA LYS A 139 -19.88 -16.88 -33.24
C LYS A 139 -19.83 -16.92 -31.72
N THR A 140 -20.39 -17.97 -31.14
CA THR A 140 -20.29 -18.21 -29.72
C THR A 140 -18.98 -18.91 -29.39
N PRO A 141 -18.59 -18.95 -28.11
CA PRO A 141 -17.40 -19.74 -27.75
C PRO A 141 -17.53 -21.20 -28.18
N GLU A 142 -18.71 -21.79 -28.04
CA GLU A 142 -18.95 -23.13 -28.57
C GLU A 142 -18.55 -23.21 -30.03
N ASP A 143 -18.99 -22.25 -30.83
CA ASP A 143 -18.73 -22.30 -32.26
C ASP A 143 -17.24 -22.25 -32.55
N LEU A 144 -16.52 -21.36 -31.85
CA LEU A 144 -15.09 -21.22 -32.09
C LEU A 144 -14.33 -22.47 -31.66
N ALA A 145 -14.72 -23.07 -30.53
CA ALA A 145 -14.05 -24.29 -30.09
C ALA A 145 -14.31 -25.45 -31.04
N ARG A 146 -15.55 -25.57 -31.53
CA ARG A 146 -15.87 -26.66 -32.45
C ARG A 146 -15.20 -26.47 -33.80
N ASP A 147 -15.10 -25.23 -34.27
CA ASP A 147 -14.48 -24.99 -35.57
C ASP A 147 -13.01 -25.36 -35.58
N ASN A 148 -12.34 -25.28 -34.43
CA ASN A 148 -10.92 -25.59 -34.33
C ASN A 148 -10.65 -27.01 -33.84
N GLY A 149 -11.70 -27.83 -33.68
CA GLY A 149 -11.51 -29.23 -33.38
C GLY A 149 -11.39 -29.58 -31.91
N TYR A 150 -11.83 -28.70 -31.01
CA TYR A 150 -11.78 -28.96 -29.58
C TYR A 150 -13.17 -29.41 -29.14
N GLU A 151 -13.43 -30.72 -29.25
CA GLU A 151 -14.77 -31.23 -29.06
C GLU A 151 -15.22 -31.12 -27.60
N SER A 152 -14.30 -31.36 -26.66
CA SER A 152 -14.67 -31.36 -25.25
C SER A 152 -15.17 -29.97 -24.80
N VAL A 153 -14.36 -28.94 -25.03
CA VAL A 153 -14.75 -27.59 -24.64
C VAL A 153 -16.00 -27.17 -25.39
N ALA A 154 -16.15 -27.62 -26.63
CA ALA A 154 -17.35 -27.30 -27.39
C ALA A 154 -18.59 -27.88 -26.71
N ARG A 155 -18.51 -29.14 -26.31
CA ARG A 155 -19.64 -29.76 -25.61
C ARG A 155 -19.93 -29.06 -24.29
N LEU A 156 -18.88 -28.62 -23.58
CA LEU A 156 -19.10 -27.93 -22.31
C LEU A 156 -19.82 -26.59 -22.53
N ALA A 157 -19.36 -25.81 -23.50
CA ALA A 157 -20.02 -24.54 -23.79
C ALA A 157 -21.45 -24.77 -24.26
N ARG A 158 -21.67 -25.85 -25.03
CA ARG A 158 -23.03 -26.21 -25.44
C ARG A 158 -23.91 -26.46 -24.22
N LYS A 159 -23.42 -27.26 -23.27
CA LYS A 159 -24.21 -27.54 -22.07
C LYS A 159 -24.54 -26.26 -21.31
N GLU A 160 -23.59 -25.32 -21.25
CA GLU A 160 -23.85 -24.07 -20.54
C GLU A 160 -24.91 -23.23 -21.25
N ILE A 161 -24.82 -23.15 -22.58
CA ILE A 161 -25.84 -22.44 -23.35
C ILE A 161 -27.21 -23.07 -23.10
N ILE A 162 -27.27 -24.40 -23.10
CA ILE A 162 -28.53 -25.10 -22.86
C ILE A 162 -29.09 -24.72 -21.48
N ARG A 163 -28.23 -24.70 -20.47
CA ARG A 163 -28.69 -24.38 -19.11
C ARG A 163 -29.28 -22.98 -19.05
N ALA A 164 -28.59 -22.01 -19.65
CA ALA A 164 -29.09 -20.65 -19.64
C ALA A 164 -30.40 -20.51 -20.42
N VAL A 165 -30.48 -21.15 -21.59
CA VAL A 165 -31.70 -21.09 -22.39
C VAL A 165 -32.86 -21.69 -21.61
N VAL A 166 -32.62 -22.78 -20.88
CA VAL A 166 -33.68 -23.39 -20.10
C VAL A 166 -34.15 -22.43 -19.01
N ASP A 167 -33.22 -21.67 -18.41
CA ASP A 167 -33.63 -20.69 -17.41
C ASP A 167 -34.50 -19.60 -18.02
N GLU A 168 -34.09 -19.08 -19.18
CA GLU A 168 -34.88 -18.07 -19.88
C GLU A 168 -36.27 -18.60 -20.21
N LEU A 169 -36.34 -19.81 -20.75
CA LEU A 169 -37.62 -20.40 -21.11
C LEU A 169 -38.49 -20.60 -19.88
N LYS A 170 -37.89 -20.93 -18.73
CA LYS A 170 -38.68 -21.03 -17.50
C LYS A 170 -39.28 -19.68 -17.12
N GLU A 171 -38.52 -18.59 -17.31
CA GLU A 171 -39.11 -17.27 -17.06
C GLU A 171 -40.31 -17.04 -17.98
N LEU A 172 -40.18 -17.42 -19.25
CA LEU A 172 -41.31 -17.30 -20.17
C LEU A 172 -42.50 -18.15 -19.71
N ILE A 173 -42.22 -19.36 -19.19
CA ILE A 173 -43.29 -20.22 -18.70
C ILE A 173 -44.01 -19.56 -17.53
N GLN A 174 -43.26 -18.91 -16.64
CA GLN A 174 -43.89 -18.19 -15.53
C GLN A 174 -44.83 -17.11 -16.06
N ASN A 175 -44.37 -16.34 -17.04
CA ASN A 175 -45.22 -15.32 -17.64
C ASN A 175 -46.50 -15.94 -18.22
N VAL A 176 -46.35 -17.04 -18.97
CA VAL A 176 -47.50 -17.68 -19.60
C VAL A 176 -48.46 -18.20 -18.54
N ASN A 177 -47.94 -18.71 -17.43
CA ASN A 177 -48.82 -19.23 -16.38
C ASN A 177 -49.61 -18.11 -15.71
N ASP A 178 -48.97 -16.98 -15.45
CA ASP A 178 -49.72 -15.84 -14.93
C ASP A 178 -50.83 -15.43 -15.90
N ASP A 179 -50.50 -15.37 -17.19
CA ASP A 179 -51.50 -14.97 -18.18
C ASP A 179 -52.65 -15.97 -18.27
N ILE A 180 -52.35 -17.27 -18.21
CA ILE A 180 -53.43 -18.24 -18.33
C ILE A 180 -54.30 -18.22 -17.08
N LYS A 181 -53.72 -17.96 -15.91
CA LYS A 181 -54.53 -17.76 -14.72
C LYS A 181 -55.48 -16.58 -14.90
N GLU A 182 -54.95 -15.46 -15.44
CA GLU A 182 -55.79 -14.28 -15.59
C GLU A 182 -56.91 -14.50 -16.59
N VAL A 183 -56.68 -15.33 -17.63
CA VAL A 183 -57.80 -15.63 -18.52
C VAL A 183 -58.78 -16.56 -17.84
N GLU A 184 -58.28 -17.56 -17.09
CA GLU A 184 -59.18 -18.45 -16.37
C GLU A 184 -60.15 -17.67 -15.49
N LYS A 185 -59.72 -16.52 -14.95
CA LYS A 185 -60.65 -15.69 -14.21
C LYS A 185 -61.61 -14.95 -15.14
N ASN A 186 -61.10 -14.39 -16.24
CA ASN A 186 -61.92 -13.64 -17.20
C ASN A 186 -61.66 -14.18 -18.60
N PRO A 187 -62.30 -15.30 -18.97
CA PRO A 187 -62.09 -15.85 -20.33
C PRO A 187 -62.51 -14.91 -21.45
N GLU A 188 -63.22 -13.82 -21.14
CA GLU A 188 -63.70 -12.94 -22.19
C GLU A 188 -62.56 -12.24 -22.92
N ASP A 189 -61.51 -11.86 -22.19
CA ASP A 189 -60.44 -11.05 -22.76
C ASP A 189 -59.68 -11.85 -23.81
N MET A 190 -59.80 -11.44 -25.08
CA MET A 190 -59.00 -12.06 -26.13
C MET A 190 -57.58 -11.52 -26.16
N GLU A 191 -57.37 -10.32 -25.59
CA GLU A 191 -56.05 -9.72 -25.58
C GLU A 191 -55.04 -10.61 -24.85
N TYR A 192 -55.42 -11.14 -23.69
CA TYR A 192 -54.53 -12.04 -22.95
C TYR A 192 -54.08 -13.20 -23.83
N TRP A 193 -55.01 -13.74 -24.64
CA TRP A 193 -54.63 -14.85 -25.51
C TRP A 193 -53.62 -14.41 -26.56
N ASN A 194 -53.71 -13.17 -27.04
CA ASN A 194 -52.71 -12.67 -27.99
C ASN A 194 -51.36 -12.50 -27.32
N LYS A 195 -51.33 -11.96 -26.10
CA LYS A 195 -50.07 -11.87 -25.36
C LYS A 195 -49.46 -13.26 -25.15
N ILE A 196 -50.29 -14.24 -24.79
CA ILE A 196 -49.79 -15.60 -24.62
C ILE A 196 -49.25 -16.12 -25.93
N TYR A 197 -49.94 -15.82 -27.03
CA TYR A 197 -49.47 -16.21 -28.35
C TYR A 197 -48.10 -15.61 -28.63
N ARG A 198 -47.89 -14.36 -28.26
CA ARG A 198 -46.58 -13.74 -28.47
C ARG A 198 -45.51 -14.46 -27.67
N LEU A 199 -45.80 -14.77 -26.40
CA LEU A 199 -44.84 -15.47 -25.57
C LEU A 199 -44.49 -16.84 -26.15
N VAL A 200 -45.51 -17.60 -26.56
CA VAL A 200 -45.29 -18.93 -27.11
C VAL A 200 -44.55 -18.85 -28.44
N HIS A 201 -44.80 -17.81 -29.24
CA HIS A 201 -44.09 -17.67 -30.51
C HIS A 201 -42.62 -17.37 -30.28
N THR A 202 -42.31 -16.48 -29.34
CA THR A 202 -40.91 -16.23 -28.99
C THR A 202 -40.23 -17.51 -28.50
N MET A 203 -40.93 -18.26 -27.64
CA MET A 203 -40.38 -19.54 -27.17
C MET A 203 -40.12 -20.49 -28.33
N LYS A 204 -41.07 -20.60 -29.25
CA LYS A 204 -40.91 -21.47 -30.41
C LYS A 204 -39.69 -21.05 -31.22
N GLU A 205 -39.49 -19.74 -31.39
CA GLU A 205 -38.34 -19.25 -32.14
C GLU A 205 -37.04 -19.62 -31.44
N ILE A 206 -36.96 -19.40 -30.14
CA ILE A 206 -35.76 -19.75 -29.39
C ILE A 206 -35.46 -21.23 -29.51
N THR A 207 -36.48 -22.07 -29.33
CA THR A 207 -36.28 -23.51 -29.40
C THR A 207 -35.76 -23.93 -30.77
N GLU A 208 -36.37 -23.40 -31.84
CA GLU A 208 -35.86 -23.68 -33.18
C GLU A 208 -34.41 -23.23 -33.33
N THR A 209 -34.07 -22.05 -32.81
CA THR A 209 -32.72 -21.53 -32.97
C THR A 209 -31.70 -22.46 -32.31
N MET A 210 -31.95 -22.87 -31.07
CA MET A 210 -31.04 -23.80 -30.41
C MET A 210 -31.13 -25.18 -31.07
N GLY A 211 -32.32 -25.77 -31.05
CA GLY A 211 -32.55 -27.09 -31.60
C GLY A 211 -33.79 -27.64 -30.95
N PHE A 212 -33.59 -28.45 -29.92
CA PHE A 212 -34.65 -29.01 -29.09
C PHE A 212 -35.95 -29.18 -29.87
N SER A 213 -35.93 -30.00 -30.90
CA SER A 213 -37.10 -30.15 -31.75
C SER A 213 -38.35 -30.54 -30.97
N PRO A 214 -38.30 -31.47 -30.01
CA PRO A 214 -39.53 -31.86 -29.30
C PRO A 214 -40.24 -30.67 -28.66
N VAL A 215 -39.49 -29.83 -27.95
CA VAL A 215 -40.09 -28.64 -27.32
C VAL A 215 -40.68 -27.74 -28.40
N ALA A 216 -39.99 -27.61 -29.54
CA ALA A 216 -40.51 -26.78 -30.62
C ALA A 216 -41.85 -27.29 -31.13
N LEU A 217 -41.99 -28.60 -31.30
CA LEU A 217 -43.24 -29.15 -31.81
C LEU A 217 -44.37 -29.03 -30.80
N VAL A 218 -44.07 -29.23 -29.51
CA VAL A 218 -45.11 -29.06 -28.50
C VAL A 218 -45.56 -27.60 -28.45
N LEU A 219 -44.61 -26.67 -28.50
CA LEU A 219 -44.95 -25.26 -28.57
C LEU A 219 -45.75 -24.95 -29.82
N GLU A 220 -45.47 -25.64 -30.93
CA GLU A 220 -46.26 -25.42 -32.14
C GLU A 220 -47.70 -25.86 -31.95
N ALA A 221 -47.92 -26.97 -31.24
CA ALA A 221 -49.28 -27.38 -30.89
C ALA A 221 -49.96 -26.29 -30.07
N ILE A 222 -49.25 -25.77 -29.06
CA ILE A 222 -49.78 -24.65 -28.26
C ILE A 222 -50.18 -23.50 -29.18
N MET A 223 -49.31 -23.18 -30.14
CA MET A 223 -49.57 -22.08 -31.05
C MET A 223 -50.83 -22.31 -31.88
N MET A 224 -51.00 -23.53 -32.40
CA MET A 224 -52.20 -23.81 -33.18
C MET A 224 -53.46 -23.61 -32.34
N LEU A 225 -53.46 -24.13 -31.11
CA LEU A 225 -54.66 -23.97 -30.27
C LEU A 225 -54.96 -22.50 -30.01
N VAL A 226 -53.96 -21.74 -29.56
CA VAL A 226 -54.20 -20.34 -29.25
C VAL A 226 -54.60 -19.57 -30.51
N LYS A 227 -54.07 -19.98 -31.66
CA LYS A 227 -54.42 -19.32 -32.92
C LYS A 227 -55.87 -19.56 -33.29
N LEU A 228 -56.32 -20.82 -33.18
CA LEU A 228 -57.73 -21.10 -33.42
C LEU A 228 -58.61 -20.24 -32.51
N MET A 229 -58.24 -20.13 -31.23
CA MET A 229 -59.06 -19.32 -30.34
C MET A 229 -59.03 -17.85 -30.73
N LEU A 230 -57.90 -17.35 -31.24
CA LEU A 230 -57.84 -15.95 -31.61
C LEU A 230 -58.75 -15.66 -32.80
N ASN A 231 -58.78 -16.55 -33.81
CA ASN A 231 -59.64 -16.37 -34.97
C ASN A 231 -61.06 -16.91 -34.74
N SER A 232 -61.46 -17.07 -33.48
CA SER A 232 -62.78 -17.60 -33.11
C SER A 232 -63.24 -18.69 -34.09
N GLU A 233 -62.36 -19.66 -34.32
CA GLU A 233 -62.75 -20.88 -35.03
C GLU A 233 -63.35 -21.91 -34.07
N ILE A 234 -62.94 -21.87 -32.80
CA ILE A 234 -63.44 -22.78 -31.78
C ILE A 234 -63.95 -21.98 -30.60
N LYS A 235 -64.96 -22.51 -29.94
CA LYS A 235 -65.51 -21.90 -28.73
C LYS A 235 -64.57 -22.12 -27.56
N ILE A 236 -64.33 -21.07 -26.78
CA ILE A 236 -63.36 -21.17 -25.70
C ILE A 236 -63.95 -22.12 -24.66
N THR A 237 -63.37 -23.30 -24.52
CA THR A 237 -63.80 -24.28 -23.54
C THR A 237 -62.79 -24.36 -22.39
N SER A 238 -63.27 -24.79 -21.23
CA SER A 238 -62.36 -24.99 -20.10
C SER A 238 -61.57 -26.28 -20.22
N ASP A 239 -62.13 -27.30 -20.89
CA ASP A 239 -61.41 -28.55 -21.06
C ASP A 239 -60.23 -28.39 -21.99
N LEU A 240 -60.39 -27.61 -23.06
CA LEU A 240 -59.26 -27.38 -23.95
C LEU A 240 -58.18 -26.59 -23.23
N ILE A 241 -58.59 -25.65 -22.37
CA ILE A 241 -57.64 -24.89 -21.56
C ILE A 241 -56.88 -25.81 -20.61
N ASP A 242 -57.57 -26.79 -20.02
CA ASP A 242 -56.85 -27.73 -19.15
C ASP A 242 -55.85 -28.54 -19.98
N ALA A 243 -56.21 -28.88 -21.21
CA ALA A 243 -55.27 -29.56 -22.10
C ALA A 243 -54.04 -28.71 -22.35
N VAL A 244 -54.24 -27.41 -22.62
CA VAL A 244 -53.12 -26.49 -22.83
C VAL A 244 -52.26 -26.44 -21.57
N LYS A 245 -52.90 -26.37 -20.40
CA LYS A 245 -52.19 -26.44 -19.13
C LYS A 245 -51.32 -27.67 -19.05
N LYS A 246 -51.88 -28.83 -19.42
CA LYS A 246 -51.11 -30.07 -19.33
C LYS A 246 -49.93 -30.05 -20.28
N MET A 247 -50.11 -29.49 -21.49
CA MET A 247 -48.99 -29.43 -22.42
C MET A 247 -47.90 -28.49 -21.93
N LEU A 248 -48.28 -27.35 -21.34
CA LEU A 248 -47.27 -26.47 -20.76
C LEU A 248 -46.53 -27.15 -19.61
N ASP A 249 -47.26 -27.87 -18.75
CA ASP A 249 -46.61 -28.58 -17.66
C ASP A 249 -45.61 -29.60 -18.18
N MET A 250 -45.98 -30.37 -19.21
CA MET A 250 -45.06 -31.35 -19.76
C MET A 250 -43.87 -30.68 -20.45
N VAL A 251 -44.08 -29.53 -21.10
CA VAL A 251 -42.95 -28.79 -21.67
C VAL A 251 -41.99 -28.37 -20.57
N THR A 252 -42.51 -27.83 -19.48
CA THR A 252 -41.65 -27.43 -18.36
C THR A 252 -40.88 -28.62 -17.83
N ARG A 253 -41.57 -29.76 -17.65
CA ARG A 253 -40.87 -30.94 -17.14
C ARG A 253 -39.78 -31.39 -18.10
N LEU A 254 -40.07 -31.42 -19.40
CA LEU A 254 -39.05 -31.78 -20.37
C LEU A 254 -37.85 -30.84 -20.29
N LEU A 255 -38.11 -29.54 -20.11
CA LEU A 255 -37.00 -28.61 -19.93
C LEU A 255 -36.18 -29.00 -18.72
N ASP A 256 -36.85 -29.36 -17.62
CA ASP A 256 -36.12 -29.87 -16.45
C ASP A 256 -35.28 -31.09 -16.82
N LEU A 257 -35.84 -31.99 -17.63
CA LEU A 257 -35.09 -33.17 -18.05
C LEU A 257 -33.80 -32.76 -18.73
N MET A 258 -33.85 -31.71 -19.56
CA MET A 258 -32.70 -31.40 -20.40
C MET A 258 -31.48 -31.09 -19.54
N VAL A 259 -31.66 -30.36 -18.44
CA VAL A 259 -30.56 -29.98 -17.55
C VAL A 259 -30.42 -31.04 -16.46
N ASP A 260 -30.17 -32.28 -16.87
CA ASP A 260 -29.91 -33.36 -15.94
C ASP A 260 -28.50 -33.31 -15.37
N PRO A 261 -28.31 -33.74 -14.11
CA PRO A 261 -26.94 -33.88 -13.61
C PRO A 261 -26.19 -34.92 -14.43
N ASN A 262 -25.07 -34.51 -15.04
CA ASN A 262 -24.26 -35.42 -15.84
C ASN A 262 -23.95 -36.72 -15.10
N LEU A 263 -24.94 -37.61 -15.01
CA LEU A 263 -24.78 -38.90 -14.37
C LEU A 263 -24.23 -39.95 -15.35
N ASN A 264 -24.49 -41.22 -15.07
CA ASN A 264 -24.00 -42.36 -15.82
C ASN A 264 -25.11 -42.93 -16.70
N GLU A 265 -24.73 -43.89 -17.55
CA GLU A 265 -25.61 -44.39 -18.59
C GLU A 265 -26.99 -44.75 -18.04
N GLU A 266 -27.07 -45.17 -16.77
CA GLU A 266 -28.36 -45.56 -16.21
C GLU A 266 -29.29 -44.35 -16.13
N GLN A 267 -28.81 -43.26 -15.54
CA GLN A 267 -29.57 -42.03 -15.47
C GLN A 267 -29.82 -41.45 -16.85
N TYR A 268 -28.89 -41.65 -17.79
CA TYR A 268 -29.12 -41.25 -19.17
C TYR A 268 -30.34 -41.97 -19.75
N ILE A 269 -30.41 -43.29 -19.51
CA ILE A 269 -31.56 -44.07 -19.96
C ILE A 269 -32.83 -43.53 -19.30
N LYS A 270 -32.77 -43.25 -17.99
CA LYS A 270 -33.95 -42.73 -17.31
C LYS A 270 -34.36 -41.38 -17.88
N MET A 271 -33.39 -40.52 -18.21
CA MET A 271 -33.69 -39.25 -18.86
C MET A 271 -34.47 -39.47 -20.15
N VAL A 272 -33.95 -40.34 -21.02
CA VAL A 272 -34.60 -40.53 -22.30
C VAL A 272 -35.97 -41.16 -22.12
N VAL A 273 -36.11 -42.10 -21.18
CA VAL A 273 -37.41 -42.74 -20.97
C VAL A 273 -38.42 -41.73 -20.44
N ASP A 274 -38.01 -40.85 -19.53
CA ASP A 274 -38.91 -39.81 -19.05
C ASP A 274 -39.32 -38.88 -20.17
N ALA A 275 -38.36 -38.47 -21.00
CA ALA A 275 -38.69 -37.60 -22.14
C ALA A 275 -39.65 -38.31 -23.09
N LEU A 276 -39.43 -39.60 -23.32
CA LEU A 276 -40.29 -40.37 -24.19
C LEU A 276 -41.71 -40.42 -23.64
N LYS A 277 -41.85 -40.59 -22.34
CA LYS A 277 -43.16 -40.58 -21.71
C LYS A 277 -43.81 -39.20 -21.81
N ILE A 278 -43.03 -38.14 -21.62
CA ILE A 278 -43.56 -36.78 -21.73
C ILE A 278 -44.13 -36.51 -23.12
N LEU A 279 -43.35 -36.78 -24.16
CA LEU A 279 -43.88 -36.46 -25.49
C LEU A 279 -44.98 -37.45 -25.90
N ILE A 280 -44.97 -38.68 -25.36
CA ILE A 280 -46.14 -39.55 -25.54
C ILE A 280 -47.38 -38.91 -24.93
N GLU A 281 -47.24 -38.29 -23.76
CA GLU A 281 -48.37 -37.57 -23.18
C GLU A 281 -48.83 -36.46 -24.12
N ALA A 282 -47.88 -35.76 -24.73
CA ALA A 282 -48.22 -34.73 -25.70
C ALA A 282 -49.01 -35.30 -26.88
N VAL A 283 -48.53 -36.43 -27.43
CA VAL A 283 -49.23 -37.07 -28.53
C VAL A 283 -50.60 -37.53 -28.11
N ASN A 284 -50.77 -37.93 -26.85
CA ASN A 284 -52.09 -38.31 -26.35
C ASN A 284 -53.03 -37.11 -26.33
N VAL A 285 -52.52 -35.95 -25.89
CA VAL A 285 -53.32 -34.73 -25.94
C VAL A 285 -53.76 -34.45 -27.38
N LEU A 286 -52.81 -34.56 -28.31
CA LEU A 286 -53.12 -34.32 -29.71
C LEU A 286 -54.18 -35.32 -30.21
N ILE A 287 -54.07 -36.57 -29.79
CA ILE A 287 -55.03 -37.59 -30.20
C ILE A 287 -56.42 -37.26 -29.67
N LYS A 288 -56.52 -36.84 -28.41
CA LYS A 288 -57.82 -36.44 -27.87
C LYS A 288 -58.41 -35.29 -28.68
N MET A 289 -57.57 -34.31 -29.03
CA MET A 289 -58.08 -33.17 -29.75
C MET A 289 -58.56 -33.59 -31.13
N VAL A 290 -57.84 -34.51 -31.77
CA VAL A 290 -58.26 -35.01 -33.08
C VAL A 290 -59.53 -35.82 -32.92
N GLU A 291 -59.69 -36.52 -31.79
CA GLU A 291 -60.91 -37.28 -31.55
C GLU A 291 -62.11 -36.35 -31.57
N LYS A 292 -61.99 -35.18 -30.97
CA LYS A 292 -63.16 -34.31 -30.91
C LYS A 292 -63.38 -33.52 -32.19
N ASN A 293 -62.33 -33.04 -32.85
CA ASN A 293 -62.46 -32.29 -34.10
C ASN A 293 -61.51 -32.79 -35.18
N PRO A 294 -61.81 -33.92 -35.82
CA PRO A 294 -60.91 -34.41 -36.88
C PRO A 294 -61.03 -33.58 -38.15
N GLU A 295 -60.49 -34.08 -39.26
CA GLU A 295 -60.62 -33.48 -40.59
C GLU A 295 -59.85 -32.17 -40.77
N ASP A 296 -58.79 -31.96 -39.99
CA ASP A 296 -57.88 -30.81 -40.18
C ASP A 296 -56.44 -31.33 -40.27
N MET A 297 -55.97 -31.54 -41.51
CA MET A 297 -54.71 -32.26 -41.72
C MET A 297 -53.48 -31.59 -41.11
N GLU A 298 -53.53 -30.30 -40.74
CA GLU A 298 -52.37 -29.69 -40.09
C GLU A 298 -52.03 -30.41 -38.80
N PHE A 299 -53.05 -30.78 -38.03
CA PHE A 299 -52.83 -31.46 -36.77
C PHE A 299 -52.21 -32.84 -37.00
N TRP A 300 -52.62 -33.49 -38.10
CA TRP A 300 -52.03 -34.77 -38.47
C TRP A 300 -50.58 -34.61 -38.89
N ASN A 301 -50.24 -33.54 -39.62
CA ASN A 301 -48.85 -33.31 -39.97
C ASN A 301 -48.01 -33.14 -38.70
N LEU A 302 -48.56 -32.45 -37.70
CA LEU A 302 -47.81 -32.29 -36.45
C LEU A 302 -47.63 -33.62 -35.73
N ILE A 303 -48.66 -34.45 -35.69
CA ILE A 303 -48.52 -35.77 -35.09
C ILE A 303 -47.45 -36.57 -35.84
N TYR A 304 -47.43 -36.45 -37.17
CA TYR A 304 -46.40 -37.07 -37.98
C TYR A 304 -45.01 -36.58 -37.59
N ARG A 305 -44.87 -35.26 -37.42
CA ARG A 305 -43.57 -34.71 -37.05
C ARG A 305 -43.10 -35.25 -35.70
N LEU A 306 -44.02 -35.33 -34.73
CA LEU A 306 -43.66 -35.85 -33.42
C LEU A 306 -43.25 -37.31 -33.49
N VAL A 307 -44.03 -38.13 -34.20
CA VAL A 307 -43.68 -39.55 -34.30
C VAL A 307 -42.38 -39.73 -35.06
N HIS A 308 -42.07 -38.85 -36.00
CA HIS A 308 -40.82 -38.94 -36.73
C HIS A 308 -39.64 -38.60 -35.82
N VAL A 309 -39.78 -37.53 -35.02
CA VAL A 309 -38.76 -37.22 -34.04
C VAL A 309 -38.55 -38.40 -33.09
N MET A 310 -39.64 -39.04 -32.66
CA MET A 310 -39.51 -40.14 -31.72
C MET A 310 -38.82 -41.35 -32.35
N LYS A 311 -39.18 -41.68 -33.59
CA LYS A 311 -38.49 -42.78 -34.27
C LYS A 311 -37.01 -42.46 -34.42
N GLU A 312 -36.67 -41.21 -34.73
CA GLU A 312 -35.27 -40.84 -34.84
C GLU A 312 -34.55 -41.01 -33.51
N VAL A 313 -35.14 -40.49 -32.43
CA VAL A 313 -34.55 -40.62 -31.10
C VAL A 313 -34.30 -42.10 -30.78
N THR A 314 -35.31 -42.94 -31.02
CA THR A 314 -35.15 -44.36 -30.71
C THR A 314 -34.04 -44.97 -31.54
N GLU A 315 -34.11 -44.82 -32.86
CA GLU A 315 -33.11 -45.41 -33.75
C GLU A 315 -31.70 -45.01 -33.31
N THR A 316 -31.48 -43.71 -33.10
CA THR A 316 -30.17 -43.26 -32.62
C THR A 316 -29.78 -43.96 -31.32
N MET A 317 -30.77 -44.26 -30.47
CA MET A 317 -30.54 -44.89 -29.18
C MET A 317 -30.95 -46.37 -29.19
N GLY A 318 -30.89 -47.02 -30.36
CA GLY A 318 -31.41 -48.36 -30.51
C GLY A 318 -32.91 -48.47 -30.33
N PHE A 319 -33.36 -49.20 -29.31
CA PHE A 319 -34.78 -49.44 -29.10
C PHE A 319 -35.44 -49.91 -30.39
N SER A 320 -35.00 -51.08 -30.88
CA SER A 320 -35.41 -51.51 -32.22
C SER A 320 -36.90 -51.88 -32.24
N SER A 321 -37.40 -52.50 -31.17
CA SER A 321 -38.82 -52.83 -31.11
C SER A 321 -39.66 -51.56 -31.20
N VAL A 322 -39.26 -50.53 -30.46
CA VAL A 322 -40.00 -49.29 -30.44
C VAL A 322 -39.83 -48.56 -31.76
N ALA A 323 -38.64 -48.63 -32.35
CA ALA A 323 -38.44 -48.03 -33.66
C ALA A 323 -39.37 -48.66 -34.69
N LYS A 324 -39.54 -49.98 -34.63
CA LYS A 324 -40.43 -50.65 -35.57
C LYS A 324 -41.89 -50.28 -35.36
N VAL A 325 -42.34 -50.28 -34.09
CA VAL A 325 -43.73 -49.95 -33.83
C VAL A 325 -44.03 -48.51 -34.26
N LEU A 326 -43.12 -47.59 -33.95
CA LEU A 326 -43.32 -46.19 -34.35
C LEU A 326 -43.23 -46.05 -35.86
N HIS A 327 -42.39 -46.85 -36.52
CA HIS A 327 -42.36 -46.89 -37.97
C HIS A 327 -43.74 -47.27 -38.52
N THR A 328 -44.38 -48.27 -37.92
CA THR A 328 -45.71 -48.66 -38.37
C THR A 328 -46.72 -47.54 -38.15
N ILE A 329 -46.66 -46.87 -37.00
CA ILE A 329 -47.50 -45.71 -36.75
C ILE A 329 -47.32 -44.69 -37.87
N MET A 330 -46.06 -44.40 -38.20
CA MET A 330 -45.75 -43.42 -39.23
C MET A 330 -46.29 -43.87 -40.58
N ASN A 331 -46.21 -45.17 -40.86
CA ASN A 331 -46.76 -45.68 -42.12
C ASN A 331 -48.25 -45.43 -42.20
N LEU A 332 -48.97 -45.67 -41.10
CA LEU A 332 -50.41 -45.43 -41.11
C LEU A 332 -50.71 -43.94 -41.32
N VAL A 333 -49.98 -43.07 -40.63
CA VAL A 333 -50.19 -41.64 -40.79
C VAL A 333 -49.87 -41.20 -42.22
N ASP A 334 -48.84 -41.79 -42.82
CA ASP A 334 -48.50 -41.49 -44.20
C ASP A 334 -49.63 -41.89 -45.13
N LYS A 335 -50.16 -43.10 -44.93
CA LYS A 335 -51.33 -43.52 -45.69
C LYS A 335 -52.44 -42.47 -45.57
N MET A 336 -52.67 -41.96 -44.37
CA MET A 336 -53.77 -41.02 -44.15
C MET A 336 -53.56 -39.69 -44.87
N LEU A 337 -52.37 -39.09 -44.78
CA LEU A 337 -52.22 -37.73 -45.32
C LEU A 337 -52.55 -37.66 -46.80
N ASN A 338 -52.05 -38.60 -47.61
CA ASN A 338 -52.39 -38.62 -49.03
C ASN A 338 -53.78 -39.21 -49.29
N SER A 339 -54.61 -39.29 -48.25
CA SER A 339 -56.01 -39.70 -48.35
C SER A 339 -56.19 -41.07 -49.00
N GLU A 340 -55.17 -41.94 -48.90
CA GLU A 340 -55.37 -43.33 -49.30
C GLU A 340 -56.60 -43.91 -48.62
N ILE A 341 -56.55 -44.05 -47.30
CA ILE A 341 -57.64 -44.63 -46.53
C ILE A 341 -58.59 -43.51 -46.07
N LYS A 342 -59.80 -43.91 -45.71
CA LYS A 342 -60.82 -43.00 -45.21
C LYS A 342 -60.64 -42.86 -43.71
N ILE A 343 -60.54 -41.62 -43.21
CA ILE A 343 -60.35 -41.42 -41.77
C ILE A 343 -61.56 -41.99 -41.05
N THR A 344 -61.35 -43.06 -40.30
CA THR A 344 -62.41 -43.71 -39.55
C THR A 344 -62.04 -43.75 -38.07
N SER A 345 -63.07 -43.76 -37.22
CA SER A 345 -62.84 -43.79 -35.78
C SER A 345 -62.06 -45.03 -35.36
N ASP A 346 -62.29 -46.15 -36.06
CA ASP A 346 -61.56 -47.38 -35.74
C ASP A 346 -60.07 -47.18 -35.98
N LEU A 347 -59.71 -46.37 -36.98
CA LEU A 347 -58.30 -46.16 -37.28
C LEU A 347 -57.61 -45.38 -36.17
N ILE A 348 -58.23 -44.29 -35.71
CA ILE A 348 -57.65 -43.53 -34.60
C ILE A 348 -57.58 -44.40 -33.35
N ASP A 349 -58.61 -45.23 -33.12
CA ASP A 349 -58.58 -46.09 -31.93
C ASP A 349 -57.48 -47.14 -32.05
N LYS A 350 -57.24 -47.66 -33.25
CA LYS A 350 -56.16 -48.61 -33.47
C LYS A 350 -54.81 -47.95 -33.24
N VAL A 351 -54.65 -46.72 -33.72
CA VAL A 351 -53.43 -45.97 -33.45
C VAL A 351 -53.24 -45.80 -31.95
N LYS A 352 -54.33 -45.55 -31.22
CA LYS A 352 -54.25 -45.42 -29.77
C LYS A 352 -53.78 -46.71 -29.13
N LYS A 353 -54.34 -47.84 -29.57
CA LYS A 353 -53.93 -49.14 -29.05
C LYS A 353 -52.45 -49.39 -29.29
N LYS A 354 -51.97 -49.11 -30.51
CA LYS A 354 -50.56 -49.32 -30.81
C LYS A 354 -49.68 -48.37 -30.01
N LEU A 355 -50.14 -47.14 -29.78
CA LEU A 355 -49.39 -46.19 -28.97
C LEU A 355 -49.29 -46.68 -27.52
N ASP A 356 -50.38 -47.23 -26.99
CA ASP A 356 -50.32 -47.82 -25.66
C ASP A 356 -49.36 -48.99 -25.61
N MET A 357 -49.34 -49.80 -26.68
CA MET A 357 -48.37 -50.87 -26.76
C MET A 357 -46.95 -50.32 -26.73
N VAL A 358 -46.72 -49.21 -27.44
CA VAL A 358 -45.42 -48.53 -27.39
C VAL A 358 -45.08 -48.16 -25.95
N THR A 359 -46.04 -47.54 -25.26
CA THR A 359 -45.77 -47.09 -23.89
C THR A 359 -45.41 -48.27 -23.01
N ARG A 360 -46.10 -49.40 -23.17
CA ARG A 360 -45.78 -50.57 -22.37
C ARG A 360 -44.42 -51.17 -22.76
N GLU A 361 -44.06 -51.10 -24.04
CA GLU A 361 -42.73 -51.57 -24.45
C GLU A 361 -41.63 -50.72 -23.80
N LEU A 362 -41.79 -49.40 -23.80
CA LEU A 362 -40.83 -48.54 -23.12
C LEU A 362 -40.79 -48.84 -21.62
N ASP A 363 -41.96 -48.98 -20.99
CA ASP A 363 -41.98 -49.31 -19.57
C ASP A 363 -41.27 -50.63 -19.31
N LYS A 364 -41.42 -51.60 -20.21
CA LYS A 364 -40.71 -52.87 -20.09
C LYS A 364 -39.22 -52.67 -20.23
N MET A 365 -38.81 -51.78 -21.13
CA MET A 365 -37.39 -51.51 -21.33
C MET A 365 -36.77 -50.94 -20.05
N VAL A 366 -37.41 -49.91 -19.48
CA VAL A 366 -36.83 -49.24 -18.32
C VAL A 366 -37.01 -50.07 -17.06
N SER A 367 -38.16 -50.72 -16.90
CA SER A 367 -38.44 -51.50 -15.71
C SER A 367 -37.39 -52.60 -15.52
N ASP B 5 40.06 -12.42 14.35
CA ASP B 5 40.68 -11.13 14.65
C ASP B 5 39.89 -10.01 14.00
N LEU B 6 39.83 -10.02 12.66
CA LEU B 6 39.07 -9.03 11.92
C LEU B 6 37.56 -9.20 12.11
N GLY B 7 37.12 -10.39 12.53
CA GLY B 7 35.70 -10.62 12.72
C GLY B 7 35.08 -9.64 13.70
N LYS B 8 35.81 -9.30 14.77
CA LYS B 8 35.29 -8.31 15.72
C LYS B 8 35.07 -6.98 15.03
N LYS B 9 36.03 -6.56 14.21
CA LYS B 9 35.89 -5.33 13.45
C LYS B 9 34.72 -5.43 12.49
N LEU B 10 34.45 -6.61 11.94
CA LEU B 10 33.32 -6.78 11.02
C LEU B 10 31.99 -6.63 11.76
N LEU B 11 31.85 -7.27 12.92
CA LEU B 11 30.66 -7.06 13.73
C LEU B 11 30.46 -5.58 14.04
N GLU B 12 31.52 -4.90 14.50
CA GLU B 12 31.36 -3.51 14.89
C GLU B 12 31.07 -2.61 13.69
N ALA B 13 31.63 -2.94 12.52
CA ALA B 13 31.37 -2.13 11.33
C ALA B 13 29.95 -2.34 10.83
N ALA B 14 29.47 -3.58 10.81
CA ALA B 14 28.07 -3.82 10.47
C ALA B 14 27.15 -3.11 11.45
N ARG B 15 27.56 -3.06 12.72
CA ARG B 15 26.78 -2.38 13.76
C ARG B 15 26.72 -0.88 13.51
N ALA B 16 27.86 -0.28 13.15
CA ALA B 16 27.95 1.17 13.01
C ALA B 16 27.39 1.68 11.68
N GLY B 17 27.22 0.81 10.69
CA GLY B 17 26.69 1.23 9.41
C GLY B 17 27.70 1.71 8.40
N GLN B 18 28.95 1.24 8.48
CA GLN B 18 30.00 1.65 7.55
C GLN B 18 29.98 0.72 6.34
N ASP B 19 29.19 1.07 5.33
CA ASP B 19 29.07 0.24 4.14
C ASP B 19 30.45 -0.06 3.55
N ASP B 20 31.22 1.00 3.30
CA ASP B 20 32.54 0.84 2.71
C ASP B 20 33.46 0.01 3.61
N GLU B 21 33.39 0.26 4.91
CA GLU B 21 34.25 -0.50 5.82
C GLU B 21 33.87 -1.98 5.82
N VAL B 22 32.56 -2.26 5.78
CA VAL B 22 32.11 -3.66 5.73
C VAL B 22 32.62 -4.33 4.46
N ARG B 23 32.47 -3.67 3.31
CA ARG B 23 32.96 -4.30 2.08
C ARG B 23 34.47 -4.52 2.15
N ILE B 24 35.21 -3.58 2.74
CA ILE B 24 36.66 -3.72 2.84
C ILE B 24 37.02 -4.93 3.69
N LEU B 25 36.41 -5.06 4.87
CA LEU B 25 36.70 -6.22 5.71
C LEU B 25 36.33 -7.51 5.01
N LEU B 26 35.20 -7.53 4.31
CA LEU B 26 34.83 -8.71 3.53
C LEU B 26 35.89 -9.02 2.47
N ALA B 27 36.49 -7.98 1.89
CA ALA B 27 37.52 -8.19 0.88
C ALA B 27 38.75 -8.85 1.47
N ASN B 28 39.08 -8.54 2.72
CA ASN B 28 40.26 -9.10 3.38
C ASN B 28 39.98 -10.45 4.03
N GLY B 29 38.97 -11.17 3.55
CA GLY B 29 38.72 -12.52 4.03
C GLY B 29 38.04 -12.60 5.37
N ALA B 30 37.27 -11.59 5.75
CA ALA B 30 36.55 -11.65 7.01
C ALA B 30 35.42 -12.66 6.93
N ASP B 31 35.27 -13.46 7.98
CA ASP B 31 34.22 -14.46 8.03
C ASP B 31 32.87 -13.78 8.26
N VAL B 32 31.97 -13.90 7.28
CA VAL B 32 30.70 -13.20 7.34
C VAL B 32 29.83 -13.72 8.49
N ASN B 33 30.04 -14.96 8.92
CA ASN B 33 29.19 -15.59 9.92
C ASN B 33 29.82 -15.61 11.32
N THR B 34 30.78 -14.74 11.59
CA THR B 34 31.31 -14.63 12.94
C THR B 34 30.20 -14.29 13.93
N ALA B 35 30.46 -14.57 15.20
CA ALA B 35 29.49 -14.35 16.26
C ALA B 35 30.20 -13.69 17.45
N ASP B 36 29.43 -12.93 18.22
CA ASP B 36 29.96 -12.29 19.42
C ASP B 36 29.77 -13.24 20.61
N GLU B 37 29.89 -12.71 21.82
CA GLU B 37 29.73 -13.54 23.01
C GLU B 37 28.31 -14.11 23.10
N THR B 38 27.31 -13.26 22.89
CA THR B 38 25.91 -13.66 22.98
C THR B 38 25.38 -14.29 21.70
N GLY B 39 26.20 -14.36 20.65
CA GLY B 39 25.82 -15.06 19.43
C GLY B 39 25.25 -14.22 18.32
N PHE B 40 25.41 -12.89 18.37
CA PHE B 40 24.94 -12.04 17.27
C PHE B 40 25.95 -12.08 16.13
N THR B 41 25.50 -12.52 14.96
CA THR B 41 26.31 -12.42 13.76
C THR B 41 26.12 -11.04 13.15
N PRO B 42 27.02 -10.59 12.27
CA PRO B 42 26.84 -9.26 11.67
C PRO B 42 25.46 -9.04 11.06
N LEU B 43 24.79 -10.10 10.61
CA LEU B 43 23.45 -9.94 10.05
C LEU B 43 22.45 -9.53 11.13
N HIS B 44 22.52 -10.17 12.31
CA HIS B 44 21.70 -9.70 13.43
C HIS B 44 21.87 -8.21 13.65
N LEU B 45 23.13 -7.76 13.74
CA LEU B 45 23.38 -6.37 14.10
C LEU B 45 22.93 -5.43 12.99
N ALA B 46 23.13 -5.81 11.73
CA ALA B 46 22.68 -4.98 10.63
C ALA B 46 21.17 -4.85 10.62
N ALA B 47 20.45 -5.95 10.84
CA ALA B 47 19.00 -5.87 10.90
C ALA B 47 18.54 -5.04 12.10
N TRP B 48 19.20 -5.22 13.25
CA TRP B 48 18.86 -4.45 14.44
C TRP B 48 19.01 -2.95 14.21
N GLU B 49 20.18 -2.52 13.75
CA GLU B 49 20.42 -1.10 13.55
C GLU B 49 19.71 -0.57 12.31
N GLY B 50 19.21 -1.44 11.44
CA GLY B 50 18.43 -1.00 10.30
C GLY B 50 19.23 -0.57 9.09
N HIS B 51 20.35 -1.23 8.81
CA HIS B 51 21.19 -0.90 7.66
C HIS B 51 20.85 -1.86 6.52
N LEU B 52 19.92 -1.44 5.66
CA LEU B 52 19.48 -2.30 4.57
C LEU B 52 20.64 -2.67 3.64
N GLY B 53 21.49 -1.70 3.32
CA GLY B 53 22.60 -1.98 2.42
C GLY B 53 23.51 -3.06 2.95
N ILE B 54 23.86 -2.97 4.24
CA ILE B 54 24.74 -3.96 4.85
C ILE B 54 24.05 -5.32 4.91
N VAL B 55 22.75 -5.34 5.21
CA VAL B 55 22.01 -6.60 5.18
C VAL B 55 22.15 -7.25 3.81
N GLU B 56 21.91 -6.48 2.75
CA GLU B 56 21.99 -7.04 1.41
C GLU B 56 23.40 -7.54 1.11
N VAL B 57 24.41 -6.74 1.44
CA VAL B 57 25.80 -7.15 1.17
C VAL B 57 26.11 -8.46 1.89
N LEU B 58 25.82 -8.51 3.19
CA LEU B 58 26.08 -9.73 3.96
C LEU B 58 25.37 -10.93 3.35
N LEU B 59 24.09 -10.77 2.98
CA LEU B 59 23.37 -11.88 2.37
C LEU B 59 24.01 -12.30 1.04
N LYS B 60 24.56 -11.35 0.28
CA LYS B 60 25.22 -11.68 -0.97
C LYS B 60 26.48 -12.50 -0.74
N ASN B 61 27.21 -12.22 0.35
CA ASN B 61 28.47 -12.89 0.65
C ASN B 61 28.30 -14.10 1.56
N GLY B 62 27.12 -14.73 1.55
CA GLY B 62 26.93 -15.99 2.24
C GLY B 62 26.49 -15.87 3.69
N ALA B 63 25.87 -14.76 4.08
CA ALA B 63 25.39 -14.64 5.45
C ALA B 63 24.24 -15.60 5.70
N ASP B 64 24.22 -16.18 6.90
CA ASP B 64 23.19 -17.15 7.27
C ASP B 64 21.93 -16.41 7.67
N VAL B 65 20.90 -16.48 6.83
CA VAL B 65 19.67 -15.74 7.09
C VAL B 65 19.02 -16.22 8.38
N ASN B 66 19.22 -17.49 8.73
CA ASN B 66 18.58 -18.10 9.89
C ASN B 66 19.54 -18.29 11.04
N ALA B 67 20.64 -17.53 11.09
CA ALA B 67 21.58 -17.66 12.19
C ALA B 67 20.85 -17.45 13.51
N ASN B 68 21.13 -18.32 14.47
CA ASN B 68 20.50 -18.26 15.78
C ASN B 68 21.50 -17.80 16.83
N ASP B 69 21.04 -16.97 17.75
CA ASP B 69 21.85 -16.54 18.89
C ASP B 69 21.46 -17.36 20.13
N GLU B 70 21.96 -16.94 21.30
CA GLU B 70 21.69 -17.69 22.52
C GLU B 70 20.20 -17.73 22.85
N ARG B 71 19.52 -16.60 22.77
CA ARG B 71 18.11 -16.53 23.16
C ARG B 71 17.17 -16.98 22.05
N GLY B 72 17.70 -17.56 20.96
CA GLY B 72 16.87 -18.10 19.91
C GLY B 72 16.32 -17.11 18.91
N HIS B 73 16.94 -15.94 18.76
CA HIS B 73 16.44 -14.92 17.85
C HIS B 73 17.24 -14.94 16.55
N THR B 74 16.54 -15.09 15.43
CA THR B 74 17.14 -14.95 14.11
C THR B 74 17.08 -13.49 13.67
N PRO B 75 17.79 -13.13 12.60
CA PRO B 75 17.71 -11.75 12.10
C PRO B 75 16.29 -11.29 11.82
N LEU B 76 15.37 -12.20 11.49
CA LEU B 76 13.99 -11.81 11.24
C LEU B 76 13.30 -11.36 12.52
N HIS B 77 13.56 -12.04 13.64
CA HIS B 77 13.05 -11.56 14.92
C HIS B 77 13.44 -10.11 15.16
N LEU B 78 14.71 -9.78 14.96
CA LEU B 78 15.20 -8.44 15.25
C LEU B 78 14.63 -7.42 14.26
N ALA B 79 14.53 -7.80 12.98
CA ALA B 79 13.94 -6.90 12.00
C ALA B 79 12.47 -6.61 12.31
N ALA B 80 11.73 -7.62 12.75
CA ALA B 80 10.32 -7.42 13.08
C ALA B 80 10.18 -6.61 14.37
N TYR B 81 11.03 -6.87 15.36
CA TYR B 81 11.04 -6.08 16.59
C TYR B 81 11.27 -4.61 16.29
N THR B 82 12.40 -4.29 15.64
CA THR B 82 12.75 -2.90 15.38
C THR B 82 11.81 -2.25 14.36
N GLY B 83 11.17 -3.04 13.50
CA GLY B 83 10.17 -2.50 12.60
C GLY B 83 10.69 -2.00 11.28
N HIS B 84 11.78 -2.57 10.77
CA HIS B 84 12.34 -2.17 9.47
C HIS B 84 11.71 -3.05 8.40
N LEU B 85 10.73 -2.52 7.67
CA LEU B 85 9.95 -3.34 6.76
C LEU B 85 10.80 -3.90 5.61
N GLU B 86 11.61 -3.05 4.98
CA GLU B 86 12.35 -3.48 3.80
C GLU B 86 13.33 -4.59 4.16
N ILE B 87 13.95 -4.50 5.33
CA ILE B 87 14.87 -5.56 5.77
C ILE B 87 14.10 -6.86 6.01
N VAL B 88 12.91 -6.76 6.62
CA VAL B 88 12.06 -7.94 6.79
C VAL B 88 11.79 -8.58 5.44
N GLU B 89 11.44 -7.76 4.45
CA GLU B 89 11.11 -8.29 3.13
C GLU B 89 12.32 -8.97 2.48
N VAL B 90 13.49 -8.35 2.60
CA VAL B 90 14.69 -8.95 2.02
C VAL B 90 15.02 -10.28 2.69
N LEU B 91 14.97 -10.31 4.03
CA LEU B 91 15.24 -11.55 4.74
C LEU B 91 14.27 -12.65 4.32
N LEU B 92 12.97 -12.33 4.26
CA LEU B 92 11.99 -13.31 3.82
C LEU B 92 12.26 -13.75 2.39
N LYS B 93 12.69 -12.83 1.53
CA LYS B 93 13.03 -13.19 0.15
C LYS B 93 14.20 -14.16 0.11
N ASN B 94 15.14 -14.04 1.05
CA ASN B 94 16.27 -14.95 1.13
C ASN B 94 16.00 -16.15 2.05
N GLY B 95 14.76 -16.59 2.13
CA GLY B 95 14.44 -17.82 2.84
C GLY B 95 14.47 -17.73 4.35
N ALA B 96 14.00 -16.62 4.92
CA ALA B 96 13.96 -16.48 6.37
C ALA B 96 12.82 -17.30 6.96
N GLY B 97 13.02 -17.78 8.18
CA GLY B 97 12.02 -18.58 8.87
C GLY B 97 10.87 -17.76 9.43
N VAL B 98 9.75 -17.76 8.73
CA VAL B 98 8.62 -16.93 9.13
C VAL B 98 8.05 -17.39 10.47
N ASN B 99 8.06 -18.69 10.73
CA ASN B 99 7.51 -19.24 11.97
C ASN B 99 8.61 -19.72 12.92
N ALA B 100 9.83 -19.24 12.74
CA ALA B 100 10.91 -19.60 13.65
C ALA B 100 10.56 -19.17 15.07
N THR B 101 10.80 -20.06 16.03
CA THR B 101 10.49 -19.80 17.43
C THR B 101 11.79 -19.78 18.22
N ASP B 102 11.90 -18.81 19.13
CA ASP B 102 13.08 -18.66 19.95
C ASP B 102 12.98 -19.54 21.19
N VAL B 103 13.84 -19.30 22.17
CA VAL B 103 13.91 -20.17 23.34
C VAL B 103 12.63 -20.06 24.16
N ILE B 104 11.96 -18.90 24.13
CA ILE B 104 10.72 -18.71 24.87
C ILE B 104 9.50 -19.08 24.04
N GLY B 105 9.67 -19.56 22.81
CA GLY B 105 8.55 -19.91 21.96
C GLY B 105 7.93 -18.73 21.25
N THR B 106 8.63 -17.61 21.16
CA THR B 106 8.11 -16.39 20.55
C THR B 106 8.51 -16.33 19.08
N ALA B 107 7.53 -16.22 18.21
CA ALA B 107 7.78 -16.10 16.77
C ALA B 107 7.94 -14.64 16.38
N PRO B 108 8.47 -14.37 15.18
CA PRO B 108 8.60 -12.97 14.74
C PRO B 108 7.29 -12.21 14.74
N LEU B 109 6.17 -12.89 14.47
CA LEU B 109 4.88 -12.22 14.45
C LEU B 109 4.56 -11.64 15.83
N HIS B 110 4.93 -12.35 16.90
CA HIS B 110 4.77 -11.79 18.24
C HIS B 110 5.52 -10.46 18.37
N LEU B 111 6.78 -10.43 17.94
CA LEU B 111 7.59 -9.24 18.11
C LEU B 111 7.05 -8.09 17.27
N ALA B 112 6.55 -8.39 16.07
CA ALA B 112 5.99 -7.34 15.22
C ALA B 112 4.70 -6.80 15.79
N ALA B 113 3.81 -7.69 16.23
CA ALA B 113 2.50 -7.26 16.71
C ALA B 113 2.57 -6.55 18.06
N MET B 114 3.54 -6.91 18.90
CA MET B 114 3.55 -6.33 20.24
C MET B 114 3.82 -4.83 20.22
N TRP B 115 4.43 -4.30 19.15
CA TRP B 115 4.66 -2.86 19.06
C TRP B 115 3.81 -2.21 17.97
N GLY B 116 2.87 -2.95 17.38
CA GLY B 116 1.98 -2.37 16.38
C GLY B 116 2.64 -2.03 15.06
N HIS B 117 3.56 -2.86 14.59
CA HIS B 117 4.18 -2.68 13.27
C HIS B 117 3.24 -3.30 12.23
N GLU B 118 2.22 -2.52 11.86
CA GLU B 118 1.11 -3.07 11.08
C GLU B 118 1.60 -3.67 9.76
N GLU B 119 2.44 -2.92 9.03
CA GLU B 119 2.87 -3.38 7.72
C GLU B 119 3.63 -4.70 7.82
N ILE B 120 4.53 -4.81 8.80
CA ILE B 120 5.27 -6.06 8.97
C ILE B 120 4.34 -7.19 9.40
N VAL B 121 3.32 -6.88 10.21
CA VAL B 121 2.34 -7.91 10.57
C VAL B 121 1.66 -8.44 9.32
N GLU B 122 1.22 -7.53 8.45
CA GLU B 122 0.56 -7.95 7.21
C GLU B 122 1.49 -8.79 6.33
N VAL B 123 2.75 -8.36 6.19
CA VAL B 123 3.69 -9.10 5.36
C VAL B 123 3.95 -10.48 5.95
N LEU B 124 4.21 -10.55 7.25
CA LEU B 124 4.48 -11.84 7.89
C LEU B 124 3.31 -12.79 7.72
N LEU B 125 2.08 -12.30 7.95
CA LEU B 125 0.92 -13.16 7.76
C LEU B 125 0.78 -13.59 6.31
N LYS B 126 1.10 -12.69 5.38
CA LYS B 126 1.09 -13.06 3.96
C LYS B 126 2.00 -14.25 3.70
N ASN B 127 3.16 -14.30 4.38
CA ASN B 127 4.12 -15.38 4.20
C ASN B 127 3.90 -16.53 5.17
N GLY B 128 2.64 -16.82 5.52
CA GLY B 128 2.33 -18.00 6.31
C GLY B 128 2.71 -17.95 7.77
N ALA B 129 2.71 -16.76 8.38
CA ALA B 129 2.95 -16.66 9.81
C ALA B 129 1.75 -17.16 10.60
N ASP B 130 2.03 -17.87 11.69
CA ASP B 130 0.98 -18.49 12.50
C ASP B 130 0.39 -17.46 13.45
N ALA B 131 -0.86 -17.06 13.21
CA ALA B 131 -1.51 -16.07 14.04
C ALA B 131 -1.83 -16.59 15.44
N ARG B 132 -2.01 -17.91 15.58
CA ARG B 132 -2.41 -18.52 16.84
C ARG B 132 -1.24 -19.05 17.67
N ALA B 133 0.00 -18.78 17.26
CA ALA B 133 1.18 -19.21 18.01
C ALA B 133 1.20 -18.64 19.43
N GLN B 134 1.62 -19.46 20.39
CA GLN B 134 1.77 -19.05 21.79
C GLN B 134 3.19 -19.20 22.29
N ASP B 135 3.64 -18.20 23.03
CA ASP B 135 4.91 -18.26 23.75
C ASP B 135 4.70 -18.97 25.08
N LYS B 136 5.72 -18.99 25.94
CA LYS B 136 5.61 -19.71 27.21
C LYS B 136 4.52 -19.15 28.12
N PHE B 137 4.03 -17.94 27.86
CA PHE B 137 3.01 -17.33 28.70
C PHE B 137 1.63 -17.37 28.08
N GLY B 138 1.43 -18.22 27.07
CA GLY B 138 0.12 -18.35 26.45
C GLY B 138 -0.39 -17.08 25.80
N LYS B 139 0.52 -16.31 25.21
CA LYS B 139 0.17 -15.03 24.59
C LYS B 139 0.30 -15.16 23.08
N THR B 140 -0.79 -14.87 22.38
CA THR B 140 -0.78 -14.78 20.92
C THR B 140 -0.37 -13.37 20.50
N PRO B 141 -0.01 -13.19 19.23
CA PRO B 141 0.26 -11.82 18.75
C PRO B 141 -0.88 -10.86 19.03
N GLU B 142 -2.12 -11.32 18.86
CA GLU B 142 -3.28 -10.53 19.29
C GLU B 142 -3.13 -10.07 20.73
N ASP B 143 -2.82 -11.01 21.62
CA ASP B 143 -2.73 -10.69 23.04
C ASP B 143 -1.63 -9.67 23.31
N LEU B 144 -0.46 -9.86 22.70
CA LEU B 144 0.65 -8.94 22.95
C LEU B 144 0.33 -7.56 22.43
N ALA B 145 -0.32 -7.47 21.26
CA ALA B 145 -0.70 -6.17 20.73
C ALA B 145 -1.75 -5.50 21.60
N ARG B 146 -2.71 -6.28 22.12
CA ARG B 146 -3.77 -5.72 22.94
C ARG B 146 -3.23 -5.25 24.29
N ASP B 147 -2.30 -5.99 24.87
CA ASP B 147 -1.76 -5.61 26.18
C ASP B 147 -0.99 -4.30 26.11
N ASN B 148 -0.40 -4.00 24.95
CA ASN B 148 0.40 -2.79 24.79
C ASN B 148 -0.39 -1.63 24.19
N GLY B 149 -1.70 -1.80 24.00
CA GLY B 149 -2.55 -0.68 23.60
C GLY B 149 -2.63 -0.43 22.12
N TYR B 150 -2.26 -1.40 21.28
CA TYR B 150 -2.31 -1.24 19.83
C TYR B 150 -3.60 -1.90 19.34
N GLU B 151 -4.70 -1.14 19.37
CA GLU B 151 -6.01 -1.71 19.11
C GLU B 151 -6.19 -2.12 17.65
N SER B 152 -5.66 -1.34 16.72
CA SER B 152 -5.86 -1.62 15.30
C SER B 152 -5.25 -2.96 14.92
N VAL B 153 -3.96 -3.13 15.20
CA VAL B 153 -3.30 -4.40 14.88
C VAL B 153 -3.94 -5.54 15.66
N ALA B 154 -4.45 -5.27 16.85
CA ALA B 154 -5.14 -6.30 17.62
C ALA B 154 -6.39 -6.79 16.89
N ARG B 155 -7.21 -5.85 16.39
CA ARG B 155 -8.38 -6.24 15.63
C ARG B 155 -7.98 -6.99 14.37
N LEU B 156 -6.86 -6.57 13.75
CA LEU B 156 -6.38 -7.26 12.55
C LEU B 156 -6.02 -8.70 12.87
N ALA B 157 -5.30 -8.92 13.97
CA ALA B 157 -4.93 -10.28 14.37
C ALA B 157 -6.17 -11.11 14.67
N ARG B 158 -7.17 -10.51 15.31
CA ARG B 158 -8.44 -11.22 15.52
C ARG B 158 -9.06 -11.66 14.20
N LYS B 159 -9.19 -10.73 13.26
CA LYS B 159 -9.79 -11.06 11.97
C LYS B 159 -8.99 -12.14 11.25
N GLU B 160 -7.66 -12.08 11.37
CA GLU B 160 -6.81 -13.07 10.72
C GLU B 160 -6.98 -14.45 11.35
N ILE B 161 -7.07 -14.53 12.68
CA ILE B 161 -7.35 -15.81 13.32
C ILE B 161 -8.68 -16.38 12.83
N ILE B 162 -9.70 -15.52 12.75
CA ILE B 162 -11.00 -15.97 12.24
C ILE B 162 -10.83 -16.50 10.82
N ARG B 163 -10.05 -15.79 10.00
CA ARG B 163 -9.84 -16.19 8.62
C ARG B 163 -9.14 -17.54 8.54
N ALA B 164 -8.20 -17.78 9.45
CA ALA B 164 -7.52 -19.07 9.50
C ALA B 164 -8.50 -20.20 9.85
N VAL B 165 -9.41 -19.94 10.80
CA VAL B 165 -10.41 -20.95 11.13
C VAL B 165 -11.29 -21.23 9.91
N VAL B 166 -11.65 -20.17 9.17
CA VAL B 166 -12.42 -20.36 7.95
C VAL B 166 -11.63 -21.18 6.95
N ASP B 167 -10.30 -21.02 6.92
CA ASP B 167 -9.47 -21.83 6.05
C ASP B 167 -9.58 -23.31 6.43
N GLU B 168 -9.55 -23.60 7.73
CA GLU B 168 -9.76 -24.98 8.16
C GLU B 168 -11.11 -25.49 7.66
N LEU B 169 -12.15 -24.67 7.76
CA LEU B 169 -13.46 -25.09 7.28
C LEU B 169 -13.43 -25.36 5.78
N LYS B 170 -12.67 -24.57 5.03
CA LYS B 170 -12.54 -24.78 3.59
C LYS B 170 -11.88 -26.13 3.30
N GLU B 171 -10.84 -26.46 4.07
CA GLU B 171 -10.18 -27.75 3.91
C GLU B 171 -11.14 -28.89 4.21
N LEU B 172 -11.95 -28.74 5.27
CA LEU B 172 -12.94 -29.75 5.60
C LEU B 172 -13.95 -29.92 4.47
N ILE B 173 -14.39 -28.81 3.86
CA ILE B 173 -15.35 -28.92 2.76
C ILE B 173 -14.71 -29.65 1.58
N GLN B 174 -13.43 -29.38 1.31
N GLN B 174 -13.43 -29.38 1.31
CA GLN B 174 -12.77 -30.09 0.21
CA GLN B 174 -12.76 -30.09 0.22
C GLN B 174 -12.70 -31.59 0.48
C GLN B 174 -12.71 -31.58 0.49
N ASN B 175 -12.42 -31.97 1.73
CA ASN B 175 -12.50 -33.39 2.10
C ASN B 175 -13.90 -33.94 1.86
N VAL B 176 -14.93 -33.20 2.27
CA VAL B 176 -16.30 -33.68 2.08
C VAL B 176 -16.61 -33.85 0.59
N ASN B 177 -16.10 -32.95 -0.24
CA ASN B 177 -16.34 -33.05 -1.67
C ASN B 177 -15.64 -34.27 -2.26
N ASP B 178 -14.41 -34.53 -1.82
CA ASP B 178 -13.73 -35.76 -2.23
C ASP B 178 -14.55 -36.99 -1.82
N ASP B 179 -15.07 -36.99 -0.60
CA ASP B 179 -15.84 -38.14 -0.13
C ASP B 179 -17.10 -38.34 -0.98
N ILE B 180 -17.82 -37.26 -1.29
CA ILE B 180 -19.05 -37.44 -2.08
C ILE B 180 -18.70 -37.84 -3.51
N LYS B 181 -17.59 -37.35 -4.06
CA LYS B 181 -17.15 -37.82 -5.37
C LYS B 181 -16.96 -39.33 -5.35
N GLU B 182 -16.29 -39.83 -4.31
CA GLU B 182 -16.03 -41.26 -4.23
C GLU B 182 -17.31 -42.05 -3.97
N VAL B 183 -18.28 -41.44 -3.26
CA VAL B 183 -19.54 -42.13 -2.99
C VAL B 183 -20.38 -42.27 -4.25
N GLU B 184 -20.47 -41.21 -5.06
CA GLU B 184 -21.25 -41.28 -6.28
C GLU B 184 -20.87 -42.49 -7.13
N LYS B 185 -19.61 -42.92 -7.06
CA LYS B 185 -19.16 -44.07 -7.84
C LYS B 185 -19.67 -45.38 -7.27
N ASN B 186 -19.62 -45.53 -5.94
CA ASN B 186 -20.05 -46.75 -5.27
C ASN B 186 -21.07 -46.40 -4.19
N PRO B 187 -22.33 -46.21 -4.58
CA PRO B 187 -23.35 -45.87 -3.57
C PRO B 187 -23.52 -46.94 -2.50
N GLU B 188 -23.01 -48.15 -2.71
CA GLU B 188 -23.22 -49.21 -1.74
C GLU B 188 -22.47 -48.93 -0.44
N ASP B 189 -21.25 -48.42 -0.54
CA ASP B 189 -20.42 -48.20 0.64
C ASP B 189 -21.03 -47.08 1.47
N MET B 190 -21.59 -47.42 2.63
CA MET B 190 -22.18 -46.42 3.51
C MET B 190 -21.16 -45.73 4.41
N GLU B 191 -19.97 -46.32 4.58
CA GLU B 191 -18.97 -45.73 5.48
C GLU B 191 -18.66 -44.29 5.10
N TYR B 192 -18.49 -44.02 3.80
CA TYR B 192 -18.22 -42.66 3.35
C TYR B 192 -19.29 -41.70 3.83
N TRP B 193 -20.56 -42.14 3.89
CA TRP B 193 -21.59 -41.26 4.40
C TRP B 193 -21.36 -40.95 5.88
N ASN B 194 -20.80 -41.89 6.64
CA ASN B 194 -20.44 -41.58 8.03
C ASN B 194 -19.31 -40.57 8.08
N LYS B 195 -18.32 -40.73 7.20
CA LYS B 195 -17.24 -39.75 7.11
C LYS B 195 -17.81 -38.36 6.85
N ILE B 196 -18.73 -38.27 5.89
CA ILE B 196 -19.34 -36.99 5.51
C ILE B 196 -20.17 -36.43 6.65
N TYR B 197 -20.96 -37.27 7.32
CA TYR B 197 -21.78 -36.80 8.43
C TYR B 197 -20.90 -36.22 9.52
N ARG B 198 -19.81 -36.89 9.86
CA ARG B 198 -18.95 -36.36 10.91
C ARG B 198 -18.30 -35.05 10.50
N LEU B 199 -17.81 -34.95 9.25
CA LEU B 199 -17.20 -33.71 8.81
C LEU B 199 -18.20 -32.56 8.86
N VAL B 200 -19.41 -32.80 8.37
CA VAL B 200 -20.44 -31.77 8.37
C VAL B 200 -20.84 -31.39 9.79
N HIS B 201 -20.84 -32.35 10.71
CA HIS B 201 -21.18 -32.06 12.10
C HIS B 201 -20.12 -31.19 12.75
N THR B 202 -18.85 -31.50 12.51
CA THR B 202 -17.77 -30.65 13.01
C THR B 202 -17.89 -29.24 12.46
N MET B 203 -18.14 -29.12 11.15
CA MET B 203 -18.32 -27.81 10.56
C MET B 203 -19.49 -27.06 11.20
N LYS B 204 -20.63 -27.74 11.39
CA LYS B 204 -21.75 -27.05 12.01
C LYS B 204 -21.38 -26.53 13.38
N GLU B 205 -20.68 -27.35 14.18
CA GLU B 205 -20.35 -26.92 15.54
C GLU B 205 -19.43 -25.70 15.51
N ILE B 206 -18.35 -25.75 14.72
CA ILE B 206 -17.45 -24.61 14.63
C ILE B 206 -18.20 -23.36 14.16
N THR B 207 -18.98 -23.51 13.09
CA THR B 207 -19.71 -22.38 12.53
C THR B 207 -20.70 -21.79 13.53
N GLU B 208 -21.47 -22.67 14.19
CA GLU B 208 -22.42 -22.24 15.20
C GLU B 208 -21.71 -21.48 16.32
N THR B 209 -20.53 -21.96 16.72
CA THR B 209 -19.76 -21.25 17.73
C THR B 209 -19.43 -19.84 17.25
N MET B 210 -18.99 -19.71 16.00
CA MET B 210 -18.81 -18.37 15.47
C MET B 210 -20.18 -17.73 15.30
N GLY B 211 -20.21 -16.48 14.87
CA GLY B 211 -21.48 -15.80 14.71
C GLY B 211 -22.13 -16.06 13.37
N PHE B 212 -21.80 -17.18 12.73
CA PHE B 212 -22.32 -17.51 11.40
C PHE B 212 -23.51 -18.48 11.51
N SER B 213 -24.57 -18.05 12.19
CA SER B 213 -25.70 -18.94 12.43
C SER B 213 -26.31 -19.52 11.15
N PRO B 214 -26.55 -18.75 10.09
CA PRO B 214 -27.16 -19.33 8.88
C PRO B 214 -26.37 -20.48 8.29
N VAL B 215 -25.04 -20.32 8.18
CA VAL B 215 -24.21 -21.40 7.67
C VAL B 215 -24.37 -22.64 8.54
N ALA B 216 -24.47 -22.44 9.86
CA ALA B 216 -24.67 -23.55 10.78
C ALA B 216 -25.99 -24.26 10.48
N LEU B 217 -27.05 -23.49 10.22
CA LEU B 217 -28.36 -24.11 9.98
C LEU B 217 -28.39 -24.86 8.65
N VAL B 218 -27.76 -24.32 7.61
CA VAL B 218 -27.68 -25.06 6.35
C VAL B 218 -26.88 -26.34 6.53
N LEU B 219 -25.79 -26.28 7.28
CA LEU B 219 -25.06 -27.50 7.61
C LEU B 219 -25.93 -28.48 8.38
N GLU B 220 -26.81 -27.98 9.24
CA GLU B 220 -27.71 -28.86 9.97
C GLU B 220 -28.68 -29.56 9.03
N ALA B 221 -29.19 -28.83 8.05
CA ALA B 221 -30.04 -29.44 7.02
C ALA B 221 -29.27 -30.53 6.27
N ILE B 222 -28.03 -30.23 5.89
CA ILE B 222 -27.17 -31.23 5.25
C ILE B 222 -27.08 -32.48 6.12
N MET B 223 -26.86 -32.30 7.43
CA MET B 223 -26.75 -33.46 8.30
C MET B 223 -28.04 -34.25 8.32
N MET B 224 -29.17 -33.55 8.36
CA MET B 224 -30.47 -34.23 8.38
C MET B 224 -30.63 -35.11 7.15
N LEU B 225 -30.35 -34.55 5.96
CA LEU B 225 -30.50 -35.34 4.74
C LEU B 225 -29.57 -36.55 4.75
N VAL B 226 -28.28 -36.31 5.02
CA VAL B 226 -27.33 -37.42 4.96
C VAL B 226 -27.68 -38.49 5.99
N LYS B 227 -28.21 -38.09 7.14
CA LYS B 227 -28.59 -39.09 8.14
C LYS B 227 -29.81 -39.88 7.70
N LEU B 228 -30.83 -39.22 7.16
CA LEU B 228 -31.99 -39.97 6.66
C LEU B 228 -31.55 -40.98 5.63
N MET B 229 -30.73 -40.58 4.67
CA MET B 229 -30.34 -41.52 3.63
C MET B 229 -29.42 -42.60 4.19
N LEU B 230 -28.63 -42.28 5.22
CA LEU B 230 -27.77 -43.28 5.84
C LEU B 230 -28.61 -44.37 6.50
N ASN B 231 -29.58 -43.98 7.32
CA ASN B 231 -30.52 -44.91 7.95
C ASN B 231 -31.79 -45.02 7.10
N SER B 232 -31.61 -45.52 5.87
CA SER B 232 -32.69 -45.57 4.90
C SER B 232 -33.59 -46.78 5.07
N GLU B 233 -34.90 -46.58 4.86
CA GLU B 233 -35.86 -47.65 4.73
C GLU B 233 -35.97 -48.17 3.31
N ILE B 234 -35.80 -47.28 2.33
CA ILE B 234 -35.85 -47.61 0.90
C ILE B 234 -34.65 -46.96 0.23
N LYS B 235 -34.34 -47.44 -0.97
CA LYS B 235 -33.22 -46.86 -1.70
C LYS B 235 -33.52 -45.42 -2.07
N ILE B 236 -32.67 -44.53 -1.57
CA ILE B 236 -32.85 -43.08 -1.66
C ILE B 236 -32.45 -42.57 -3.04
N THR B 237 -33.39 -41.94 -3.74
CA THR B 237 -33.15 -41.33 -5.04
C THR B 237 -31.83 -40.57 -5.09
N SER B 238 -31.32 -40.34 -6.29
CA SER B 238 -30.10 -39.58 -6.51
C SER B 238 -30.27 -38.08 -6.34
N ASP B 239 -31.50 -37.57 -6.42
CA ASP B 239 -31.71 -36.12 -6.36
C ASP B 239 -31.31 -35.53 -5.02
N LEU B 240 -31.51 -36.26 -3.92
CA LEU B 240 -31.07 -35.75 -2.63
C LEU B 240 -29.57 -35.57 -2.57
N ILE B 241 -28.81 -36.44 -3.24
CA ILE B 241 -27.36 -36.24 -3.31
C ILE B 241 -27.05 -34.93 -3.99
N ASP B 242 -27.78 -34.60 -5.05
CA ASP B 242 -27.59 -33.33 -5.73
C ASP B 242 -27.93 -32.15 -4.82
N ALA B 243 -29.00 -32.28 -4.05
CA ALA B 243 -29.36 -31.23 -3.10
C ALA B 243 -28.27 -31.02 -2.04
N VAL B 244 -27.75 -32.12 -1.50
CA VAL B 244 -26.69 -32.03 -0.49
C VAL B 244 -25.46 -31.37 -1.07
N LYS B 245 -25.06 -31.77 -2.28
N LYS B 245 -25.05 -31.76 -2.28
CA LYS B 245 -23.89 -31.17 -2.92
CA LYS B 245 -23.88 -31.14 -2.89
C LYS B 245 -24.12 -29.68 -3.19
C LYS B 245 -24.12 -29.67 -3.18
N LYS B 246 -25.34 -29.32 -3.60
CA LYS B 246 -25.64 -27.93 -3.89
C LYS B 246 -25.59 -27.09 -2.61
N MET B 247 -26.08 -27.65 -1.51
CA MET B 247 -25.98 -26.94 -0.22
C MET B 247 -24.53 -26.83 0.24
N LEU B 248 -23.71 -27.85 -0.02
CA LEU B 248 -22.29 -27.73 0.30
C LEU B 248 -21.64 -26.59 -0.49
N ASP B 249 -21.98 -26.49 -1.77
CA ASP B 249 -21.50 -25.35 -2.57
C ASP B 249 -21.97 -24.04 -1.95
N MET B 250 -23.22 -24.01 -1.50
CA MET B 250 -23.77 -22.80 -0.89
C MET B 250 -23.05 -22.46 0.41
N VAL B 251 -22.65 -23.48 1.18
CA VAL B 251 -21.87 -23.27 2.39
C VAL B 251 -20.52 -22.65 2.06
N THR B 252 -19.87 -23.18 1.03
CA THR B 252 -18.59 -22.60 0.61
C THR B 252 -18.77 -21.13 0.24
N ARG B 253 -19.83 -20.84 -0.52
CA ARG B 253 -20.11 -19.46 -0.94
C ARG B 253 -20.33 -18.56 0.26
N LEU B 254 -21.13 -19.02 1.22
CA LEU B 254 -21.39 -18.27 2.45
C LEU B 254 -20.11 -18.02 3.25
N LEU B 255 -19.28 -19.05 3.42
CA LEU B 255 -18.04 -18.85 4.16
C LEU B 255 -17.15 -17.84 3.48
N ASP B 256 -17.00 -17.92 2.16
CA ASP B 256 -16.24 -16.90 1.46
C ASP B 256 -16.84 -15.51 1.72
N LEU B 257 -18.16 -15.41 1.72
CA LEU B 257 -18.81 -14.12 1.97
C LEU B 257 -18.49 -13.58 3.36
N MET B 258 -18.55 -14.44 4.39
CA MET B 258 -18.48 -13.94 5.76
C MET B 258 -17.13 -13.30 6.04
N VAL B 259 -16.05 -13.88 5.51
CA VAL B 259 -14.71 -13.34 5.75
C VAL B 259 -14.35 -12.27 4.74
N ASP B 260 -15.26 -11.96 3.81
CA ASP B 260 -15.05 -10.87 2.87
C ASP B 260 -14.63 -9.64 3.66
N PRO B 261 -13.64 -8.85 3.19
CA PRO B 261 -13.31 -7.64 3.93
C PRO B 261 -14.51 -6.78 4.26
N ASN B 262 -15.20 -6.20 3.28
CA ASN B 262 -16.39 -5.41 3.56
C ASN B 262 -17.62 -6.05 2.91
N LEU B 263 -18.30 -6.91 3.64
CA LEU B 263 -19.60 -7.39 3.19
C LEU B 263 -20.64 -6.39 3.68
N ASN B 264 -21.85 -6.49 3.13
CA ASN B 264 -22.91 -5.58 3.51
C ASN B 264 -24.21 -6.35 3.70
N GLU B 265 -25.14 -5.72 4.43
CA GLU B 265 -26.38 -6.40 4.81
C GLU B 265 -27.16 -6.89 3.61
N GLU B 266 -27.12 -6.15 2.49
CA GLU B 266 -27.87 -6.55 1.31
C GLU B 266 -27.33 -7.83 0.69
N GLN B 267 -26.01 -7.92 0.50
CA GLN B 267 -25.44 -9.14 -0.05
C GLN B 267 -25.66 -10.32 0.87
N TYR B 268 -25.60 -10.08 2.18
CA TYR B 268 -25.86 -11.14 3.16
C TYR B 268 -27.30 -11.63 3.04
N ILE B 269 -28.25 -10.70 2.93
CA ILE B 269 -29.66 -11.05 2.77
C ILE B 269 -29.86 -11.85 1.49
N LYS B 270 -29.26 -11.41 0.38
CA LYS B 270 -29.42 -12.11 -0.88
C LYS B 270 -28.86 -13.53 -0.79
N MET B 271 -27.69 -13.68 -0.19
CA MET B 271 -27.08 -15.00 -0.05
C MET B 271 -27.99 -15.92 0.78
N VAL B 272 -28.48 -15.41 1.92
CA VAL B 272 -29.32 -16.22 2.80
C VAL B 272 -30.61 -16.61 2.10
N VAL B 273 -31.19 -15.69 1.32
CA VAL B 273 -32.42 -16.01 0.59
C VAL B 273 -32.14 -17.10 -0.44
N ASP B 274 -30.97 -17.05 -1.08
CA ASP B 274 -30.62 -18.11 -2.02
C ASP B 274 -30.54 -19.45 -1.30
N ALA B 275 -29.94 -19.47 -0.12
CA ALA B 275 -29.86 -20.71 0.66
C ALA B 275 -31.25 -21.22 1.03
N LEU B 276 -32.16 -20.32 1.42
CA LEU B 276 -33.52 -20.72 1.73
C LEU B 276 -34.22 -21.30 0.52
N LYS B 277 -33.97 -20.74 -0.66
CA LYS B 277 -34.54 -21.31 -1.88
C LYS B 277 -34.00 -22.71 -2.13
N ILE B 278 -32.71 -22.92 -1.86
CA ILE B 278 -32.14 -24.26 -1.97
C ILE B 278 -32.87 -25.22 -1.04
N LEU B 279 -33.14 -24.78 0.19
CA LEU B 279 -33.80 -25.67 1.14
C LEU B 279 -35.24 -25.95 0.72
N ILE B 280 -35.91 -24.98 0.09
CA ILE B 280 -37.23 -25.25 -0.49
C ILE B 280 -37.12 -26.28 -1.59
N GLU B 281 -36.09 -26.20 -2.42
CA GLU B 281 -35.90 -27.20 -3.46
C GLU B 281 -35.75 -28.59 -2.86
N ALA B 282 -34.99 -28.70 -1.77
CA ALA B 282 -34.85 -29.97 -1.08
C ALA B 282 -36.19 -30.48 -0.56
N VAL B 283 -36.96 -29.60 0.09
CA VAL B 283 -38.26 -29.99 0.61
C VAL B 283 -39.18 -30.42 -0.52
N ASN B 284 -39.05 -29.80 -1.69
CA ASN B 284 -39.85 -30.22 -2.84
C ASN B 284 -39.47 -31.63 -3.28
N VAL B 285 -38.17 -31.94 -3.30
CA VAL B 285 -37.74 -33.31 -3.59
C VAL B 285 -38.40 -34.28 -2.61
N LEU B 286 -38.38 -33.93 -1.32
CA LEU B 286 -39.00 -34.78 -0.31
C LEU B 286 -40.50 -34.94 -0.57
N ILE B 287 -41.18 -33.86 -0.94
CA ILE B 287 -42.62 -33.94 -1.20
C ILE B 287 -42.90 -34.88 -2.36
N LYS B 288 -42.12 -34.78 -3.43
CA LYS B 288 -42.28 -35.71 -4.54
C LYS B 288 -42.06 -37.14 -4.07
N MET B 289 -41.05 -37.35 -3.22
CA MET B 289 -40.73 -38.71 -2.80
C MET B 289 -41.79 -39.29 -1.86
N VAL B 290 -42.28 -38.50 -0.91
CA VAL B 290 -43.19 -39.06 0.09
C VAL B 290 -44.54 -39.41 -0.52
N GLU B 291 -45.03 -38.59 -1.45
CA GLU B 291 -46.34 -38.86 -2.05
C GLU B 291 -46.36 -40.21 -2.75
N LYS B 292 -45.26 -40.59 -3.40
CA LYS B 292 -45.20 -41.86 -4.12
C LYS B 292 -44.96 -43.03 -3.18
N ASN B 293 -44.23 -42.82 -2.08
CA ASN B 293 -43.99 -43.86 -1.08
C ASN B 293 -44.45 -43.35 0.28
N PRO B 294 -45.78 -43.25 0.49
CA PRO B 294 -46.29 -42.72 1.76
C PRO B 294 -46.20 -43.74 2.89
N GLU B 295 -46.80 -43.38 4.03
CA GLU B 295 -46.97 -44.22 5.21
C GLU B 295 -45.65 -44.52 5.91
N ASP B 296 -44.60 -43.77 5.62
CA ASP B 296 -43.34 -43.83 6.35
C ASP B 296 -43.06 -42.40 6.82
N MET B 297 -43.58 -42.07 8.01
CA MET B 297 -43.58 -40.70 8.50
C MET B 297 -42.18 -40.12 8.60
N GLU B 298 -41.14 -40.93 8.42
CA GLU B 298 -39.78 -40.40 8.46
C GLU B 298 -39.61 -39.25 7.48
N PHE B 299 -40.21 -39.35 6.29
CA PHE B 299 -40.12 -38.24 5.35
C PHE B 299 -40.90 -37.03 5.87
N TRP B 300 -42.05 -37.25 6.50
CA TRP B 300 -42.78 -36.14 7.09
C TRP B 300 -42.04 -35.56 8.29
N ASN B 301 -41.42 -36.43 9.10
CA ASN B 301 -40.61 -35.93 10.21
C ASN B 301 -39.48 -35.05 9.68
N LEU B 302 -38.85 -35.46 8.58
CA LEU B 302 -37.76 -34.68 8.01
C LEU B 302 -38.26 -33.38 7.39
N ILE B 303 -39.40 -33.41 6.69
CA ILE B 303 -39.95 -32.17 6.16
C ILE B 303 -40.24 -31.20 7.30
N TYR B 304 -40.79 -31.72 8.40
CA TYR B 304 -41.01 -30.87 9.57
C TYR B 304 -39.70 -30.28 10.08
N ARG B 305 -38.66 -31.11 10.20
CA ARG B 305 -37.39 -30.61 10.70
C ARG B 305 -36.80 -29.55 9.78
N LEU B 306 -36.89 -29.77 8.46
CA LEU B 306 -36.35 -28.81 7.50
C LEU B 306 -37.10 -27.49 7.57
N VAL B 307 -38.43 -27.54 7.61
CA VAL B 307 -39.20 -26.31 7.71
C VAL B 307 -38.90 -25.62 9.03
N HIS B 308 -38.59 -26.39 10.07
CA HIS B 308 -38.23 -25.79 11.35
C HIS B 308 -36.89 -25.08 11.25
N VAL B 309 -35.91 -25.71 10.58
CA VAL B 309 -34.64 -25.06 10.33
C VAL B 309 -34.84 -23.76 9.56
N MET B 310 -35.73 -23.78 8.57
CA MET B 310 -35.96 -22.57 7.77
C MET B 310 -36.62 -21.49 8.61
N LYS B 311 -37.58 -21.88 9.46
CA LYS B 311 -38.19 -20.93 10.38
C LYS B 311 -37.13 -20.31 11.28
N GLU B 312 -36.18 -21.12 11.76
CA GLU B 312 -35.10 -20.58 12.58
C GLU B 312 -34.26 -19.58 11.80
N VAL B 313 -33.85 -19.94 10.58
CA VAL B 313 -33.08 -19.03 9.75
C VAL B 313 -33.81 -17.70 9.61
N THR B 314 -35.10 -17.75 9.28
CA THR B 314 -35.86 -16.52 9.10
C THR B 314 -35.93 -15.72 10.40
N GLU B 315 -36.41 -16.36 11.48
CA GLU B 315 -36.59 -15.67 12.74
C GLU B 315 -35.32 -14.98 13.22
N THR B 316 -34.20 -15.71 13.26
CA THR B 316 -32.96 -15.09 13.70
C THR B 316 -32.63 -13.86 12.86
N MET B 317 -33.00 -13.89 11.59
CA MET B 317 -32.72 -12.81 10.64
C MET B 317 -33.96 -11.98 10.34
N GLY B 318 -34.89 -11.90 11.30
CA GLY B 318 -36.20 -11.29 11.09
C GLY B 318 -37.09 -12.02 10.11
N PHE B 319 -37.37 -11.39 8.97
CA PHE B 319 -38.28 -11.92 7.95
C PHE B 319 -39.56 -12.44 8.61
N SER B 320 -40.32 -11.53 9.21
CA SER B 320 -41.47 -11.99 9.99
C SER B 320 -42.55 -12.57 9.07
N SER B 321 -42.74 -11.96 7.90
CA SER B 321 -43.78 -12.42 6.97
C SER B 321 -43.56 -13.89 6.58
N VAL B 322 -42.32 -14.26 6.28
CA VAL B 322 -42.03 -15.64 5.89
C VAL B 322 -42.12 -16.57 7.08
N ALA B 323 -41.73 -16.08 8.27
CA ALA B 323 -41.84 -16.88 9.47
C ALA B 323 -43.27 -17.30 9.72
N LYS B 324 -44.23 -16.42 9.43
CA LYS B 324 -45.64 -16.76 9.68
C LYS B 324 -46.06 -17.93 8.79
N VAL B 325 -45.73 -17.85 7.50
CA VAL B 325 -46.10 -18.91 6.57
C VAL B 325 -45.44 -20.22 6.97
N LEU B 326 -44.16 -20.17 7.37
CA LEU B 326 -43.48 -21.41 7.75
C LEU B 326 -44.06 -21.98 9.04
N HIS B 327 -44.50 -21.13 9.97
CA HIS B 327 -45.24 -21.61 11.13
C HIS B 327 -46.46 -22.38 10.70
N THR B 328 -47.20 -21.85 9.71
CA THR B 328 -48.37 -22.56 9.20
C THR B 328 -47.97 -23.90 8.57
N ILE B 329 -46.87 -23.91 7.81
CA ILE B 329 -46.38 -25.15 7.22
C ILE B 329 -46.18 -26.21 8.28
N MET B 330 -45.42 -25.87 9.33
CA MET B 330 -45.11 -26.86 10.35
C MET B 330 -46.35 -27.28 11.12
N ASN B 331 -47.29 -26.36 11.36
CA ASN B 331 -48.52 -26.76 12.05
C ASN B 331 -49.28 -27.79 11.23
N LEU B 332 -49.41 -27.55 9.91
CA LEU B 332 -50.12 -28.50 9.05
C LEU B 332 -49.39 -29.83 8.99
N VAL B 333 -48.07 -29.80 8.85
CA VAL B 333 -47.29 -31.04 8.78
C VAL B 333 -47.40 -31.82 10.09
N ASP B 334 -47.47 -31.10 11.22
CA ASP B 334 -47.66 -31.79 12.50
C ASP B 334 -49.02 -32.45 12.59
N LYS B 335 -50.08 -31.72 12.25
CA LYS B 335 -51.41 -32.34 12.24
C LYS B 335 -51.43 -33.58 11.36
N MET B 336 -50.84 -33.50 10.15
CA MET B 336 -50.84 -34.66 9.26
C MET B 336 -50.02 -35.79 9.87
N LEU B 337 -48.86 -35.45 10.43
CA LEU B 337 -47.96 -36.45 10.98
C LEU B 337 -48.65 -37.27 12.06
N ASN B 338 -49.42 -36.59 12.92
CA ASN B 338 -50.20 -37.27 13.95
C ASN B 338 -51.40 -37.92 13.27
N SER B 339 -52.33 -38.46 14.06
CA SER B 339 -53.56 -39.01 13.53
C SER B 339 -54.77 -38.10 13.73
N GLU B 340 -54.55 -36.78 13.77
CA GLU B 340 -55.69 -35.86 13.74
C GLU B 340 -56.27 -35.80 12.34
N ILE B 341 -55.44 -35.48 11.35
CA ILE B 341 -55.86 -35.43 9.96
C ILE B 341 -55.44 -36.71 9.26
N LYS B 342 -56.04 -36.96 8.10
CA LYS B 342 -55.74 -38.12 7.27
C LYS B 342 -54.89 -37.66 6.08
N ILE B 343 -53.84 -38.41 5.78
CA ILE B 343 -52.96 -38.01 4.67
C ILE B 343 -53.79 -38.07 3.40
N THR B 344 -54.16 -36.90 2.90
CA THR B 344 -54.95 -36.73 1.69
C THR B 344 -54.26 -35.73 0.77
N SER B 345 -54.58 -35.84 -0.52
CA SER B 345 -53.98 -34.94 -1.51
C SER B 345 -54.25 -33.48 -1.22
N ASP B 346 -55.41 -33.16 -0.63
CA ASP B 346 -55.73 -31.75 -0.36
C ASP B 346 -54.74 -31.12 0.61
N LEU B 347 -54.30 -31.87 1.63
CA LEU B 347 -53.36 -31.32 2.59
C LEU B 347 -51.97 -31.13 1.96
N ILE B 348 -51.50 -32.12 1.20
CA ILE B 348 -50.22 -31.97 0.52
C ILE B 348 -50.29 -30.81 -0.46
N ASP B 349 -51.43 -30.65 -1.14
CA ASP B 349 -51.57 -29.55 -2.09
C ASP B 349 -51.58 -28.21 -1.37
N LYS B 350 -52.18 -28.14 -0.18
CA LYS B 350 -52.14 -26.91 0.60
C LYS B 350 -50.71 -26.58 1.02
N VAL B 351 -49.96 -27.60 1.46
CA VAL B 351 -48.56 -27.40 1.80
C VAL B 351 -47.78 -26.87 0.60
N LYS B 352 -48.06 -27.42 -0.59
CA LYS B 352 -47.38 -26.94 -1.79
C LYS B 352 -47.76 -25.49 -2.09
N LYS B 353 -49.03 -25.14 -1.94
CA LYS B 353 -49.46 -23.76 -2.12
C LYS B 353 -48.70 -22.82 -1.19
N LYS B 354 -48.58 -23.22 0.09
CA LYS B 354 -47.88 -22.39 1.07
C LYS B 354 -46.39 -22.28 0.78
N LEU B 355 -45.75 -23.35 0.32
CA LEU B 355 -44.34 -23.26 -0.05
C LEU B 355 -44.15 -22.32 -1.25
N ASP B 356 -45.06 -22.39 -2.22
CA ASP B 356 -44.98 -21.45 -3.33
C ASP B 356 -45.16 -20.01 -2.84
N MET B 357 -46.04 -19.81 -1.87
CA MET B 357 -46.18 -18.49 -1.26
C MET B 357 -44.88 -18.04 -0.58
N VAL B 358 -44.23 -18.97 0.13
CA VAL B 358 -42.94 -18.65 0.77
C VAL B 358 -41.94 -18.18 -0.28
N THR B 359 -41.76 -18.96 -1.35
CA THR B 359 -40.77 -18.58 -2.35
C THR B 359 -41.13 -17.25 -3.00
N ARG B 360 -42.43 -16.99 -3.18
CA ARG B 360 -42.85 -15.73 -3.81
C ARG B 360 -42.55 -14.54 -2.88
N GLU B 361 -42.77 -14.71 -1.58
CA GLU B 361 -42.42 -13.67 -0.63
C GLU B 361 -40.92 -13.43 -0.60
N LEU B 362 -40.13 -14.51 -0.64
CA LEU B 362 -38.69 -14.36 -0.72
C LEU B 362 -38.28 -13.62 -1.98
N ASP B 363 -38.91 -13.94 -3.11
CA ASP B 363 -38.62 -13.21 -4.36
C ASP B 363 -38.88 -11.73 -4.17
N LYS B 364 -39.96 -11.37 -3.47
CA LYS B 364 -40.18 -9.95 -3.18
C LYS B 364 -39.10 -9.40 -2.25
N MET B 365 -38.60 -10.25 -1.34
CA MET B 365 -37.62 -9.82 -0.35
C MET B 365 -36.36 -9.26 -0.99
N VAL B 366 -35.84 -9.94 -2.02
CA VAL B 366 -34.54 -9.54 -2.56
C VAL B 366 -34.64 -8.23 -3.33
N SER B 367 -35.74 -8.02 -4.05
CA SER B 367 -35.90 -6.79 -4.83
C SER B 367 -36.70 -5.75 -4.05
N ASP C 5 -30.41 -4.33 -18.14
CA ASP C 5 -31.62 -4.18 -17.35
C ASP C 5 -31.29 -3.54 -16.01
N LEU C 6 -30.50 -4.25 -15.21
CA LEU C 6 -30.07 -3.75 -13.91
C LEU C 6 -29.08 -2.60 -14.03
N GLY C 7 -28.31 -2.57 -15.13
CA GLY C 7 -27.31 -1.54 -15.29
C GLY C 7 -27.89 -0.13 -15.33
N LYS C 8 -29.01 0.04 -16.02
CA LYS C 8 -29.63 1.37 -16.08
C LYS C 8 -30.11 1.81 -14.70
N LYS C 9 -30.75 0.90 -13.97
CA LYS C 9 -31.17 1.22 -12.61
C LYS C 9 -29.98 1.56 -11.73
N LEU C 10 -28.85 0.88 -11.95
CA LEU C 10 -27.65 1.18 -11.16
C LEU C 10 -27.10 2.56 -11.50
N LEU C 11 -27.05 2.89 -12.79
CA LEU C 11 -26.64 4.24 -13.18
C LEU C 11 -27.51 5.28 -12.51
N GLU C 12 -28.83 5.11 -12.57
CA GLU C 12 -29.73 6.12 -12.01
C GLU C 12 -29.62 6.18 -10.48
N ALA C 13 -29.39 5.04 -9.83
CA ALA C 13 -29.26 5.04 -8.38
C ALA C 13 -27.95 5.69 -7.94
N ALA C 14 -26.85 5.39 -8.63
CA ALA C 14 -25.59 6.07 -8.35
C ALA C 14 -25.71 7.57 -8.58
N ARG C 15 -26.46 7.96 -9.61
CA ARG C 15 -26.62 9.38 -9.92
C ARG C 15 -27.47 10.07 -8.86
N ALA C 16 -28.56 9.44 -8.42
CA ALA C 16 -29.48 10.06 -7.49
C ALA C 16 -29.02 10.01 -6.04
N GLY C 17 -28.05 9.15 -5.72
CA GLY C 17 -27.56 9.05 -4.37
C GLY C 17 -28.31 8.05 -3.51
N GLN C 18 -28.89 7.02 -4.11
CA GLN C 18 -29.66 6.00 -3.38
C GLN C 18 -28.68 4.93 -2.93
N ASP C 19 -28.09 5.15 -1.75
CA ASP C 19 -27.09 4.21 -1.23
C ASP C 19 -27.64 2.79 -1.14
N ASP C 20 -28.78 2.63 -0.47
CA ASP C 20 -29.34 1.30 -0.28
C ASP C 20 -29.70 0.65 -1.61
N GLU C 21 -30.25 1.43 -2.54
CA GLU C 21 -30.61 0.86 -3.83
C GLU C 21 -29.38 0.42 -4.60
N VAL C 22 -28.29 1.19 -4.54
CA VAL C 22 -27.04 0.78 -5.19
C VAL C 22 -26.56 -0.54 -4.61
N ARG C 23 -26.51 -0.62 -3.27
CA ARG C 23 -26.05 -1.86 -2.65
C ARG C 23 -26.94 -3.04 -3.03
N ILE C 24 -28.25 -2.83 -3.09
CA ILE C 24 -29.17 -3.90 -3.49
C ILE C 24 -28.91 -4.32 -4.93
N LEU C 25 -28.79 -3.36 -5.84
CA LEU C 25 -28.58 -3.70 -7.25
C LEU C 25 -27.28 -4.47 -7.44
N LEU C 26 -26.21 -4.04 -6.78
CA LEU C 26 -24.98 -4.83 -6.83
C LEU C 26 -25.18 -6.21 -6.20
N ALA C 27 -26.01 -6.31 -5.17
CA ALA C 27 -26.25 -7.61 -4.56
C ALA C 27 -26.94 -8.57 -5.52
N ASN C 28 -27.82 -8.04 -6.39
CA ASN C 28 -28.53 -8.85 -7.36
C ASN C 28 -27.77 -9.01 -8.68
N GLY C 29 -26.44 -8.88 -8.65
CA GLY C 29 -25.64 -9.14 -9.83
C GLY C 29 -25.62 -8.01 -10.84
N ALA C 30 -25.80 -6.77 -10.41
CA ALA C 30 -25.71 -5.64 -11.32
C ALA C 30 -24.26 -5.40 -11.74
N ASP C 31 -24.09 -5.09 -13.02
CA ASP C 31 -22.75 -4.84 -13.56
C ASP C 31 -22.23 -3.52 -13.03
N VAL C 32 -21.18 -3.57 -12.20
CA VAL C 32 -20.68 -2.35 -11.57
C VAL C 32 -20.09 -1.40 -12.60
N ASN C 33 -19.58 -1.94 -13.71
CA ASN C 33 -18.91 -1.12 -14.72
C ASN C 33 -19.79 -0.84 -15.93
N THR C 34 -21.11 -0.96 -15.80
CA THR C 34 -22.00 -0.59 -16.88
C THR C 34 -21.76 0.87 -17.27
N ALA C 35 -22.17 1.21 -18.48
CA ALA C 35 -21.95 2.55 -19.02
C ALA C 35 -23.23 3.03 -19.69
N ASP C 36 -23.39 4.35 -19.76
CA ASP C 36 -24.53 4.95 -20.42
C ASP C 36 -24.19 5.17 -21.90
N GLU C 37 -24.99 6.00 -22.59
CA GLU C 37 -24.74 6.27 -23.99
C GLU C 37 -23.39 6.94 -24.21
N THR C 38 -23.10 7.97 -23.41
CA THR C 38 -21.85 8.71 -23.51
C THR C 38 -20.71 8.07 -22.75
N GLY C 39 -20.93 6.96 -22.07
CA GLY C 39 -19.86 6.19 -21.45
C GLY C 39 -19.58 6.42 -19.99
N PHE C 40 -20.47 7.07 -19.25
CA PHE C 40 -20.25 7.26 -17.81
C PHE C 40 -20.62 5.99 -17.05
N THR C 41 -19.68 5.45 -16.28
CA THR C 41 -19.98 4.35 -15.39
C THR C 41 -20.57 4.90 -14.09
N PRO C 42 -21.21 4.04 -13.29
CA PRO C 42 -21.76 4.51 -12.01
C PRO C 42 -20.75 5.27 -11.16
N LEU C 43 -19.46 4.94 -11.28
CA LEU C 43 -18.45 5.65 -10.51
C LEU C 43 -18.28 7.08 -11.01
N HIS C 44 -18.26 7.27 -12.34
CA HIS C 44 -18.28 8.63 -12.89
C HIS C 44 -19.40 9.44 -12.28
N LEU C 45 -20.61 8.90 -12.28
CA LEU C 45 -21.78 9.65 -11.84
C LEU C 45 -21.70 9.93 -10.34
N ALA C 46 -21.24 8.95 -9.56
CA ALA C 46 -21.11 9.16 -8.12
C ALA C 46 -20.10 10.25 -7.80
N ALA C 47 -18.95 10.24 -8.49
CA ALA C 47 -17.95 11.28 -8.28
C ALA C 47 -18.48 12.63 -8.72
N TRP C 48 -19.16 12.67 -9.87
CA TRP C 48 -19.72 13.92 -10.36
C TRP C 48 -20.70 14.53 -9.37
N GLU C 49 -21.70 13.76 -8.96
CA GLU C 49 -22.72 14.27 -8.05
C GLU C 49 -22.22 14.39 -6.62
N GLY C 50 -21.06 13.80 -6.29
CA GLY C 50 -20.48 13.97 -4.98
C GLY C 50 -21.01 13.05 -3.92
N HIS C 51 -21.34 11.81 -4.28
CA HIS C 51 -21.85 10.83 -3.32
C HIS C 51 -20.66 9.97 -2.90
N LEU C 52 -19.98 10.41 -1.83
CA LEU C 52 -18.79 9.70 -1.37
C LEU C 52 -19.10 8.26 -0.98
N GLY C 53 -20.22 8.04 -0.28
CA GLY C 53 -20.56 6.70 0.13
C GLY C 53 -20.70 5.74 -1.03
N ILE C 54 -21.39 6.16 -2.08
CA ILE C 54 -21.55 5.31 -3.26
C ILE C 54 -20.21 5.10 -3.95
N VAL C 55 -19.38 6.13 -4.00
CA VAL C 55 -18.04 5.96 -4.55
C VAL C 55 -17.31 4.84 -3.83
N GLU C 56 -17.33 4.89 -2.50
CA GLU C 56 -16.62 3.88 -1.72
C GLU C 56 -17.21 2.48 -1.95
N VAL C 57 -18.54 2.37 -1.92
CA VAL C 57 -19.17 1.06 -2.13
C VAL C 57 -18.80 0.51 -3.50
N LEU C 58 -18.97 1.31 -4.55
CA LEU C 58 -18.63 0.86 -5.89
C LEU C 58 -17.18 0.41 -5.96
N LEU C 59 -16.27 1.17 -5.37
CA LEU C 59 -14.86 0.78 -5.38
C LEU C 59 -14.65 -0.55 -4.66
N LYS C 60 -15.42 -0.82 -3.60
CA LYS C 60 -15.29 -2.08 -2.90
C LYS C 60 -15.75 -3.24 -3.75
N ASN C 61 -16.79 -3.02 -4.57
CA ASN C 61 -17.40 -4.07 -5.39
C ASN C 61 -16.84 -4.12 -6.80
N GLY C 62 -15.59 -3.70 -7.00
CA GLY C 62 -14.92 -3.88 -8.27
C GLY C 62 -15.12 -2.78 -9.29
N ALA C 63 -15.42 -1.56 -8.86
CA ALA C 63 -15.55 -0.46 -9.80
C ALA C 63 -14.19 -0.13 -10.40
N ASP C 64 -14.16 0.17 -11.69
CA ASP C 64 -12.92 0.45 -12.40
C ASP C 64 -12.54 1.91 -12.16
N VAL C 65 -11.50 2.14 -11.34
CA VAL C 65 -11.14 3.49 -10.94
C VAL C 65 -10.75 4.35 -12.13
N ASN C 66 -10.17 3.75 -13.16
CA ASN C 66 -9.63 4.51 -14.29
C ASN C 66 -10.51 4.39 -15.53
N ALA C 67 -11.78 4.05 -15.37
CA ALA C 67 -12.68 3.95 -16.51
C ALA C 67 -12.74 5.28 -17.25
N ASN C 68 -12.69 5.21 -18.58
CA ASN C 68 -12.77 6.39 -19.43
C ASN C 68 -14.12 6.43 -20.13
N ASP C 69 -14.64 7.63 -20.32
CA ASP C 69 -15.85 7.85 -21.08
C ASP C 69 -15.46 8.25 -22.51
N GLU C 70 -16.42 8.77 -23.28
CA GLU C 70 -16.13 9.16 -24.65
C GLU C 70 -14.98 10.16 -24.70
N ARG C 71 -15.01 11.17 -23.84
CA ARG C 71 -14.00 12.22 -23.87
C ARG C 71 -12.72 11.85 -23.12
N GLY C 72 -12.59 10.62 -22.64
CA GLY C 72 -11.37 10.20 -21.98
C GLY C 72 -11.22 10.68 -20.56
N HIS C 73 -12.33 10.97 -19.88
CA HIS C 73 -12.31 11.49 -18.53
C HIS C 73 -12.54 10.35 -17.55
N THR C 74 -11.63 10.20 -16.59
CA THR C 74 -11.80 9.26 -15.50
C THR C 74 -12.58 9.90 -14.37
N PRO C 75 -13.06 9.11 -13.41
CA PRO C 75 -13.74 9.70 -12.24
C PRO C 75 -12.89 10.72 -11.51
N LEU C 76 -11.56 10.64 -11.59
CA LEU C 76 -10.73 11.64 -10.93
C LEU C 76 -10.84 12.99 -11.63
N HIS C 77 -10.91 12.99 -12.96
CA HIS C 77 -11.16 14.24 -13.68
C HIS C 77 -12.41 14.92 -13.14
N LEU C 78 -13.49 14.16 -13.00
CA LEU C 78 -14.75 14.75 -12.57
C LEU C 78 -14.70 15.18 -11.11
N ALA C 79 -14.05 14.38 -10.26
CA ALA C 79 -13.92 14.74 -8.84
C ALA C 79 -13.12 16.02 -8.67
N ALA C 80 -12.05 16.18 -9.47
CA ALA C 80 -11.25 17.39 -9.39
C ALA C 80 -12.01 18.58 -9.96
N TYR C 81 -12.73 18.38 -11.07
CA TYR C 81 -13.56 19.45 -11.63
C TYR C 81 -14.58 19.95 -10.61
N THR C 82 -15.43 19.04 -10.12
CA THR C 82 -16.49 19.44 -9.20
C THR C 82 -15.95 19.88 -7.84
N GLY C 83 -14.76 19.43 -7.47
CA GLY C 83 -14.13 19.90 -6.26
C GLY C 83 -14.46 19.13 -5.01
N HIS C 84 -14.70 17.81 -5.12
CA HIS C 84 -15.00 16.97 -3.96
C HIS C 84 -13.68 16.41 -3.42
N LEU C 85 -13.18 17.00 -2.33
CA LEU C 85 -11.86 16.64 -1.83
C LEU C 85 -11.82 15.18 -1.37
N GLU C 86 -12.80 14.77 -0.57
CA GLU C 86 -12.76 13.42 -0.01
C GLU C 86 -12.83 12.37 -1.11
N ILE C 87 -13.62 12.61 -2.15
CA ILE C 87 -13.70 11.65 -3.25
C ILE C 87 -12.38 11.59 -4.00
N VAL C 88 -11.74 12.74 -4.23
CA VAL C 88 -10.42 12.75 -4.85
C VAL C 88 -9.46 11.89 -4.03
N GLU C 89 -9.47 12.08 -2.71
CA GLU C 89 -8.55 11.33 -1.86
C GLU C 89 -8.83 9.84 -1.91
N VAL C 90 -10.10 9.45 -1.88
CA VAL C 90 -10.45 8.03 -1.93
C VAL C 90 -10.03 7.42 -3.26
N LEU C 91 -10.32 8.11 -4.37
CA LEU C 91 -9.95 7.60 -5.68
C LEU C 91 -8.43 7.42 -5.78
N LEU C 92 -7.67 8.44 -5.37
CA LEU C 92 -6.21 8.31 -5.39
C LEU C 92 -5.75 7.18 -4.48
N LYS C 93 -6.41 6.98 -3.35
CA LYS C 93 -6.06 5.88 -2.45
C LYS C 93 -6.28 4.54 -3.12
N ASN C 94 -7.31 4.43 -3.97
CA ASN C 94 -7.60 3.21 -4.71
C ASN C 94 -6.93 3.18 -6.09
N GLY C 95 -5.76 3.80 -6.23
CA GLY C 95 -4.98 3.70 -7.45
C GLY C 95 -5.49 4.48 -8.63
N ALA C 96 -6.01 5.68 -8.41
CA ALA C 96 -6.47 6.52 -9.51
C ALA C 96 -5.27 7.13 -10.23
N GLY C 97 -5.45 7.38 -11.53
CA GLY C 97 -4.40 7.95 -12.35
C GLY C 97 -4.23 9.43 -12.11
N VAL C 98 -3.21 9.82 -11.34
CA VAL C 98 -3.05 11.22 -10.97
C VAL C 98 -2.72 12.09 -12.18
N ASN C 99 -1.98 11.55 -13.15
CA ASN C 99 -1.61 12.30 -14.36
C ASN C 99 -2.39 11.84 -15.59
N ALA C 100 -3.53 11.18 -15.40
CA ALA C 100 -4.33 10.77 -16.55
C ALA C 100 -4.69 11.99 -17.38
N THR C 101 -4.48 11.89 -18.68
CA THR C 101 -4.75 12.99 -19.61
C THR C 101 -5.79 12.57 -20.64
N ASP C 102 -6.69 13.49 -20.96
CA ASP C 102 -7.70 13.22 -21.97
C ASP C 102 -7.09 13.50 -23.34
N VAL C 103 -7.93 13.55 -24.38
CA VAL C 103 -7.41 13.71 -25.73
C VAL C 103 -6.77 15.08 -25.91
N ILE C 104 -7.22 16.08 -25.13
CA ILE C 104 -6.67 17.43 -25.21
C ILE C 104 -5.46 17.61 -24.29
N GLY C 105 -5.03 16.56 -23.60
CA GLY C 105 -3.90 16.68 -22.71
C GLY C 105 -4.25 17.26 -21.37
N THR C 106 -5.52 17.25 -20.98
CA THR C 106 -5.97 17.86 -19.74
C THR C 106 -5.94 16.81 -18.63
N ALA C 107 -5.12 17.06 -17.61
CA ALA C 107 -5.01 16.20 -16.44
C ALA C 107 -5.96 16.69 -15.35
N PRO C 108 -6.18 15.87 -14.31
CA PRO C 108 -7.02 16.35 -13.20
C PRO C 108 -6.49 17.62 -12.57
N LEU C 109 -5.16 17.82 -12.56
CA LEU C 109 -4.60 19.04 -12.01
C LEU C 109 -5.06 20.27 -12.78
N HIS C 110 -5.18 20.16 -14.10
CA HIS C 110 -5.76 21.24 -14.88
C HIS C 110 -7.15 21.60 -14.38
N LEU C 111 -7.99 20.58 -14.17
CA LEU C 111 -9.37 20.84 -13.75
C LEU C 111 -9.41 21.46 -12.36
N ALA C 112 -8.52 21.02 -11.47
CA ALA C 112 -8.48 21.57 -10.12
C ALA C 112 -8.00 23.01 -10.11
N ALA C 113 -6.95 23.30 -10.87
CA ALA C 113 -6.40 24.66 -10.89
C ALA C 113 -7.32 25.62 -11.63
N MET C 114 -8.09 25.10 -12.59
CA MET C 114 -8.95 25.95 -13.41
C MET C 114 -10.05 26.59 -12.58
N TRP C 115 -10.42 25.98 -11.47
CA TRP C 115 -11.45 26.45 -10.56
C TRP C 115 -10.94 26.89 -9.20
N GLY C 116 -9.63 26.90 -8.99
CA GLY C 116 -9.07 27.35 -7.73
C GLY C 116 -9.43 26.46 -6.57
N HIS C 117 -9.50 25.15 -6.78
CA HIS C 117 -9.73 24.20 -5.68
C HIS C 117 -8.38 23.91 -5.04
N GLU C 118 -7.95 24.83 -4.18
CA GLU C 118 -6.59 24.80 -3.66
C GLU C 118 -6.27 23.47 -2.97
N GLU C 119 -7.19 23.00 -2.13
CA GLU C 119 -6.92 21.79 -1.37
C GLU C 119 -6.70 20.59 -2.29
N ILE C 120 -7.54 20.45 -3.31
CA ILE C 120 -7.38 19.35 -4.26
C ILE C 120 -6.10 19.51 -5.06
N VAL C 121 -5.74 20.76 -5.40
CA VAL C 121 -4.48 20.98 -6.09
C VAL C 121 -3.31 20.49 -5.25
N GLU C 122 -3.31 20.84 -3.96
CA GLU C 122 -2.24 20.41 -3.08
C GLU C 122 -2.20 18.89 -2.97
N VAL C 123 -3.37 18.25 -2.83
CA VAL C 123 -3.40 16.80 -2.72
C VAL C 123 -2.87 16.15 -3.99
N LEU C 124 -3.31 16.63 -5.15
CA LEU C 124 -2.84 16.08 -6.42
C LEU C 124 -1.33 16.21 -6.54
N LEU C 125 -0.80 17.38 -6.23
CA LEU C 125 0.64 17.58 -6.31
C LEU C 125 1.38 16.66 -5.34
N LYS C 126 0.85 16.47 -4.14
CA LYS C 126 1.47 15.54 -3.20
C LYS C 126 1.62 14.15 -3.82
N ASN C 127 0.62 13.73 -4.60
CA ASN C 127 0.64 12.42 -5.24
C ASN C 127 1.29 12.44 -6.61
N GLY C 128 2.31 13.28 -6.79
CA GLY C 128 3.08 13.27 -8.02
C GLY C 128 2.39 13.84 -9.23
N ALA C 129 1.50 14.80 -9.04
CA ALA C 129 0.88 15.47 -10.18
C ALA C 129 1.89 16.39 -10.84
N ASP C 130 1.87 16.42 -12.17
CA ASP C 130 2.86 17.19 -12.93
C ASP C 130 2.44 18.65 -12.98
N ALA C 131 3.18 19.50 -12.28
CA ALA C 131 2.84 20.92 -12.24
C ALA C 131 3.05 21.58 -13.58
N ARG C 132 3.97 21.07 -14.40
CA ARG C 132 4.26 21.65 -15.69
C ARG C 132 3.47 21.00 -16.81
N ALA C 133 2.50 20.14 -16.50
CA ALA C 133 1.70 19.51 -17.52
C ALA C 133 1.06 20.57 -18.40
N GLN C 134 1.10 20.37 -19.71
CA GLN C 134 0.56 21.29 -20.69
C GLN C 134 -0.48 20.61 -21.55
N ASP C 135 -1.60 21.29 -21.77
CA ASP C 135 -2.62 20.75 -22.66
C ASP C 135 -2.28 21.11 -24.10
N LYS C 136 -3.16 20.72 -25.01
CA LYS C 136 -2.92 20.95 -26.44
C LYS C 136 -2.90 22.43 -26.80
N PHE C 137 -3.41 23.30 -25.92
CA PHE C 137 -3.47 24.73 -26.18
C PHE C 137 -2.39 25.50 -25.42
N GLY C 138 -1.35 24.80 -24.97
CA GLY C 138 -0.24 25.44 -24.27
C GLY C 138 -0.59 26.06 -22.94
N LYS C 139 -1.53 25.48 -22.21
CA LYS C 139 -1.95 25.99 -20.92
C LYS C 139 -1.53 25.01 -19.82
N THR C 140 -0.77 25.52 -18.85
CA THR C 140 -0.45 24.77 -17.64
C THR C 140 -1.55 24.96 -16.61
N PRO C 141 -1.57 24.15 -15.55
CA PRO C 141 -2.53 24.42 -14.47
C PRO C 141 -2.37 25.83 -13.93
N GLU C 142 -1.14 26.30 -13.78
CA GLU C 142 -0.89 27.70 -13.43
C GLU C 142 -1.62 28.62 -14.40
N ASP C 143 -1.48 28.36 -15.70
CA ASP C 143 -2.09 29.21 -16.71
C ASP C 143 -3.61 29.21 -16.59
N LEU C 144 -4.21 28.03 -16.41
CA LEU C 144 -5.66 27.95 -16.32
C LEU C 144 -6.16 28.67 -15.07
N ALA C 145 -5.44 28.54 -13.96
CA ALA C 145 -5.82 29.26 -12.75
C ALA C 145 -5.66 30.76 -12.94
N ARG C 146 -4.63 31.18 -13.67
CA ARG C 146 -4.35 32.59 -13.89
C ARG C 146 -5.41 33.23 -14.78
N ASP C 147 -5.85 32.50 -15.81
CA ASP C 147 -6.82 33.06 -16.76
C ASP C 147 -8.18 33.26 -16.12
N ASN C 148 -8.53 32.47 -15.11
CA ASN C 148 -9.82 32.55 -14.46
C ASN C 148 -9.80 33.40 -13.18
N GLY C 149 -8.68 34.03 -12.88
CA GLY C 149 -8.63 35.00 -11.78
C GLY C 149 -8.36 34.43 -10.41
N TYR C 150 -7.83 33.20 -10.32
CA TYR C 150 -7.55 32.57 -9.03
C TYR C 150 -6.07 32.77 -8.75
N GLU C 151 -5.72 33.92 -8.17
CA GLU C 151 -4.32 34.30 -8.04
C GLU C 151 -3.59 33.42 -7.03
N SER C 152 -4.25 33.06 -5.93
CA SER C 152 -3.58 32.30 -4.88
C SER C 152 -3.09 30.94 -5.40
N VAL C 153 -4.00 30.15 -5.98
CA VAL C 153 -3.63 28.84 -6.50
C VAL C 153 -2.60 28.95 -7.62
N ALA C 154 -2.69 30.01 -8.44
CA ALA C 154 -1.72 30.20 -9.51
C ALA C 154 -0.32 30.43 -8.93
N ARG C 155 -0.22 31.30 -7.92
CA ARG C 155 1.07 31.52 -7.27
C ARG C 155 1.56 30.24 -6.62
N LEU C 156 0.64 29.44 -6.09
CA LEU C 156 1.03 28.16 -5.49
C LEU C 156 1.64 27.23 -6.52
N ALA C 157 1.02 27.12 -7.70
CA ALA C 157 1.58 26.28 -8.74
C ALA C 157 2.94 26.78 -9.21
N ARG C 158 3.10 28.10 -9.31
CA ARG C 158 4.41 28.66 -9.65
C ARG C 158 5.45 28.24 -8.61
N LYS C 159 5.12 28.41 -7.32
CA LYS C 159 6.05 28.04 -6.27
C LYS C 159 6.38 26.56 -6.33
N GLU C 160 5.42 25.72 -6.70
CA GLU C 160 5.68 24.29 -6.80
C GLU C 160 6.64 23.96 -7.94
N ILE C 161 6.48 24.61 -9.09
CA ILE C 161 7.43 24.42 -10.18
C ILE C 161 8.83 24.82 -9.73
N ILE C 162 8.93 25.97 -9.06
CA ILE C 162 10.22 26.44 -8.56
C ILE C 162 10.80 25.41 -7.58
N ARG C 163 9.96 24.88 -6.70
CA ARG C 163 10.42 23.91 -5.72
C ARG C 163 10.96 22.67 -6.40
N ALA C 164 10.30 22.22 -7.47
CA ALA C 164 10.79 21.05 -8.19
C ALA C 164 12.17 21.31 -8.80
N VAL C 165 12.36 22.49 -9.39
CA VAL C 165 13.67 22.80 -9.96
C VAL C 165 14.74 22.84 -8.86
N VAL C 166 14.40 23.43 -7.71
CA VAL C 166 15.35 23.48 -6.60
C VAL C 166 15.67 22.08 -6.10
N ASP C 167 14.67 21.18 -6.12
CA ASP C 167 14.92 19.80 -5.74
C ASP C 167 15.89 19.13 -6.70
N GLU C 168 15.76 19.40 -8.00
CA GLU C 168 16.72 18.89 -8.96
C GLU C 168 18.13 19.34 -8.59
N LEU C 169 18.28 20.62 -8.28
CA LEU C 169 19.59 21.15 -7.90
C LEU C 169 20.10 20.50 -6.61
N LYS C 170 19.19 20.23 -5.67
CA LYS C 170 19.57 19.56 -4.43
C LYS C 170 20.07 18.14 -4.70
N GLU C 171 19.42 17.44 -5.63
CA GLU C 171 19.90 16.11 -5.99
C GLU C 171 21.31 16.19 -6.57
N LEU C 172 21.57 17.20 -7.41
CA LEU C 172 22.91 17.35 -7.96
C LEU C 172 23.95 17.62 -6.86
N ILE C 173 23.63 18.51 -5.91
CA ILE C 173 24.59 18.75 -4.84
C ILE C 173 24.77 17.51 -3.98
N GLN C 174 23.75 16.67 -3.85
CA GLN C 174 23.93 15.41 -3.13
C GLN C 174 24.90 14.50 -3.88
N ASN C 175 24.78 14.43 -5.20
CA ASN C 175 25.78 13.70 -5.98
C ASN C 175 27.17 14.21 -5.68
N VAL C 176 27.34 15.54 -5.68
CA VAL C 176 28.67 16.12 -5.45
C VAL C 176 29.15 15.79 -4.04
N ASN C 177 28.26 15.78 -3.05
CA ASN C 177 28.67 15.50 -1.68
C ASN C 177 29.07 14.04 -1.50
N ASP C 178 28.33 13.11 -2.11
CA ASP C 178 28.76 11.72 -2.10
C ASP C 178 30.13 11.59 -2.74
N ASP C 179 30.35 12.28 -3.86
CA ASP C 179 31.64 12.18 -4.55
C ASP C 179 32.77 12.71 -3.67
N ILE C 180 32.56 13.83 -2.98
CA ILE C 180 33.64 14.37 -2.16
C ILE C 180 33.87 13.49 -0.94
N LYS C 181 32.82 12.88 -0.39
CA LYS C 181 33.06 11.89 0.67
C LYS C 181 33.94 10.76 0.18
N GLU C 182 33.68 10.26 -1.03
CA GLU C 182 34.51 9.19 -1.56
C GLU C 182 35.93 9.66 -1.83
N VAL C 183 36.11 10.94 -2.16
CA VAL C 183 37.45 11.48 -2.39
C VAL C 183 38.21 11.57 -1.08
N GLU C 184 37.55 12.01 -0.01
CA GLU C 184 38.20 12.13 1.29
C GLU C 184 38.93 10.85 1.68
N LYS C 185 38.49 9.70 1.18
CA LYS C 185 39.16 8.44 1.52
C LYS C 185 40.52 8.34 0.86
N ASN C 186 40.62 8.71 -0.42
CA ASN C 186 41.87 8.68 -1.17
C ASN C 186 42.06 10.02 -1.85
N PRO C 187 42.57 11.03 -1.13
CA PRO C 187 42.77 12.35 -1.75
C PRO C 187 43.69 12.33 -2.96
N GLU C 188 44.44 11.25 -3.18
CA GLU C 188 45.37 11.19 -4.30
C GLU C 188 44.63 11.12 -5.62
N ASP C 189 43.47 10.45 -5.66
CA ASP C 189 42.77 10.19 -6.91
C ASP C 189 42.30 11.49 -7.56
N MET C 190 42.90 11.82 -8.72
CA MET C 190 42.50 13.00 -9.47
C MET C 190 41.25 12.81 -10.30
N GLU C 191 40.89 11.56 -10.64
CA GLU C 191 39.72 11.35 -11.49
C GLU C 191 38.45 11.91 -10.85
N TYR C 192 38.23 11.60 -9.58
CA TYR C 192 37.06 12.14 -8.89
C TYR C 192 37.04 13.66 -8.91
N TRP C 193 38.19 14.30 -8.76
CA TRP C 193 38.18 15.77 -8.79
C TRP C 193 37.78 16.29 -10.16
N ASN C 194 38.16 15.60 -11.24
CA ASN C 194 37.73 16.02 -12.57
C ASN C 194 36.23 15.80 -12.75
N LYS C 195 35.72 14.65 -12.28
CA LYS C 195 34.28 14.43 -12.29
C LYS C 195 33.54 15.53 -11.53
N ILE C 196 34.06 15.91 -10.37
CA ILE C 196 33.45 16.96 -9.56
C ILE C 196 33.48 18.29 -10.29
N TYR C 197 34.60 18.61 -10.93
CA TYR C 197 34.67 19.84 -11.70
C TYR C 197 33.63 19.87 -12.80
N ARG C 198 33.46 18.76 -13.51
CA ARG C 198 32.47 18.73 -14.58
C ARG C 198 31.05 18.87 -14.04
N LEU C 199 30.73 18.17 -12.95
CA LEU C 199 29.39 18.28 -12.37
C LEU C 199 29.12 19.71 -11.89
N VAL C 200 30.09 20.32 -11.21
CA VAL C 200 29.91 21.69 -10.73
C VAL C 200 29.80 22.65 -11.91
N HIS C 201 30.49 22.36 -13.01
CA HIS C 201 30.37 23.23 -14.18
C HIS C 201 28.99 23.13 -14.80
N THR C 202 28.44 21.91 -14.90
CA THR C 202 27.07 21.76 -15.38
C THR C 202 26.09 22.51 -14.48
N MET C 203 26.25 22.37 -13.16
CA MET C 203 25.40 23.12 -12.25
C MET C 203 25.52 24.61 -12.48
N LYS C 204 26.75 25.11 -12.63
CA LYS C 204 26.97 26.53 -12.90
C LYS C 204 26.25 26.96 -14.17
N GLU C 205 26.29 26.11 -15.20
CA GLU C 205 25.65 26.45 -16.47
C GLU C 205 24.15 26.61 -16.30
N ILE C 206 23.50 25.59 -15.72
CA ILE C 206 22.07 25.67 -15.50
C ILE C 206 21.71 26.86 -14.61
N THR C 207 22.48 27.06 -13.53
CA THR C 207 22.20 28.12 -12.59
C THR C 207 22.27 29.50 -13.22
N GLU C 208 23.37 29.79 -13.94
CA GLU C 208 23.49 31.07 -14.61
C GLU C 208 22.39 31.24 -15.66
N THR C 209 22.07 30.18 -16.40
CA THR C 209 21.02 30.28 -17.41
C THR C 209 19.69 30.66 -16.78
N MET C 210 19.32 30.03 -15.66
CA MET C 210 18.08 30.38 -14.98
C MET C 210 18.09 31.77 -14.37
N GLY C 211 19.24 32.46 -14.37
CA GLY C 211 19.33 33.79 -13.81
C GLY C 211 19.70 33.84 -12.33
N PHE C 212 20.15 32.72 -11.77
CA PHE C 212 20.54 32.66 -10.36
C PHE C 212 22.02 33.04 -10.21
N SER C 213 22.32 34.30 -10.54
CA SER C 213 23.71 34.74 -10.55
C SER C 213 24.46 34.46 -9.26
N PRO C 214 23.89 34.69 -8.08
CA PRO C 214 24.67 34.40 -6.85
C PRO C 214 25.15 32.95 -6.76
N VAL C 215 24.24 32.01 -6.98
CA VAL C 215 24.61 30.60 -6.96
C VAL C 215 25.65 30.32 -8.04
N ALA C 216 25.50 30.94 -9.21
CA ALA C 216 26.46 30.73 -10.29
C ALA C 216 27.86 31.17 -9.88
N LEU C 217 27.97 32.33 -9.22
CA LEU C 217 29.28 32.82 -8.81
C LEU C 217 29.89 31.97 -7.71
N VAL C 218 29.06 31.49 -6.78
CA VAL C 218 29.61 30.61 -5.74
C VAL C 218 30.11 29.31 -6.36
N LEU C 219 29.33 28.74 -7.29
CA LEU C 219 29.78 27.55 -8.01
C LEU C 219 31.06 27.83 -8.78
N GLU C 220 31.19 29.04 -9.32
CA GLU C 220 32.40 29.41 -10.07
C GLU C 220 33.61 29.47 -9.15
N ALA C 221 33.43 29.99 -7.93
CA ALA C 221 34.51 29.96 -6.95
C ALA C 221 34.93 28.52 -6.65
N ILE C 222 33.94 27.64 -6.45
CA ILE C 222 34.24 26.23 -6.26
C ILE C 222 35.06 25.71 -7.44
N MET C 223 34.65 26.08 -8.65
CA MET C 223 35.36 25.63 -9.85
C MET C 223 36.80 26.12 -9.85
N MET C 224 37.02 27.38 -9.45
CA MET C 224 38.39 27.89 -9.39
C MET C 224 39.24 27.04 -8.45
N LEU C 225 38.71 26.73 -7.27
CA LEU C 225 39.48 25.95 -6.32
C LEU C 225 39.81 24.57 -6.90
N VAL C 226 38.80 23.87 -7.39
CA VAL C 226 39.05 22.52 -7.92
C VAL C 226 39.96 22.56 -9.13
N LYS C 227 39.89 23.62 -9.94
CA LYS C 227 40.76 23.70 -11.10
C LYS C 227 42.21 23.91 -10.68
N LEU C 228 42.45 24.79 -9.71
CA LEU C 228 43.80 24.93 -9.17
C LEU C 228 44.30 23.57 -8.71
N MET C 229 43.42 22.79 -8.09
CA MET C 229 43.82 21.47 -7.61
C MET C 229 44.15 20.52 -8.76
N LEU C 230 43.36 20.57 -9.84
CA LEU C 230 43.62 19.74 -11.01
C LEU C 230 44.87 20.19 -11.77
N ASN C 231 45.01 21.50 -11.98
CA ASN C 231 46.14 22.07 -12.71
C ASN C 231 47.32 22.31 -11.79
N SER C 232 47.66 21.30 -10.98
CA SER C 232 48.66 21.38 -9.92
C SER C 232 49.30 22.76 -9.76
N GLU C 233 48.49 23.73 -9.33
CA GLU C 233 49.00 25.01 -8.88
C GLU C 233 49.33 25.01 -7.40
N ILE C 234 48.57 24.26 -6.60
CA ILE C 234 48.81 24.15 -5.18
C ILE C 234 48.75 22.68 -4.77
N LYS C 235 49.49 22.34 -3.72
CA LYS C 235 49.44 21.00 -3.16
C LYS C 235 48.14 20.87 -2.36
N ILE C 236 47.46 19.73 -2.52
CA ILE C 236 46.14 19.56 -1.92
C ILE C 236 46.26 19.57 -0.40
N THR C 237 45.63 20.57 0.22
CA THR C 237 45.59 20.70 1.67
C THR C 237 44.22 20.25 2.17
N SER C 238 44.19 19.86 3.45
CA SER C 238 42.92 19.45 4.06
C SER C 238 42.02 20.63 4.36
N ASP C 239 42.58 21.82 4.58
CA ASP C 239 41.76 22.99 4.84
C ASP C 239 40.96 23.39 3.61
N LEU C 240 41.54 23.23 2.42
CA LEU C 240 40.84 23.57 1.19
C LEU C 240 39.63 22.67 0.96
N ILE C 241 39.74 21.39 1.32
CA ILE C 241 38.59 20.50 1.19
C ILE C 241 37.47 20.98 2.09
N ASP C 242 37.81 21.42 3.30
CA ASP C 242 36.80 21.96 4.21
C ASP C 242 36.18 23.23 3.62
N ALA C 243 36.99 24.06 2.97
CA ALA C 243 36.48 25.26 2.32
C ALA C 243 35.47 24.89 1.23
N VAL C 244 35.80 23.91 0.40
CA VAL C 244 34.89 23.47 -0.66
C VAL C 244 33.60 22.94 -0.06
N LYS C 245 33.71 22.16 1.01
CA LYS C 245 32.51 21.64 1.68
C LYS C 245 31.64 22.78 2.19
N LYS C 246 32.26 23.78 2.83
CA LYS C 246 31.52 24.92 3.35
C LYS C 246 30.84 25.69 2.21
N MET C 247 31.52 25.81 1.07
CA MET C 247 30.96 26.52 -0.07
C MET C 247 29.77 25.78 -0.65
N LEU C 248 29.86 24.44 -0.74
CA LEU C 248 28.71 23.66 -1.19
C LEU C 248 27.53 23.79 -0.24
N ASP C 249 27.81 23.75 1.07
CA ASP C 249 26.74 23.90 2.06
C ASP C 249 26.04 25.26 1.91
N MET C 250 26.82 26.33 1.74
CA MET C 250 26.19 27.64 1.58
C MET C 250 25.42 27.72 0.27
N VAL C 251 25.88 27.06 -0.79
CA VAL C 251 25.10 27.01 -2.03
C VAL C 251 23.74 26.35 -1.77
N THR C 252 23.76 25.22 -1.06
CA THR C 252 22.50 24.54 -0.74
C THR C 252 21.57 25.45 0.05
N ARG C 253 22.11 26.14 1.06
CA ARG C 253 21.27 27.04 1.86
C ARG C 253 20.70 28.16 1.01
N LEU C 254 21.53 28.75 0.15
CA LEU C 254 21.07 29.79 -0.76
C LEU C 254 19.93 29.29 -1.63
N LEU C 255 20.03 28.05 -2.13
CA LEU C 255 18.91 27.47 -2.86
C LEU C 255 17.67 27.33 -1.97
N ASP C 256 17.86 26.89 -0.73
CA ASP C 256 16.74 26.77 0.20
C ASP C 256 15.98 28.08 0.33
N LEU C 257 16.72 29.20 0.34
CA LEU C 257 16.06 30.50 0.46
C LEU C 257 15.03 30.73 -0.65
N MET C 258 15.33 30.30 -1.88
CA MET C 258 14.50 30.67 -3.02
C MET C 258 13.08 30.15 -2.91
N VAL C 259 12.92 28.92 -2.39
CA VAL C 259 11.64 28.22 -2.34
C VAL C 259 10.42 29.12 -2.48
N ASP C 260 10.26 30.10 -1.59
CA ASP C 260 9.13 31.03 -1.67
C ASP C 260 9.31 32.11 -2.75
N PRO C 261 8.56 32.05 -3.87
CA PRO C 261 8.56 33.19 -4.82
C PRO C 261 7.83 34.41 -4.27
N ASN C 262 6.74 34.17 -3.56
CA ASN C 262 5.88 35.21 -2.99
C ASN C 262 5.93 35.22 -1.48
N LEU C 263 7.01 35.78 -0.95
CA LEU C 263 7.14 36.01 0.47
C LEU C 263 6.47 37.34 0.82
N ASN C 264 6.44 37.67 2.10
CA ASN C 264 5.83 38.92 2.53
C ASN C 264 6.94 39.92 2.81
N GLU C 265 6.58 41.20 2.81
CA GLU C 265 7.62 42.22 2.90
C GLU C 265 8.50 42.01 4.12
N GLU C 266 7.91 41.51 5.22
CA GLU C 266 8.68 41.30 6.44
C GLU C 266 9.66 40.14 6.28
N GLN C 267 9.17 38.97 5.84
CA GLN C 267 10.05 37.82 5.64
C GLN C 267 10.94 37.97 4.41
N TYR C 268 10.45 38.65 3.37
CA TYR C 268 11.22 38.80 2.14
C TYR C 268 12.53 39.54 2.38
N ILE C 269 12.48 40.64 3.15
CA ILE C 269 13.71 41.37 3.46
C ILE C 269 14.69 40.45 4.18
N LYS C 270 14.20 39.64 5.12
CA LYS C 270 15.08 38.70 5.82
C LYS C 270 15.69 37.70 4.84
N MET C 271 14.90 37.22 3.88
CA MET C 271 15.42 36.33 2.86
C MET C 271 16.58 36.98 2.11
N VAL C 272 16.40 38.22 1.68
CA VAL C 272 17.45 38.90 0.91
C VAL C 272 18.68 39.08 1.78
N VAL C 273 18.49 39.43 3.06
CA VAL C 273 19.63 39.64 3.95
C VAL C 273 20.37 38.33 4.17
N ASP C 274 19.65 37.22 4.28
CA ASP C 274 20.29 35.93 4.42
C ASP C 274 21.14 35.63 3.18
N ALA C 275 20.61 35.92 1.99
CA ALA C 275 21.39 35.72 0.77
C ALA C 275 22.65 36.58 0.77
N LEU C 276 22.53 37.84 1.19
CA LEU C 276 23.70 38.70 1.27
C LEU C 276 24.72 38.17 2.28
N LYS C 277 24.25 37.61 3.40
CA LYS C 277 25.20 36.98 4.33
C LYS C 277 25.88 35.79 3.69
N ILE C 278 25.16 35.01 2.89
CA ILE C 278 25.79 33.91 2.16
C ILE C 278 26.91 34.45 1.29
N LEU C 279 26.64 35.54 0.57
CA LEU C 279 27.66 36.08 -0.33
C LEU C 279 28.82 36.69 0.44
N ILE C 280 28.56 37.26 1.62
CA ILE C 280 29.65 37.74 2.48
C ILE C 280 30.52 36.57 2.93
N GLU C 281 29.90 35.46 3.32
CA GLU C 281 30.67 34.28 3.72
C GLU C 281 31.52 33.76 2.56
N ALA C 282 30.95 33.74 1.34
CA ALA C 282 31.72 33.33 0.17
C ALA C 282 32.90 34.25 -0.05
N VAL C 283 32.68 35.56 0.02
CA VAL C 283 33.77 36.51 -0.15
C VAL C 283 34.83 36.33 0.93
N ASN C 284 34.41 35.96 2.14
CA ASN C 284 35.38 35.70 3.20
C ASN C 284 36.24 34.48 2.87
N VAL C 285 35.62 33.41 2.37
CA VAL C 285 36.39 32.25 1.95
C VAL C 285 37.40 32.64 0.88
N LEU C 286 36.95 33.40 -0.12
CA LEU C 286 37.84 33.82 -1.19
C LEU C 286 38.99 34.69 -0.66
N ILE C 287 38.69 35.60 0.26
CA ILE C 287 39.74 36.46 0.82
C ILE C 287 40.75 35.63 1.59
N LYS C 288 40.28 34.69 2.41
CA LYS C 288 41.21 33.84 3.15
C LYS C 288 42.09 33.04 2.21
N MET C 289 41.53 32.52 1.12
CA MET C 289 42.32 31.70 0.20
C MET C 289 43.30 32.54 -0.59
N VAL C 290 42.91 33.74 -1.02
CA VAL C 290 43.80 34.56 -1.85
C VAL C 290 45.02 34.99 -1.06
N GLU C 291 44.89 35.19 0.26
CA GLU C 291 46.05 35.57 1.06
C GLU C 291 47.18 34.56 0.91
N LYS C 292 46.84 33.28 0.77
CA LYS C 292 47.84 32.23 0.60
C LYS C 292 48.39 32.23 -0.82
N ASN C 293 47.58 32.66 -1.79
CA ASN C 293 47.98 32.76 -3.20
C ASN C 293 47.81 34.22 -3.56
N PRO C 294 48.76 35.08 -3.17
CA PRO C 294 48.60 36.52 -3.37
C PRO C 294 48.72 36.99 -4.80
N GLU C 295 49.13 36.16 -5.76
CA GLU C 295 49.13 36.62 -7.14
C GLU C 295 48.14 35.83 -7.97
N ASP C 296 47.08 35.30 -7.37
CA ASP C 296 46.04 34.67 -8.17
C ASP C 296 44.90 35.67 -8.35
N MET C 297 45.10 36.55 -9.34
CA MET C 297 44.20 37.67 -9.51
C MET C 297 42.81 37.20 -9.89
N GLU C 298 42.67 35.93 -10.28
CA GLU C 298 41.35 35.37 -10.58
C GLU C 298 40.43 35.48 -9.38
N PHE C 299 40.98 35.26 -8.18
CA PHE C 299 40.17 35.41 -6.96
C PHE C 299 39.73 36.85 -6.78
N TRP C 300 40.59 37.81 -7.12
CA TRP C 300 40.18 39.20 -6.98
C TRP C 300 39.10 39.57 -7.98
N ASN C 301 39.21 39.11 -9.23
CA ASN C 301 38.15 39.34 -10.21
C ASN C 301 36.84 38.70 -9.76
N LEU C 302 36.91 37.50 -9.19
CA LEU C 302 35.68 36.85 -8.75
C LEU C 302 35.07 37.56 -7.56
N ILE C 303 35.88 38.01 -6.61
CA ILE C 303 35.37 38.81 -5.50
C ILE C 303 34.72 40.08 -6.04
N TYR C 304 35.34 40.68 -7.04
CA TYR C 304 34.77 41.86 -7.66
C TYR C 304 33.38 41.56 -8.23
N ARG C 305 33.25 40.43 -8.93
CA ARG C 305 31.95 40.07 -9.50
C ARG C 305 30.91 39.81 -8.41
N LEU C 306 31.28 39.12 -7.33
CA LEU C 306 30.32 38.88 -6.27
C LEU C 306 29.88 40.20 -5.63
N VAL C 307 30.83 41.07 -5.34
CA VAL C 307 30.48 42.36 -4.74
C VAL C 307 29.63 43.17 -5.71
N HIS C 308 29.85 43.02 -7.02
CA HIS C 308 29.04 43.72 -8.00
C HIS C 308 27.61 43.20 -8.05
N VAL C 309 27.44 41.87 -8.03
CA VAL C 309 26.10 41.30 -8.00
C VAL C 309 25.34 41.77 -6.76
N MET C 310 26.01 41.75 -5.61
CA MET C 310 25.31 42.19 -4.39
C MET C 310 25.05 43.68 -4.41
N LYS C 311 25.97 44.48 -4.97
CA LYS C 311 25.71 45.90 -5.16
C LYS C 311 24.48 46.14 -6.02
N GLU C 312 24.33 45.36 -7.10
CA GLU C 312 23.14 45.48 -7.92
C GLU C 312 21.89 45.14 -7.12
N VAL C 313 21.95 44.04 -6.36
CA VAL C 313 20.83 43.67 -5.50
C VAL C 313 20.45 44.85 -4.61
N THR C 314 21.44 45.47 -3.98
CA THR C 314 21.18 46.60 -3.09
C THR C 314 20.52 47.75 -3.85
N GLU C 315 21.13 48.17 -4.97
CA GLU C 315 20.58 49.26 -5.75
C GLU C 315 19.12 49.01 -6.07
N THR C 316 18.80 47.81 -6.56
CA THR C 316 17.42 47.46 -6.84
C THR C 316 16.53 47.62 -5.61
N MET C 317 17.12 47.52 -4.41
CA MET C 317 16.36 47.54 -3.17
C MET C 317 16.34 48.93 -2.52
N GLY C 318 16.56 49.98 -3.31
CA GLY C 318 16.66 51.34 -2.79
C GLY C 318 17.14 51.44 -1.36
N PHE C 319 18.31 50.86 -1.07
CA PHE C 319 18.85 50.83 0.29
C PHE C 319 20.33 51.18 0.15
N SER C 320 20.57 52.44 -0.20
CA SER C 320 21.88 52.93 -0.61
C SER C 320 22.91 52.88 0.52
N SER C 321 22.48 52.87 1.78
CA SER C 321 23.45 52.89 2.88
C SER C 321 24.51 51.81 2.68
N VAL C 322 24.10 50.60 2.36
CA VAL C 322 25.05 49.51 2.12
C VAL C 322 25.63 49.57 0.71
N ALA C 323 24.83 50.01 -0.28
CA ALA C 323 25.29 50.06 -1.65
C ALA C 323 26.53 50.95 -1.80
N LYS C 324 26.58 52.07 -1.09
CA LYS C 324 27.73 52.95 -1.21
C LYS C 324 28.98 52.28 -0.66
N VAL C 325 28.86 51.61 0.48
CA VAL C 325 29.99 50.90 1.06
C VAL C 325 30.49 49.85 0.07
N LEU C 326 29.56 49.13 -0.56
CA LEU C 326 29.95 48.10 -1.51
C LEU C 326 30.60 48.71 -2.76
N HIS C 327 30.12 49.88 -3.18
CA HIS C 327 30.74 50.60 -4.29
C HIS C 327 32.20 50.94 -3.97
N THR C 328 32.46 51.44 -2.76
CA THR C 328 33.83 51.77 -2.39
C THR C 328 34.69 50.51 -2.32
N ILE C 329 34.15 49.43 -1.74
CA ILE C 329 34.87 48.16 -1.74
C ILE C 329 35.26 47.77 -3.17
N MET C 330 34.31 47.88 -4.10
CA MET C 330 34.60 47.53 -5.48
C MET C 330 35.70 48.41 -6.05
N ASN C 331 35.68 49.70 -5.70
CA ASN C 331 36.73 50.60 -6.17
C ASN C 331 38.10 50.15 -5.67
N LEU C 332 38.18 49.76 -4.39
CA LEU C 332 39.45 49.30 -3.84
C LEU C 332 39.91 48.01 -4.53
N VAL C 333 38.98 47.09 -4.76
CA VAL C 333 39.33 45.86 -5.46
C VAL C 333 39.80 46.16 -6.87
N ASP C 334 39.22 47.19 -7.50
CA ASP C 334 39.68 47.62 -8.81
C ASP C 334 41.12 48.13 -8.72
N LYS C 335 41.41 48.96 -7.72
CA LYS C 335 42.78 49.41 -7.52
C LYS C 335 43.75 48.23 -7.43
N MET C 336 43.38 47.19 -6.69
CA MET C 336 44.27 46.02 -6.62
C MET C 336 44.39 45.35 -7.98
N LEU C 337 43.24 45.15 -8.65
CA LEU C 337 43.22 44.47 -9.94
C LEU C 337 44.08 45.17 -10.98
N ASN C 338 44.13 46.50 -10.93
CA ASN C 338 44.86 47.29 -11.92
C ASN C 338 46.36 47.07 -11.83
N SER C 339 46.81 45.88 -12.21
CA SER C 339 48.23 45.54 -12.35
C SER C 339 48.92 45.38 -11.00
N GLU C 340 48.18 44.97 -9.97
CA GLU C 340 48.77 44.64 -8.68
C GLU C 340 49.76 45.72 -8.29
N ILE C 341 49.34 46.97 -8.44
CA ILE C 341 50.25 48.10 -8.23
C ILE C 341 50.80 48.11 -6.80
N LYS C 342 49.95 48.30 -5.80
CA LYS C 342 50.41 48.42 -4.41
C LYS C 342 49.56 47.54 -3.48
N ILE C 343 49.80 46.22 -3.53
CA ILE C 343 49.13 45.29 -2.64
C ILE C 343 49.65 45.52 -1.23
N THR C 344 48.82 46.09 -0.36
CA THR C 344 49.20 46.36 1.02
C THR C 344 48.24 45.68 1.97
N SER C 345 48.74 45.32 3.15
CA SER C 345 47.90 44.71 4.17
C SER C 345 46.78 45.66 4.60
N ASP C 346 47.05 46.96 4.58
CA ASP C 346 46.06 47.94 5.01
C ASP C 346 44.83 47.91 4.12
N LEU C 347 45.01 47.70 2.81
CA LEU C 347 43.87 47.73 1.91
C LEU C 347 42.96 46.52 2.12
N ILE C 348 43.55 45.32 2.23
CA ILE C 348 42.75 44.13 2.51
C ILE C 348 42.07 44.25 3.88
N ASP C 349 42.78 44.82 4.86
CA ASP C 349 42.18 44.99 6.18
C ASP C 349 41.02 45.97 6.14
N LYS C 350 41.14 47.02 5.32
CA LYS C 350 40.05 47.97 5.13
C LYS C 350 38.86 47.30 4.48
N VAL C 351 39.10 46.47 3.47
CA VAL C 351 38.02 45.73 2.84
C VAL C 351 37.30 44.87 3.87
N LYS C 352 38.05 44.20 4.75
CA LYS C 352 37.44 43.38 5.79
C LYS C 352 36.63 44.23 6.77
N LYS C 353 37.18 45.35 7.22
CA LYS C 353 36.46 46.22 8.16
C LYS C 353 35.14 46.67 7.56
N LYS C 354 35.16 47.13 6.31
CA LYS C 354 33.94 47.60 5.67
C LYS C 354 32.97 46.47 5.42
N LEU C 355 33.47 45.27 5.10
CA LEU C 355 32.61 44.12 4.89
C LEU C 355 31.86 43.77 6.17
N ASP C 356 32.57 43.79 7.30
CA ASP C 356 31.92 43.55 8.59
C ASP C 356 30.90 44.65 8.91
N MET C 357 31.23 45.90 8.57
CA MET C 357 30.28 46.99 8.76
C MET C 357 29.00 46.73 7.96
N VAL C 358 29.15 46.25 6.73
CA VAL C 358 27.99 45.88 5.92
C VAL C 358 27.16 44.81 6.63
N THR C 359 27.82 43.75 7.10
CA THR C 359 27.08 42.64 7.69
C THR C 359 26.26 43.11 8.90
N ARG C 360 26.87 43.92 9.77
CA ARG C 360 26.13 44.40 10.94
C ARG C 360 25.08 45.44 10.56
N GLU C 361 25.32 46.24 9.52
CA GLU C 361 24.29 47.17 9.09
C GLU C 361 23.05 46.44 8.63
N LEU C 362 23.22 45.36 7.86
CA LEU C 362 22.07 44.51 7.50
C LEU C 362 21.42 43.92 8.73
N ASP C 363 22.23 43.41 9.67
CA ASP C 363 21.67 42.83 10.89
C ASP C 363 20.80 43.83 11.63
N LYS C 364 21.23 45.09 11.73
CA LYS C 364 20.38 46.09 12.35
C LYS C 364 19.15 46.38 11.50
N MET C 365 19.27 46.32 10.17
CA MET C 365 18.12 46.57 9.32
C MET C 365 17.00 45.60 9.64
N VAL C 366 17.27 44.29 9.60
CA VAL C 366 16.18 43.34 9.80
C VAL C 366 15.85 43.20 11.29
N SER C 367 16.87 43.19 12.14
CA SER C 367 16.67 43.00 13.57
C SER C 367 17.48 44.01 14.38
N ASP D 5 -21.92 10.72 24.11
CA ASP D 5 -22.34 9.81 23.04
C ASP D 5 -21.55 10.08 21.76
N LEU D 6 -21.70 11.27 21.19
CA LEU D 6 -20.97 11.58 19.97
C LEU D 6 -19.47 11.74 20.24
N GLY D 7 -19.10 12.26 21.41
CA GLY D 7 -17.70 12.36 21.75
C GLY D 7 -17.04 11.00 21.91
N LYS D 8 -17.75 10.07 22.55
CA LYS D 8 -17.23 8.72 22.72
C LYS D 8 -17.11 8.01 21.38
N LYS D 9 -18.12 8.15 20.52
CA LYS D 9 -18.03 7.55 19.19
C LYS D 9 -16.88 8.15 18.40
N LEU D 10 -16.61 9.44 18.58
CA LEU D 10 -15.49 10.05 17.88
C LEU D 10 -14.16 9.52 18.40
N LEU D 11 -14.02 9.40 19.71
CA LEU D 11 -12.82 8.80 20.28
C LEU D 11 -12.59 7.41 19.70
N GLU D 12 -13.63 6.57 19.71
CA GLU D 12 -13.47 5.20 19.26
C GLU D 12 -13.22 5.12 17.76
N ALA D 13 -13.80 6.03 16.96
CA ALA D 13 -13.55 6.02 15.53
C ALA D 13 -12.13 6.46 15.22
N ALA D 14 -11.64 7.49 15.90
CA ALA D 14 -10.25 7.89 15.74
C ALA D 14 -9.31 6.78 16.15
N ARG D 15 -9.65 6.05 17.22
CA ARG D 15 -8.80 4.96 17.68
C ARG D 15 -8.79 3.81 16.70
N ALA D 16 -9.96 3.43 16.18
CA ALA D 16 -10.08 2.27 15.31
C ALA D 16 -9.69 2.56 13.86
N GLY D 17 -9.62 3.82 13.47
CA GLY D 17 -9.31 4.16 12.09
C GLY D 17 -10.50 4.25 11.18
N GLN D 18 -11.69 4.58 11.72
CA GLN D 18 -12.92 4.66 10.94
C GLN D 18 -13.01 6.04 10.31
N ASP D 19 -12.41 6.19 9.12
CA ASP D 19 -12.39 7.48 8.45
C ASP D 19 -13.80 8.04 8.26
N ASP D 20 -14.69 7.24 7.68
CA ASP D 20 -16.05 7.73 7.41
C ASP D 20 -16.77 8.10 8.69
N GLU D 21 -16.63 7.30 9.74
CA GLU D 21 -17.30 7.61 11.00
C GLU D 21 -16.74 8.89 11.61
N VAL D 22 -15.43 9.11 11.52
CA VAL D 22 -14.85 10.36 12.01
C VAL D 22 -15.45 11.54 11.25
N ARG D 23 -15.48 11.45 9.92
CA ARG D 23 -16.03 12.55 9.12
C ARG D 23 -17.49 12.81 9.45
N ILE D 24 -18.28 11.74 9.59
CA ILE D 24 -19.70 11.90 9.87
C ILE D 24 -19.91 12.51 11.26
N LEU D 25 -19.21 11.99 12.26
CA LEU D 25 -19.36 12.49 13.63
C LEU D 25 -18.95 13.95 13.72
N LEU D 26 -17.84 14.32 13.08
CA LEU D 26 -17.45 15.72 13.04
C LEU D 26 -18.49 16.58 12.32
N ALA D 27 -19.09 16.03 11.26
CA ALA D 27 -20.12 16.76 10.55
C ALA D 27 -21.36 16.98 11.41
N ASN D 28 -21.69 16.00 12.25
CA ASN D 28 -22.85 16.08 13.12
C ASN D 28 -22.55 16.77 14.46
N GLY D 29 -21.54 17.63 14.49
CA GLY D 29 -21.27 18.43 15.67
C GLY D 29 -20.55 17.73 16.80
N ALA D 30 -19.77 16.69 16.51
CA ALA D 30 -18.96 16.06 17.54
C ALA D 30 -17.81 16.97 17.93
N ASP D 31 -17.55 17.05 19.23
CA ASP D 31 -16.47 17.88 19.74
C ASP D 31 -15.12 17.25 19.41
N VAL D 32 -14.35 17.93 18.55
CA VAL D 32 -13.10 17.36 18.07
C VAL D 32 -12.09 17.18 19.20
N ASN D 33 -12.20 17.99 20.25
CA ASN D 33 -11.25 17.98 21.36
C ASN D 33 -11.77 17.25 22.58
N THR D 34 -12.75 16.36 22.41
CA THR D 34 -13.22 15.56 23.53
C THR D 34 -12.07 14.81 24.16
N ALA D 35 -12.25 14.41 25.42
CA ALA D 35 -11.20 13.73 26.16
C ALA D 35 -11.79 12.56 26.94
N ASP D 36 -10.96 11.55 27.17
CA ASP D 36 -11.34 10.38 27.97
C ASP D 36 -10.99 10.68 29.43
N GLU D 37 -10.94 9.63 30.27
CA GLU D 37 -10.60 9.84 31.68
C GLU D 37 -9.19 10.40 31.83
N THR D 38 -8.22 9.80 31.13
CA THR D 38 -6.83 10.23 31.25
C THR D 38 -6.49 11.43 30.38
N GLY D 39 -7.42 11.94 29.59
CA GLY D 39 -7.21 13.17 28.86
C GLY D 39 -6.73 13.04 27.43
N PHE D 40 -6.84 11.85 26.82
CA PHE D 40 -6.43 11.68 25.43
C PHE D 40 -7.52 12.20 24.51
N THR D 41 -7.16 13.16 23.65
CA THR D 41 -8.07 13.62 22.61
C THR D 41 -8.03 12.70 21.41
N PRO D 42 -9.03 12.77 20.52
CA PRO D 42 -8.99 11.93 19.32
C PRO D 42 -7.70 12.07 18.54
N LEU D 43 -7.04 13.23 18.62
CA LEU D 43 -5.77 13.39 17.92
C LEU D 43 -4.68 12.56 18.55
N HIS D 44 -4.61 12.52 19.89
CA HIS D 44 -3.71 11.60 20.56
C HIS D 44 -3.88 10.18 20.05
N LEU D 45 -5.13 9.70 20.02
CA LEU D 45 -5.39 8.31 19.66
C LEU D 45 -5.07 8.05 18.21
N ALA D 46 -5.39 9.00 17.32
CA ALA D 46 -5.07 8.83 15.91
C ALA D 46 -3.56 8.77 15.70
N ALA D 47 -2.81 9.64 16.38
CA ALA D 47 -1.36 9.60 16.27
C ALA D 47 -0.80 8.31 16.85
N TRP D 48 -1.34 7.87 17.98
CA TRP D 48 -0.88 6.61 18.59
C TRP D 48 -1.07 5.44 17.64
N GLU D 49 -2.29 5.25 17.15
CA GLU D 49 -2.57 4.13 16.26
C GLU D 49 -2.01 4.34 14.86
N GLY D 50 -1.61 5.57 14.52
CA GLY D 50 -0.96 5.81 13.24
C GLY D 50 -1.87 6.03 12.06
N HIS D 51 -3.00 6.71 12.27
CA HIS D 51 -3.96 6.98 11.19
C HIS D 51 -3.70 8.39 10.67
N LEU D 52 -2.87 8.46 9.62
CA LEU D 52 -2.49 9.76 9.05
C LEU D 52 -3.71 10.53 8.56
N GLY D 53 -4.62 9.87 7.86
CA GLY D 53 -5.78 10.56 7.33
C GLY D 53 -6.62 11.20 8.41
N ILE D 54 -6.88 10.46 9.49
CA ILE D 54 -7.68 11.00 10.58
C ILE D 54 -6.93 12.12 11.28
N VAL D 55 -5.62 12.00 11.43
CA VAL D 55 -4.84 13.10 12.00
C VAL D 55 -5.06 14.37 11.19
N GLU D 56 -4.92 14.27 9.87
CA GLU D 56 -5.08 15.44 9.02
C GLU D 56 -6.49 16.00 9.12
N VAL D 57 -7.50 15.14 9.06
CA VAL D 57 -8.89 15.60 9.14
C VAL D 57 -9.13 16.33 10.46
N LEU D 58 -8.74 15.71 11.58
CA LEU D 58 -8.92 16.32 12.89
C LEU D 58 -8.23 17.68 12.95
N LEU D 59 -7.00 17.77 12.44
CA LEU D 59 -6.30 19.05 12.44
C LEU D 59 -7.03 20.08 11.59
N LYS D 60 -7.65 19.64 10.49
CA LYS D 60 -8.43 20.55 9.66
C LYS D 60 -9.66 21.06 10.41
N ASN D 61 -10.26 20.21 11.25
CA ASN D 61 -11.49 20.55 11.96
C ASN D 61 -11.23 21.16 13.33
N GLY D 62 -10.07 21.78 13.55
CA GLY D 62 -9.82 22.54 14.76
C GLY D 62 -9.25 21.75 15.92
N ALA D 63 -8.57 20.64 15.68
CA ALA D 63 -7.98 19.86 16.75
C ALA D 63 -6.82 20.63 17.39
N ASP D 64 -6.71 20.50 18.71
CA ASP D 64 -5.66 21.18 19.47
C ASP D 64 -4.38 20.38 19.34
N VAL D 65 -3.42 20.91 18.58
CA VAL D 65 -2.20 20.17 18.28
C VAL D 65 -1.40 19.87 19.54
N ASN D 66 -1.48 20.74 20.55
CA ASN D 66 -0.66 20.61 21.76
C ASN D 66 -1.47 20.15 22.96
N ALA D 67 -2.61 19.49 22.74
CA ALA D 67 -3.41 19.01 23.85
C ALA D 67 -2.60 18.09 24.74
N ASN D 68 -2.74 18.26 26.04
CA ASN D 68 -2.03 17.45 27.04
C ASN D 68 -3.01 16.51 27.75
N ASP D 69 -2.52 15.33 28.09
CA ASP D 69 -3.24 14.37 28.89
C ASP D 69 -2.80 14.50 30.34
N GLU D 70 -3.16 13.52 31.18
CA GLU D 70 -2.75 13.55 32.58
C GLU D 70 -1.24 13.61 32.69
N ARG D 71 -0.53 12.81 31.89
CA ARG D 71 0.92 12.69 31.99
C ARG D 71 1.65 13.79 31.25
N GLY D 72 0.94 14.76 30.68
CA GLY D 72 1.59 15.86 29.99
C GLY D 72 2.09 15.53 28.60
N HIS D 73 1.52 14.54 27.92
CA HIS D 73 1.98 14.11 26.61
C HIS D 73 1.11 14.76 25.53
N THR D 74 1.77 15.43 24.59
CA THR D 74 1.09 15.95 23.41
C THR D 74 1.05 14.88 22.33
N PRO D 75 0.23 15.06 21.31
CA PRO D 75 0.22 14.09 20.19
C PRO D 75 1.59 13.88 19.57
N LEU D 76 2.49 14.87 19.65
CA LEU D 76 3.82 14.69 19.07
C LEU D 76 4.64 13.70 19.88
N HIS D 77 4.52 13.71 21.20
CA HIS D 77 5.16 12.68 22.01
C HIS D 77 4.77 11.29 21.54
N LEU D 78 3.47 11.06 21.33
CA LEU D 78 2.99 9.73 20.97
C LEU D 78 3.40 9.37 19.55
N ALA D 79 3.36 10.34 18.63
CA ALA D 79 3.79 10.06 17.26
C ALA D 79 5.28 9.70 17.22
N ALA D 80 6.10 10.38 18.02
CA ALA D 80 7.52 10.07 18.06
C ALA D 80 7.78 8.72 18.73
N TYR D 81 7.06 8.43 19.81
CA TYR D 81 7.18 7.12 20.45
C TYR D 81 6.88 6.01 19.45
N THR D 82 5.68 6.03 18.87
CA THR D 82 5.28 4.97 17.96
C THR D 82 6.08 4.99 16.66
N GLY D 83 6.63 6.13 16.30
CA GLY D 83 7.53 6.20 15.16
C GLY D 83 6.87 6.42 13.83
N HIS D 84 5.73 7.12 13.79
CA HIS D 84 5.05 7.42 12.53
C HIS D 84 5.60 8.74 11.99
N LEU D 85 6.49 8.66 11.00
CA LEU D 85 7.20 9.84 10.53
C LEU D 85 6.25 10.86 9.93
N GLU D 86 5.36 10.42 9.04
CA GLU D 86 4.50 11.37 8.34
C GLU D 86 3.58 12.10 9.31
N ILE D 87 3.10 11.40 10.34
CA ILE D 87 2.25 12.06 11.34
C ILE D 87 3.06 13.09 12.13
N VAL D 88 4.31 12.75 12.48
CA VAL D 88 5.18 13.71 13.13
C VAL D 88 5.34 14.96 12.25
N GLU D 89 5.55 14.75 10.96
CA GLU D 89 5.76 15.88 10.05
C GLU D 89 4.51 16.74 9.98
N VAL D 90 3.33 16.12 9.91
CA VAL D 90 2.09 16.88 9.86
C VAL D 90 1.90 17.68 11.15
N LEU D 91 2.13 17.05 12.30
CA LEU D 91 2.00 17.75 13.57
C LEU D 91 2.93 18.95 13.63
N LEU D 92 4.20 18.76 13.24
CA LEU D 92 5.14 19.88 13.21
C LEU D 92 4.66 20.96 12.24
N LYS D 93 4.06 20.55 11.12
CA LYS D 93 3.52 21.52 10.17
C LYS D 93 2.41 22.35 10.80
N ASN D 94 1.61 21.73 11.67
CA ASN D 94 0.51 22.43 12.35
C ASN D 94 0.93 22.99 13.71
N GLY D 95 2.19 23.40 13.86
CA GLY D 95 2.61 24.11 15.05
C GLY D 95 2.73 23.25 16.30
N ALA D 96 3.20 22.02 16.16
CA ALA D 96 3.38 21.17 17.33
C ALA D 96 4.60 21.62 18.13
N GLY D 97 4.53 21.42 19.44
CA GLY D 97 5.62 21.78 20.32
C GLY D 97 6.76 20.80 20.24
N VAL D 98 7.80 21.16 19.48
CA VAL D 98 8.92 20.23 19.26
C VAL D 98 9.65 19.94 20.56
N ASN D 99 9.72 20.92 21.46
CA ASN D 99 10.42 20.75 22.73
C ASN D 99 9.45 20.66 23.91
N ALA D 100 8.18 20.35 23.64
CA ALA D 100 7.22 20.16 24.72
C ALA D 100 7.68 19.03 25.63
N THR D 101 7.62 19.26 26.93
CA THR D 101 8.06 18.28 27.92
C THR D 101 6.88 17.85 28.78
N ASP D 102 6.82 16.55 29.08
CA ASP D 102 5.74 16.01 29.90
C ASP D 102 6.07 16.18 31.38
N VAL D 103 5.36 15.46 32.25
CA VAL D 103 5.52 15.66 33.69
C VAL D 103 6.91 15.25 34.15
N ILE D 104 7.54 14.28 33.51
CA ILE D 104 8.89 13.86 33.88
C ILE D 104 9.96 14.64 33.13
N GLY D 105 9.57 15.60 32.30
CA GLY D 105 10.55 16.38 31.56
C GLY D 105 11.07 15.72 30.30
N THR D 106 10.40 14.70 29.79
CA THR D 106 10.85 13.98 28.60
C THR D 106 10.22 14.61 27.36
N ALA D 107 11.05 15.05 26.43
CA ALA D 107 10.60 15.63 25.18
C ALA D 107 10.39 14.54 24.13
N PRO D 108 9.74 14.86 23.02
CA PRO D 108 9.57 13.86 21.96
C PRO D 108 10.87 13.27 21.45
N LEU D 109 11.96 14.06 21.45
CA LEU D 109 13.23 13.53 20.98
C LEU D 109 13.71 12.37 21.84
N HIS D 110 13.47 12.44 23.14
CA HIS D 110 13.79 11.31 24.01
C HIS D 110 13.08 10.05 23.54
N LEU D 111 11.77 10.16 23.29
CA LEU D 111 10.99 8.98 22.92
C LEU D 111 11.42 8.45 21.56
N ALA D 112 11.77 9.35 20.63
CA ALA D 112 12.20 8.90 19.31
C ALA D 112 13.56 8.22 19.37
N ALA D 113 14.51 8.80 20.09
CA ALA D 113 15.86 8.26 20.15
C ALA D 113 15.93 6.98 20.97
N MET D 114 15.09 6.84 22.01
CA MET D 114 15.20 5.68 22.88
C MET D 114 14.84 4.38 22.17
N TRP D 115 14.07 4.45 21.08
CA TRP D 115 13.74 3.27 20.30
C TRP D 115 14.43 3.27 18.94
N GLY D 116 15.32 4.22 18.70
CA GLY D 116 16.10 4.27 17.47
C GLY D 116 15.31 4.60 16.23
N HIS D 117 14.33 5.49 16.32
CA HIS D 117 13.59 5.94 15.14
C HIS D 117 14.39 7.06 14.49
N GLU D 118 15.40 6.66 13.71
CA GLU D 118 16.42 7.58 13.24
C GLU D 118 15.81 8.73 12.43
N GLU D 119 14.91 8.41 11.49
CA GLU D 119 14.38 9.45 10.61
C GLU D 119 13.63 10.52 11.40
N ILE D 120 12.80 10.11 12.36
CA ILE D 120 12.08 11.08 13.17
C ILE D 120 13.05 11.88 14.03
N VAL D 121 14.14 11.25 14.50
CA VAL D 121 15.16 11.99 15.23
C VAL D 121 15.73 13.10 14.35
N GLU D 122 16.06 12.75 13.10
CA GLU D 122 16.61 13.73 12.17
C GLU D 122 15.62 14.86 11.94
N VAL D 123 14.34 14.54 11.75
CA VAL D 123 13.33 15.57 11.50
C VAL D 123 13.20 16.48 12.71
N LEU D 124 13.11 15.90 13.91
CA LEU D 124 12.98 16.71 15.12
C LEU D 124 14.16 17.64 15.28
N LEU D 125 15.38 17.13 15.09
CA LEU D 125 16.56 17.97 15.20
C LEU D 125 16.55 19.06 14.13
N LYS D 126 16.10 18.74 12.93
CA LYS D 126 15.97 19.74 11.88
C LYS D 126 15.05 20.88 12.32
N ASN D 127 13.99 20.55 13.06
CA ASN D 127 13.03 21.54 13.54
C ASN D 127 13.40 22.12 14.90
N GLY D 128 14.69 22.27 15.19
CA GLY D 128 15.11 22.97 16.39
C GLY D 128 14.89 22.20 17.67
N ALA D 129 14.92 20.87 17.61
CA ALA D 129 14.80 20.08 18.83
C ALA D 129 16.08 20.18 19.65
N ASP D 130 15.93 20.25 20.96
CA ASP D 130 17.07 20.43 21.86
C ASP D 130 17.75 19.08 22.07
N ALA D 131 18.94 18.91 21.49
CA ALA D 131 19.63 17.63 21.58
C ALA D 131 20.11 17.33 22.99
N ARG D 132 20.39 18.36 23.79
CA ARG D 132 20.89 18.18 25.14
C ARG D 132 19.78 18.19 26.19
N ALA D 133 18.52 18.17 25.77
CA ALA D 133 17.42 18.17 26.72
C ALA D 133 17.55 17.00 27.69
N GLN D 134 17.29 17.27 28.97
CA GLN D 134 17.41 16.27 30.01
C GLN D 134 16.07 16.08 30.71
N ASP D 135 15.73 14.82 30.97
CA ASP D 135 14.51 14.47 31.69
C ASP D 135 14.75 14.60 33.20
N LYS D 136 13.77 14.14 33.99
CA LYS D 136 13.88 14.25 35.44
C LYS D 136 15.07 13.49 36.00
N PHE D 137 15.64 12.55 35.24
CA PHE D 137 16.76 11.75 35.69
C PHE D 137 18.08 12.16 35.04
N GLY D 138 18.13 13.34 34.44
CA GLY D 138 19.36 13.82 33.82
C GLY D 138 19.84 12.98 32.66
N LYS D 139 18.91 12.43 31.88
CA LYS D 139 19.23 11.55 30.76
C LYS D 139 18.94 12.30 29.45
N THR D 140 19.94 12.38 28.59
CA THR D 140 19.79 12.97 27.27
C THR D 140 19.27 11.93 26.30
N PRO D 141 18.79 12.36 25.12
CA PRO D 141 18.40 11.38 24.09
C PRO D 141 19.52 10.41 23.75
N GLU D 142 20.77 10.89 23.67
CA GLU D 142 21.90 9.99 23.50
C GLU D 142 21.88 8.89 24.55
N ASP D 143 21.68 9.27 25.82
CA ASP D 143 21.71 8.29 26.90
C ASP D 143 20.61 7.24 26.73
N LEU D 144 19.40 7.68 26.38
CA LEU D 144 18.30 6.73 26.22
C LEU D 144 18.52 5.80 25.04
N ALA D 145 19.04 6.33 23.93
CA ALA D 145 19.35 5.48 22.78
C ALA D 145 20.45 4.48 23.14
N ARG D 146 21.43 4.92 23.93
CA ARG D 146 22.52 4.05 24.32
C ARG D 146 22.04 2.94 25.24
N ASP D 147 21.10 3.24 26.14
CA ASP D 147 20.63 2.26 27.11
C ASP D 147 19.85 1.13 26.44
N ASN D 148 19.18 1.40 25.32
CA ASN D 148 18.37 0.41 24.63
C ASN D 148 19.10 -0.29 23.50
N GLY D 149 20.38 -0.01 23.29
CA GLY D 149 21.18 -0.75 22.33
C GLY D 149 21.11 -0.25 20.92
N TYR D 150 20.65 0.98 20.69
CA TYR D 150 20.58 1.56 19.35
C TYR D 150 21.79 2.46 19.18
N GLU D 151 22.92 1.84 18.79
CA GLU D 151 24.19 2.54 18.81
C GLU D 151 24.26 3.62 17.73
N SER D 152 23.66 3.39 16.57
CA SER D 152 23.76 4.37 15.49
C SER D 152 23.12 5.69 15.90
N VAL D 153 21.86 5.64 16.34
CA VAL D 153 21.18 6.86 16.77
C VAL D 153 21.89 7.46 17.97
N ALA D 154 22.47 6.63 18.84
CA ALA D 154 23.19 7.15 19.99
C ALA D 154 24.40 7.97 19.56
N ARG D 155 25.21 7.45 18.64
CA ARG D 155 26.33 8.22 18.12
C ARG D 155 25.88 9.47 17.39
N LEU D 156 24.76 9.40 16.67
CA LEU D 156 24.28 10.59 15.98
C LEU D 156 23.92 11.67 16.98
N ALA D 157 23.20 11.30 18.05
CA ALA D 157 22.87 12.26 19.10
C ALA D 157 24.14 12.77 19.79
N ARG D 158 25.14 11.91 19.95
CA ARG D 158 26.42 12.37 20.50
C ARG D 158 27.00 13.47 19.63
N LYS D 159 27.04 13.24 18.32
CA LYS D 159 27.56 14.25 17.39
C LYS D 159 26.75 15.54 17.49
N GLU D 160 25.44 15.42 17.69
CA GLU D 160 24.60 16.60 17.79
C GLU D 160 24.97 17.42 19.03
N ILE D 161 25.14 16.73 20.15
CA ILE D 161 25.59 17.38 21.38
C ILE D 161 26.94 18.04 21.17
N ILE D 162 27.87 17.34 20.52
CA ILE D 162 29.20 17.90 20.31
C ILE D 162 29.13 19.18 19.50
N ARG D 163 28.38 19.18 18.40
CA ARG D 163 28.32 20.39 17.58
C ARG D 163 27.64 21.53 18.33
N ALA D 164 26.57 21.23 19.08
CA ALA D 164 25.91 22.29 19.84
C ALA D 164 26.84 22.88 20.90
N VAL D 165 27.57 22.02 21.62
CA VAL D 165 28.48 22.51 22.65
C VAL D 165 29.61 23.33 22.05
N VAL D 166 30.18 22.89 20.92
CA VAL D 166 31.24 23.69 20.31
C VAL D 166 30.69 25.02 19.81
N ASP D 167 29.44 25.05 19.33
CA ASP D 167 28.87 26.33 18.92
C ASP D 167 28.73 27.28 20.12
N GLU D 168 28.23 26.76 21.24
CA GLU D 168 28.15 27.57 22.45
C GLU D 168 29.52 28.08 22.87
N LEU D 169 30.52 27.20 22.86
CA LEU D 169 31.86 27.58 23.27
C LEU D 169 32.45 28.63 22.33
N LYS D 170 32.17 28.51 21.02
CA LYS D 170 32.63 29.53 20.09
C LYS D 170 31.95 30.87 20.35
N GLU D 171 30.67 30.86 20.69
CA GLU D 171 30.01 32.12 21.04
C GLU D 171 30.65 32.74 22.29
N LEU D 172 30.95 31.91 23.29
CA LEU D 172 31.63 32.41 24.49
C LEU D 172 33.01 32.96 24.15
N ILE D 173 33.75 32.27 23.28
CA ILE D 173 35.06 32.76 22.85
C ILE D 173 34.91 34.06 22.10
N GLN D 174 33.81 34.23 21.35
CA GLN D 174 33.59 35.49 20.65
C GLN D 174 33.35 36.62 21.63
N ASN D 175 32.60 36.36 22.70
CA ASN D 175 32.41 37.36 23.74
C ASN D 175 33.75 37.74 24.38
N VAL D 176 34.53 36.73 24.75
CA VAL D 176 35.83 36.98 25.37
C VAL D 176 36.76 37.72 24.41
N ASN D 177 36.68 37.38 23.12
CA ASN D 177 37.54 38.00 22.13
C ASN D 177 37.16 39.47 21.96
N ASP D 178 35.87 39.78 21.93
CA ASP D 178 35.43 41.16 21.92
C ASP D 178 35.96 41.90 23.14
N ASP D 179 35.90 41.26 24.31
CA ASP D 179 36.38 41.92 25.53
C ASP D 179 37.87 42.24 25.44
N ILE D 180 38.68 41.30 24.93
CA ILE D 180 40.12 41.57 24.85
C ILE D 180 40.42 42.59 23.75
N LYS D 181 39.66 42.55 22.66
CA LYS D 181 39.81 43.57 21.62
C LYS D 181 39.59 44.96 22.20
N GLU D 182 38.53 45.11 23.00
CA GLU D 182 38.25 46.41 23.59
C GLU D 182 39.23 46.76 24.71
N VAL D 183 39.77 45.76 25.41
CA VAL D 183 40.73 46.05 26.48
C VAL D 183 42.02 46.56 25.88
N GLU D 184 42.41 46.07 24.70
CA GLU D 184 43.62 46.57 24.06
C GLU D 184 43.69 48.09 24.11
N LYS D 185 42.54 48.75 24.11
CA LYS D 185 42.50 50.20 24.25
C LYS D 185 42.80 50.64 25.68
N ASN D 186 42.22 49.95 26.67
CA ASN D 186 42.38 50.28 28.08
C ASN D 186 42.81 49.05 28.86
N PRO D 187 44.10 48.69 28.80
CA PRO D 187 44.56 47.51 29.56
C PRO D 187 44.43 47.64 31.07
N GLU D 188 44.29 48.87 31.60
CA GLU D 188 44.25 49.07 33.05
C GLU D 188 42.95 48.55 33.65
N ASP D 189 41.84 48.69 32.93
CA ASP D 189 40.52 48.41 33.48
C ASP D 189 40.37 46.95 33.87
N MET D 190 40.12 46.71 35.17
CA MET D 190 39.91 45.35 35.64
C MET D 190 38.56 44.79 35.25
N GLU D 191 37.59 45.64 34.92
CA GLU D 191 36.25 45.14 34.57
C GLU D 191 36.32 44.17 33.41
N TYR D 192 37.02 44.56 32.34
CA TYR D 192 37.15 43.68 31.17
C TYR D 192 37.82 42.36 31.56
N TRP D 193 38.88 42.43 32.36
CA TRP D 193 39.60 41.22 32.74
C TRP D 193 38.80 40.34 33.65
N ASN D 194 37.98 40.92 34.54
CA ASN D 194 37.13 40.10 35.40
C ASN D 194 36.04 39.42 34.58
N LYS D 195 35.43 40.14 33.65
CA LYS D 195 34.47 39.52 32.74
C LYS D 195 35.12 38.38 31.97
N ILE D 196 36.35 38.59 31.48
CA ILE D 196 37.05 37.56 30.72
C ILE D 196 37.33 36.33 31.58
N TYR D 197 37.78 36.55 32.82
CA TYR D 197 38.04 35.43 33.73
C TYR D 197 36.76 34.65 34.00
N ARG D 198 35.64 35.34 34.20
CA ARG D 198 34.37 34.65 34.45
C ARG D 198 33.93 33.85 33.23
N LEU D 199 34.03 34.43 32.03
CA LEU D 199 33.66 33.71 30.82
C LEU D 199 34.53 32.47 30.63
N VAL D 200 35.85 32.61 30.83
CA VAL D 200 36.74 31.47 30.67
C VAL D 200 36.44 30.41 31.72
N HIS D 201 36.04 30.81 32.92
CA HIS D 201 35.69 29.82 33.94
C HIS D 201 34.42 29.07 33.56
N THR D 202 33.42 29.77 33.05
CA THR D 202 32.23 29.08 32.54
C THR D 202 32.59 28.10 31.43
N MET D 203 33.46 28.51 30.52
CA MET D 203 33.92 27.60 29.47
C MET D 203 34.59 26.37 30.08
N LYS D 204 35.46 26.57 31.06
CA LYS D 204 36.10 25.44 31.72
C LYS D 204 35.06 24.52 32.35
N GLU D 205 34.03 25.09 32.96
CA GLU D 205 33.00 24.27 33.60
C GLU D 205 32.30 23.41 32.56
N ILE D 206 31.89 24.02 31.44
CA ILE D 206 31.26 23.25 30.36
C ILE D 206 32.18 22.13 29.90
N THR D 207 33.46 22.46 29.72
CA THR D 207 34.43 21.47 29.27
C THR D 207 34.54 20.32 30.25
N GLU D 208 34.64 20.65 31.54
CA GLU D 208 34.70 19.62 32.58
C GLU D 208 33.49 18.71 32.54
N THR D 209 32.30 19.30 32.36
CA THR D 209 31.10 18.46 32.28
C THR D 209 31.19 17.51 31.10
N MET D 210 31.50 18.04 29.91
CA MET D 210 31.68 17.19 28.74
C MET D 210 32.99 16.40 28.76
N GLY D 211 33.92 16.73 29.67
CA GLY D 211 35.21 16.08 29.71
C GLY D 211 36.24 16.94 29.01
N PHE D 212 36.68 16.52 27.83
CA PHE D 212 37.60 17.30 27.00
C PHE D 212 38.75 17.87 27.83
N SER D 213 39.51 16.95 28.43
CA SER D 213 40.56 17.38 29.38
C SER D 213 41.56 18.35 28.77
N PRO D 214 42.08 18.14 27.55
CA PRO D 214 43.08 19.10 27.03
C PRO D 214 42.56 20.53 26.96
N VAL D 215 41.35 20.71 26.44
CA VAL D 215 40.77 22.05 26.37
C VAL D 215 40.61 22.62 27.77
N ALA D 216 40.24 21.77 28.74
CA ALA D 216 40.09 22.23 30.12
C ALA D 216 41.42 22.74 30.66
N LEU D 217 42.52 22.04 30.37
CA LEU D 217 43.82 22.47 30.87
C LEU D 217 44.29 23.75 30.18
N VAL D 218 44.00 23.89 28.88
CA VAL D 218 44.37 25.13 28.20
C VAL D 218 43.59 26.30 28.79
N LEU D 219 42.30 26.10 29.04
CA LEU D 219 41.50 27.13 29.71
C LEU D 219 42.03 27.41 31.10
N GLU D 220 42.55 26.38 31.78
CA GLU D 220 43.12 26.58 33.12
C GLU D 220 44.37 27.45 33.05
N ALA D 221 45.20 27.24 32.03
CA ALA D 221 46.36 28.12 31.84
C ALA D 221 45.92 29.56 31.58
N ILE D 222 44.92 29.74 30.72
CA ILE D 222 44.36 31.07 30.49
C ILE D 222 43.91 31.69 31.80
N MET D 223 43.21 30.90 32.63
CA MET D 223 42.73 31.42 33.90
C MET D 223 43.88 31.81 34.80
N MET D 224 44.94 31.01 34.84
CA MET D 224 46.11 31.35 35.65
C MET D 224 46.69 32.69 35.22
N LEU D 225 46.85 32.89 33.91
CA LEU D 225 47.41 34.16 33.43
C LEU D 225 46.53 35.33 33.85
N VAL D 226 45.22 35.24 33.55
CA VAL D 226 44.32 36.33 33.90
C VAL D 226 44.26 36.52 35.41
N LYS D 227 44.47 35.44 36.17
CA LYS D 227 44.46 35.52 37.63
C LYS D 227 45.65 36.31 38.14
N LEU D 228 46.85 35.98 37.66
CA LEU D 228 48.03 36.73 38.07
C LEU D 228 47.92 38.20 37.70
N MET D 229 47.53 38.49 36.45
CA MET D 229 47.48 39.89 36.02
C MET D 229 46.32 40.65 36.66
N LEU D 230 45.18 39.99 36.90
CA LEU D 230 44.02 40.67 37.46
C LEU D 230 44.28 41.17 38.87
N ASN D 231 44.87 40.33 39.73
CA ASN D 231 45.21 40.74 41.08
C ASN D 231 46.59 41.37 41.14
N SER D 232 46.90 42.18 40.12
CA SER D 232 48.21 42.79 39.93
C SER D 232 49.33 42.00 40.59
N GLU D 233 49.55 40.77 40.14
CA GLU D 233 50.74 40.02 40.49
C GLU D 233 51.88 40.30 39.53
N ILE D 234 51.56 40.60 38.27
CA ILE D 234 52.55 40.91 37.25
C ILE D 234 52.11 42.19 36.55
N LYS D 235 53.09 42.92 36.02
CA LYS D 235 52.78 44.10 35.23
C LYS D 235 52.18 43.68 33.90
N ILE D 236 51.06 44.30 33.54
CA ILE D 236 50.34 43.90 32.34
C ILE D 236 51.15 44.33 31.12
N THR D 237 51.66 43.37 30.36
CA THR D 237 52.42 43.62 29.15
C THR D 237 51.58 43.34 27.92
N SER D 238 51.99 43.91 26.79
CA SER D 238 51.31 43.63 25.54
C SER D 238 51.64 42.23 25.05
N ASP D 239 52.82 41.72 25.43
CA ASP D 239 53.18 40.36 25.06
C ASP D 239 52.27 39.36 25.75
N LEU D 240 51.87 39.67 26.99
CA LEU D 240 50.95 38.82 27.73
C LEU D 240 49.59 38.78 27.04
N ILE D 241 49.13 39.92 26.55
CA ILE D 241 47.87 39.97 25.80
C ILE D 241 47.98 39.17 24.51
N ASP D 242 49.12 39.26 23.83
CA ASP D 242 49.32 38.48 22.61
C ASP D 242 49.29 36.98 22.92
N ALA D 243 49.90 36.59 24.04
CA ALA D 243 49.87 35.19 24.45
C ALA D 243 48.44 34.73 24.70
N VAL D 244 47.65 35.54 25.42
CA VAL D 244 46.26 35.18 25.69
C VAL D 244 45.48 35.02 24.39
N LYS D 245 45.65 35.97 23.46
CA LYS D 245 44.96 35.90 22.18
C LYS D 245 45.34 34.62 21.43
N LYS D 246 46.64 34.30 21.39
CA LYS D 246 47.09 33.13 20.67
C LYS D 246 46.53 31.85 21.30
N MET D 247 46.45 31.81 22.63
CA MET D 247 45.90 30.63 23.30
C MET D 247 44.42 30.48 23.01
N LEU D 248 43.67 31.59 22.96
CA LEU D 248 42.26 31.49 22.59
C LEU D 248 42.10 30.99 21.15
N ASP D 249 42.95 31.48 20.24
CA ASP D 249 42.90 30.99 18.87
C ASP D 249 43.17 29.49 18.81
N MET D 250 44.13 29.02 19.60
CA MET D 250 44.43 27.59 19.61
C MET D 250 43.27 26.78 20.18
N VAL D 251 42.58 27.32 21.18
CA VAL D 251 41.39 26.65 21.70
C VAL D 251 40.34 26.52 20.60
N THR D 252 40.12 27.61 19.84
CA THR D 252 39.14 27.57 18.76
C THR D 252 39.47 26.50 17.73
N ARG D 253 40.74 26.43 17.30
CA ARG D 253 41.13 25.42 16.31
C ARG D 253 40.98 24.01 16.87
N LEU D 254 41.42 23.81 18.11
CA LEU D 254 41.29 22.50 18.74
C LEU D 254 39.83 22.07 18.78
N LEU D 255 38.92 23.01 19.08
CA LEU D 255 37.49 22.71 19.00
C LEU D 255 37.08 22.35 17.58
N ASP D 256 37.59 23.09 16.59
CA ASP D 256 37.28 22.79 15.19
C ASP D 256 37.56 21.33 14.87
N LEU D 257 38.64 20.78 15.43
CA LEU D 257 38.93 19.37 15.15
C LEU D 257 37.75 18.47 15.53
N MET D 258 37.14 18.74 16.68
CA MET D 258 36.16 17.82 17.26
C MET D 258 34.90 17.70 16.40
N VAL D 259 34.44 18.81 15.82
CA VAL D 259 33.20 18.91 15.03
C VAL D 259 32.66 17.54 14.64
N ASP D 260 32.90 17.10 13.40
CA ASP D 260 32.43 15.79 12.97
C ASP D 260 33.31 14.66 13.52
N PRO D 261 32.73 13.58 14.07
CA PRO D 261 33.53 12.38 14.35
C PRO D 261 33.21 11.22 13.39
N ASN D 262 32.95 11.52 12.11
CA ASN D 262 32.77 10.47 11.10
C ASN D 262 33.95 10.50 10.14
N LEU D 263 35.14 10.59 10.70
CA LEU D 263 36.38 10.48 9.96
C LEU D 263 36.86 9.04 9.96
N ASN D 264 37.89 8.78 9.16
CA ASN D 264 38.46 7.44 9.04
C ASN D 264 39.83 7.41 9.70
N GLU D 265 40.33 6.19 9.93
CA GLU D 265 41.53 6.05 10.75
C GLU D 265 42.67 6.95 10.26
N GLU D 266 42.78 7.19 8.95
CA GLU D 266 43.80 8.11 8.47
C GLU D 266 43.49 9.54 8.91
N GLN D 267 42.25 9.97 8.70
CA GLN D 267 41.84 11.30 9.14
C GLN D 267 41.88 11.39 10.67
N TYR D 268 41.58 10.29 11.35
CA TYR D 268 41.68 10.26 12.81
C TYR D 268 43.12 10.45 13.27
N ILE D 269 44.06 9.79 12.62
CA ILE D 269 45.47 9.98 12.94
C ILE D 269 45.86 11.44 12.73
N LYS D 270 45.43 12.04 11.62
CA LYS D 270 45.75 13.44 11.37
C LYS D 270 45.12 14.33 12.44
N MET D 271 43.88 14.04 12.84
CA MET D 271 43.21 14.80 13.89
C MET D 271 44.03 14.77 15.18
N VAL D 272 44.43 13.58 15.61
CA VAL D 272 45.15 13.45 16.88
C VAL D 272 46.50 14.14 16.79
N VAL D 273 47.18 14.03 15.65
CA VAL D 273 48.48 14.70 15.51
C VAL D 273 48.29 16.21 15.56
N ASP D 274 47.24 16.73 14.92
CA ASP D 274 46.97 18.16 14.96
C ASP D 274 46.69 18.64 16.38
N ALA D 275 45.88 17.88 17.13
CA ALA D 275 45.60 18.26 18.52
C ALA D 275 46.87 18.24 19.36
N LEU D 276 47.70 17.21 19.17
CA LEU D 276 48.96 17.14 19.91
C LEU D 276 49.88 18.30 19.55
N LYS D 277 49.90 18.70 18.28
CA LYS D 277 50.70 19.86 17.90
C LYS D 277 50.17 21.15 18.54
N ILE D 278 48.85 21.28 18.62
CA ILE D 278 48.27 22.43 19.33
C ILE D 278 48.75 22.44 20.78
N LEU D 279 48.73 21.26 21.43
CA LEU D 279 49.17 21.22 22.82
C LEU D 279 50.68 21.46 22.95
N ILE D 280 51.46 21.06 21.94
CA ILE D 280 52.88 21.39 21.93
C ILE D 280 53.07 22.91 21.88
N GLU D 281 52.29 23.59 21.05
CA GLU D 281 52.33 25.05 21.02
C GLU D 281 51.96 25.63 22.38
N ALA D 282 50.95 25.04 23.03
CA ALA D 282 50.52 25.52 24.34
C ALA D 282 51.66 25.40 25.36
N VAL D 283 52.29 24.23 25.42
CA VAL D 283 53.40 24.04 26.35
C VAL D 283 54.56 24.97 26.01
N ASN D 284 54.74 25.30 24.72
CA ASN D 284 55.77 26.28 24.35
C ASN D 284 55.45 27.64 24.95
N VAL D 285 54.18 28.06 24.84
CA VAL D 285 53.74 29.31 25.47
C VAL D 285 54.01 29.26 26.97
N LEU D 286 53.67 28.14 27.61
CA LEU D 286 53.86 28.01 29.05
C LEU D 286 55.34 28.13 29.44
N ILE D 287 56.23 27.48 28.70
CA ILE D 287 57.65 27.58 29.04
C ILE D 287 58.14 29.02 28.85
N LYS D 288 57.74 29.66 27.74
CA LYS D 288 58.17 31.05 27.51
C LYS D 288 57.70 31.95 28.64
N MET D 289 56.48 31.75 29.11
CA MET D 289 55.96 32.62 30.16
C MET D 289 56.59 32.29 31.52
N VAL D 290 56.79 31.00 31.81
CA VAL D 290 57.32 30.57 33.10
C VAL D 290 58.77 30.97 33.28
N GLU D 291 59.56 30.99 32.22
CA GLU D 291 60.98 31.34 32.38
C GLU D 291 61.14 32.68 33.09
N LYS D 292 60.19 33.61 32.90
CA LYS D 292 60.30 34.91 33.53
C LYS D 292 60.00 34.87 35.02
N ASN D 293 59.14 33.95 35.45
CA ASN D 293 58.80 33.75 36.87
C ASN D 293 59.08 32.29 37.21
N PRO D 294 60.33 31.92 37.46
CA PRO D 294 60.66 30.51 37.66
C PRO D 294 60.19 29.92 38.99
N GLU D 295 59.81 30.74 39.98
CA GLU D 295 59.32 30.25 41.27
C GLU D 295 57.80 30.28 41.40
N ASP D 296 57.09 30.03 40.31
CA ASP D 296 55.65 29.83 40.36
C ASP D 296 55.39 28.39 39.92
N MET D 297 55.54 27.47 40.87
CA MET D 297 55.51 26.04 40.57
C MET D 297 54.17 25.59 40.04
N GLU D 298 53.12 26.41 40.19
CA GLU D 298 51.83 26.05 39.63
C GLU D 298 51.92 25.83 38.13
N PHE D 299 52.69 26.67 37.44
CA PHE D 299 52.88 26.51 36.01
C PHE D 299 53.65 25.24 35.68
N TRP D 300 54.61 24.84 36.52
CA TRP D 300 55.30 23.59 36.28
C TRP D 300 54.35 22.41 36.47
N ASN D 301 53.47 22.48 37.48
CA ASN D 301 52.44 21.46 37.64
C ASN D 301 51.52 21.40 36.42
N LEU D 302 51.20 22.57 35.86
CA LEU D 302 50.33 22.60 34.69
C LEU D 302 51.03 22.00 33.48
N ILE D 303 52.31 22.30 33.30
CA ILE D 303 53.09 21.69 32.23
C ILE D 303 53.15 20.18 32.41
N TYR D 304 53.31 19.74 33.66
CA TYR D 304 53.32 18.30 33.93
C TYR D 304 51.99 17.67 33.53
N ARG D 305 50.88 18.31 33.88
CA ARG D 305 49.57 17.77 33.49
C ARG D 305 49.42 17.72 31.97
N LEU D 306 49.86 18.77 31.27
CA LEU D 306 49.72 18.80 29.82
C LEU D 306 50.55 17.69 29.18
N VAL D 307 51.80 17.55 29.59
CA VAL D 307 52.64 16.49 29.03
C VAL D 307 52.10 15.12 29.41
N HIS D 308 51.44 15.00 30.56
CA HIS D 308 50.83 13.73 30.94
C HIS D 308 49.66 13.39 30.04
N VAL D 309 48.83 14.38 29.73
CA VAL D 309 47.75 14.19 28.75
C VAL D 309 48.35 13.76 27.42
N MET D 310 49.47 14.37 27.03
CA MET D 310 50.10 14.02 25.77
C MET D 310 50.62 12.59 25.80
N LYS D 311 51.21 12.18 26.93
CA LYS D 311 51.62 10.79 27.10
C LYS D 311 50.46 9.83 27.00
N GLU D 312 49.32 10.16 27.61
CA GLU D 312 48.17 9.27 27.54
C GLU D 312 47.68 9.11 26.11
N VAL D 313 47.47 10.25 25.43
CA VAL D 313 47.04 10.20 24.03
C VAL D 313 48.03 9.40 23.20
N THR D 314 49.32 9.65 23.38
CA THR D 314 50.35 9.00 22.58
C THR D 314 50.35 7.49 22.81
N GLU D 315 50.57 7.07 24.06
CA GLU D 315 50.64 5.65 24.38
C GLU D 315 49.39 4.91 23.94
N THR D 316 48.20 5.43 24.30
CA THR D 316 46.98 4.75 23.90
C THR D 316 46.93 4.52 22.40
N MET D 317 47.54 5.42 21.63
CA MET D 317 47.50 5.39 20.18
C MET D 317 48.83 4.95 19.56
N GLY D 318 49.59 4.12 20.27
CA GLY D 318 50.95 3.78 19.88
C GLY D 318 51.94 4.92 20.01
N PHE D 319 52.68 5.26 18.95
CA PHE D 319 53.72 6.30 19.06
C PHE D 319 54.64 6.05 20.26
N SER D 320 55.38 4.95 20.19
CA SER D 320 56.20 4.59 21.34
C SER D 320 57.35 5.57 21.52
N SER D 321 57.93 6.06 20.41
CA SER D 321 59.03 7.02 20.49
C SER D 321 58.61 8.29 21.22
N VAL D 322 57.43 8.82 20.89
CA VAL D 322 56.96 10.04 21.51
C VAL D 322 56.57 9.78 22.97
N ALA D 323 56.02 8.59 23.24
CA ALA D 323 55.71 8.25 24.61
C ALA D 323 56.97 8.24 25.47
N LYS D 324 58.07 7.72 24.92
CA LYS D 324 59.34 7.71 25.66
C LYS D 324 59.87 9.11 25.87
N VAL D 325 59.87 9.94 24.82
CA VAL D 325 60.39 11.30 24.97
C VAL D 325 59.58 12.07 26.01
N LEU D 326 58.24 11.94 25.94
CA LEU D 326 57.39 12.67 26.89
C LEU D 326 57.55 12.13 28.31
N HIS D 327 57.74 10.82 28.45
CA HIS D 327 58.02 10.25 29.76
C HIS D 327 59.29 10.83 30.36
N THR D 328 60.35 10.93 29.56
CA THR D 328 61.59 11.52 30.07
C THR D 328 61.40 12.98 30.45
N ILE D 329 60.69 13.74 29.60
CA ILE D 329 60.40 15.13 29.95
C ILE D 329 59.70 15.21 31.30
N MET D 330 58.66 14.41 31.49
CA MET D 330 57.93 14.45 32.75
C MET D 330 58.78 14.01 33.93
N ASN D 331 59.67 13.04 33.72
CA ASN D 331 60.54 12.64 34.82
C ASN D 331 61.40 13.81 35.28
N LEU D 332 62.01 14.53 34.33
CA LEU D 332 62.83 15.68 34.70
C LEU D 332 61.99 16.78 35.34
N VAL D 333 60.81 17.05 34.79
CA VAL D 333 59.93 18.07 35.35
C VAL D 333 59.51 17.68 36.76
N ASP D 334 59.33 16.39 37.02
CA ASP D 334 59.02 15.93 38.37
C ASP D 334 60.18 16.20 39.32
N LYS D 335 61.40 15.86 38.89
CA LYS D 335 62.57 16.18 39.72
C LYS D 335 62.59 17.66 40.09
N MET D 336 62.37 18.55 39.12
CA MET D 336 62.40 19.97 39.47
C MET D 336 61.22 20.36 40.36
N LEU D 337 60.01 19.86 40.05
CA LEU D 337 58.84 20.22 40.85
C LEU D 337 59.06 19.87 42.31
N ASN D 338 59.58 18.68 42.58
CA ASN D 338 59.80 18.26 43.95
C ASN D 338 61.03 18.91 44.56
N SER D 339 61.71 19.78 43.82
CA SER D 339 62.77 20.66 44.33
C SER D 339 64.09 19.91 44.58
N GLU D 340 64.40 18.88 43.80
CA GLU D 340 65.71 18.26 43.91
C GLU D 340 66.70 18.68 42.83
N ILE D 341 66.24 19.18 41.69
CA ILE D 341 67.20 19.62 40.67
C ILE D 341 67.47 21.11 40.86
N LYS D 342 68.21 21.71 39.93
CA LYS D 342 68.52 23.15 39.94
C LYS D 342 67.78 23.82 38.78
N ILE D 343 66.80 24.66 39.08
CA ILE D 343 66.12 25.36 38.00
C ILE D 343 67.11 26.34 37.37
N THR D 344 67.65 25.97 36.22
CA THR D 344 68.63 26.77 35.49
C THR D 344 68.19 26.90 34.03
N SER D 345 68.72 27.93 33.36
CA SER D 345 68.42 28.12 31.95
C SER D 345 68.78 26.87 31.16
N ASP D 346 69.80 26.12 31.60
CA ASP D 346 70.17 24.90 30.89
C ASP D 346 69.03 23.90 30.91
N LEU D 347 68.27 23.84 32.01
CA LEU D 347 67.14 22.92 32.04
C LEU D 347 66.05 23.36 31.08
N ILE D 348 65.76 24.65 31.04
CA ILE D 348 64.73 25.15 30.13
C ILE D 348 65.14 24.88 28.68
N ASP D 349 66.41 25.11 28.33
CA ASP D 349 66.82 24.90 26.95
C ASP D 349 66.83 23.42 26.60
N LYS D 350 67.22 22.56 27.55
CA LYS D 350 67.20 21.12 27.30
C LYS D 350 65.78 20.62 27.10
N VAL D 351 64.85 21.05 27.96
CA VAL D 351 63.45 20.69 27.79
C VAL D 351 62.92 21.20 26.46
N LYS D 352 63.31 22.41 26.07
CA LYS D 352 62.87 22.97 24.80
C LYS D 352 63.38 22.14 23.64
N LYS D 353 64.66 21.73 23.68
CA LYS D 353 65.19 20.85 22.66
C LYS D 353 64.42 19.54 22.60
N LYS D 354 64.09 18.97 23.76
CA LYS D 354 63.37 17.70 23.80
C LYS D 354 61.98 17.85 23.20
N LEU D 355 61.31 18.95 23.51
CA LEU D 355 59.99 19.23 22.96
C LEU D 355 60.05 19.47 21.46
N ASP D 356 61.07 20.18 20.99
CA ASP D 356 61.27 20.37 19.57
C ASP D 356 61.51 19.04 18.88
N MET D 357 62.25 18.14 19.55
CA MET D 357 62.43 16.80 19.03
C MET D 357 61.10 16.07 18.88
N VAL D 358 60.22 16.20 19.88
CA VAL D 358 58.89 15.60 19.78
C VAL D 358 58.15 16.13 18.55
N THR D 359 58.05 17.46 18.45
CA THR D 359 57.26 18.05 17.37
C THR D 359 57.85 17.72 16.00
N ARG D 360 59.19 17.74 15.89
CA ARG D 360 59.82 17.46 14.59
C ARG D 360 59.67 15.99 14.22
N GLU D 361 59.69 15.08 15.19
CA GLU D 361 59.41 13.68 14.88
C GLU D 361 57.99 13.51 14.35
N LEU D 362 57.02 14.17 15.00
CA LEU D 362 55.65 14.10 14.51
C LEU D 362 55.54 14.66 13.09
N ASP D 363 56.15 15.83 12.87
CA ASP D 363 56.11 16.46 11.56
C ASP D 363 56.74 15.59 10.48
N LYS D 364 57.87 14.94 10.78
CA LYS D 364 58.47 14.07 9.78
C LYS D 364 57.59 12.86 9.52
N MET D 365 56.93 12.32 10.55
CA MET D 365 56.06 11.18 10.32
C MET D 365 54.93 11.55 9.37
N VAL D 366 54.22 12.64 9.65
CA VAL D 366 53.04 12.95 8.85
C VAL D 366 53.43 13.52 7.50
N SER D 367 54.47 14.35 7.44
CA SER D 367 54.89 14.95 6.19
C SER D 367 53.76 15.77 5.57
#